data_8UDG
#
_entry.id   8UDG
#
loop_
_entity.id
_entity.type
_entity.pdbx_description
1 polymer Hemagglutinin
2 polymer 'S1V2-72 heavy chain'
3 polymer 'S1V2-72 light chain'
#
loop_
_entity_poly.entity_id
_entity_poly.type
_entity_poly.pdbx_seq_one_letter_code
_entity_poly.pdbx_strand_id
1 'polypeptide(L)'
;GYTSHGAHGVAVAADLKSTQEAINKITKNLNSLSELEVKNLQRLSGAMDEIHNEILELDEKVDDLRADTISSQIELAVLL
SNEGIINSEDEHLLALERKLKKMLGPSAVDIGNGCFETKHKCNQTCLDRIAAGTFNAGEFSLPTFDSLNITAASLNDDG
;
A,B,C
2 'polypeptide(L)'
;QVQLVQSGAELKKPGASVKVSCKASGYTFTGNYIHWMRQVPGQGLEWMGWINPRTGDTHHAQKFQGRVDMTRDTSINTAY
LELTRLESDDTALYYCARCVFATSQFDPWGQGTLVTVSSASTKGPSVFPLAPSSKSTSGGTAALGCLVKDYFPEPVTVSW
NSGALTSGVHTFPAVLQSSGLYSLSSVVTVPSSSLGTQTYICNVNHKPSNTKVDKRVEPKSCDK
;
H,M
3 'polypeptide(L)'
;QSALTQPASVSGSPGQSITISCTGTNSDIGSHNLVSWYQQHPGKAPKVMIYDDSKRPSGVSNRFSGSKSGSTASLTISGL
QSEDEADYYCCSYAGSSNWVFGGGTKLTLLGQPKAAPSVTLFPPSSEELQANKATLVCLISDFYPGAVTVAWKADSSPVK
AGVETTTPSKQSNNKYAASSYLSLTPEQWKSHRSYSCQVTHEGSTVEKTVAPTECS
;
L,N
#
# COMPACT_ATOMS: atom_id res chain seq x y z
N GLY A 1 -36.86 -4.50 -103.47
CA GLY A 1 -35.62 -3.96 -102.97
C GLY A 1 -35.47 -4.11 -101.47
N TYR A 2 -34.31 -4.59 -101.04
CA TYR A 2 -34.06 -4.81 -99.61
C TYR A 2 -33.57 -3.53 -98.97
N THR A 3 -34.32 -3.03 -97.97
CA THR A 3 -34.00 -1.78 -97.30
C THR A 3 -32.93 -2.05 -96.24
N SER A 4 -31.76 -1.44 -96.42
CA SER A 4 -30.65 -1.62 -95.49
C SER A 4 -30.73 -0.73 -94.26
N HIS A 5 -31.81 0.05 -94.10
CA HIS A 5 -31.93 0.97 -92.97
C HIS A 5 -31.80 0.27 -91.64
N GLY A 6 -32.27 -0.97 -91.55
CA GLY A 6 -32.17 -1.71 -90.30
C GLY A 6 -30.74 -1.99 -89.90
N ALA A 7 -29.85 -2.21 -90.88
CA ALA A 7 -28.47 -2.55 -90.55
C ALA A 7 -27.80 -1.41 -89.79
N HIS A 8 -27.85 -0.20 -90.34
CA HIS A 8 -27.26 0.95 -89.67
C HIS A 8 -27.92 1.20 -88.32
N GLY A 9 -29.25 1.02 -88.25
CA GLY A 9 -29.94 1.16 -86.98
C GLY A 9 -29.46 0.16 -85.94
N VAL A 10 -28.95 -0.98 -86.36
CA VAL A 10 -28.42 -1.96 -85.40
C VAL A 10 -27.13 -1.44 -84.79
N ALA A 11 -26.41 -0.56 -85.48
CA ALA A 11 -25.08 -0.16 -85.03
C ALA A 11 -25.17 0.80 -83.84
N VAL A 12 -25.86 1.95 -84.04
CA VAL A 12 -25.75 3.06 -83.10
C VAL A 12 -26.25 2.67 -81.72
N ALA A 13 -27.29 1.83 -81.67
CA ALA A 13 -27.86 1.43 -80.38
C ALA A 13 -26.82 0.74 -79.50
N ALA A 14 -25.86 0.06 -80.11
CA ALA A 14 -24.78 -0.54 -79.30
C ALA A 14 -23.92 0.55 -78.66
N ASP A 15 -23.52 1.56 -79.44
CA ASP A 15 -22.61 2.58 -78.92
C ASP A 15 -23.23 3.31 -77.74
N LEU A 16 -24.53 3.61 -77.83
CA LEU A 16 -25.23 4.14 -76.67
C LEU A 16 -25.22 3.13 -75.53
N LYS A 17 -25.64 1.89 -75.82
CA LYS A 17 -25.89 0.92 -74.76
C LYS A 17 -24.63 0.64 -73.98
N SER A 18 -23.56 0.28 -74.69
CA SER A 18 -22.27 0.05 -74.03
C SER A 18 -21.84 1.29 -73.27
N THR A 19 -22.04 2.47 -73.85
CA THR A 19 -21.69 3.70 -73.14
C THR A 19 -22.50 3.79 -71.85
N GLN A 20 -23.80 3.51 -71.93
CA GLN A 20 -24.62 3.47 -70.73
C GLN A 20 -24.07 2.46 -69.75
N GLU A 21 -23.66 1.29 -70.26
CA GLU A 21 -23.12 0.26 -69.39
C GLU A 21 -21.87 0.76 -68.68
N ALA A 22 -21.09 1.59 -69.36
CA ALA A 22 -19.96 2.21 -68.67
C ALA A 22 -20.44 3.15 -67.59
N ILE A 23 -21.40 4.02 -67.95
CA ILE A 23 -21.85 5.06 -67.04
C ILE A 23 -22.41 4.44 -65.77
N ASN A 24 -23.27 3.43 -65.94
CA ASN A 24 -23.88 2.77 -64.79
C ASN A 24 -22.81 2.16 -63.90
N LYS A 25 -21.75 1.62 -64.49
CA LYS A 25 -20.66 1.13 -63.66
C LYS A 25 -20.01 2.27 -62.90
N ILE A 26 -19.75 3.37 -63.60
CA ILE A 26 -18.95 4.46 -63.05
C ILE A 26 -19.62 5.04 -61.82
N THR A 27 -20.93 5.30 -61.93
CA THR A 27 -21.68 5.78 -60.78
C THR A 27 -21.55 4.82 -59.62
N LYS A 28 -21.74 3.52 -59.88
CA LYS A 28 -21.57 2.53 -58.82
C LYS A 28 -20.17 2.60 -58.25
N ASN A 29 -19.17 2.77 -59.13
CA ASN A 29 -17.80 2.89 -58.65
C ASN A 29 -17.67 4.06 -57.71
N LEU A 30 -18.25 5.21 -58.08
CA LEU A 30 -18.28 6.36 -57.17
C LEU A 30 -18.91 5.96 -55.84
N ASN A 31 -20.07 5.31 -55.91
CA ASN A 31 -20.73 4.88 -54.69
C ASN A 31 -19.84 3.92 -53.92
N SER A 32 -19.17 3.01 -54.64
CA SER A 32 -18.29 2.05 -54.00
C SER A 32 -17.20 2.76 -53.23
N LEU A 33 -16.71 3.89 -53.75
CA LEU A 33 -15.74 4.66 -53.00
C LEU A 33 -16.40 5.33 -51.80
N SER A 34 -17.54 5.99 -52.04
CA SER A 34 -18.10 6.90 -51.03
C SER A 34 -18.55 6.12 -49.80
N GLU A 35 -19.13 4.94 -50.01
CA GLU A 35 -19.50 4.09 -48.89
C GLU A 35 -18.27 3.71 -48.08
N LEU A 36 -17.17 3.37 -48.74
CA LEU A 36 -16.01 2.86 -48.02
C LEU A 36 -15.34 3.96 -47.22
N GLU A 37 -15.22 5.16 -47.80
CA GLU A 37 -14.50 6.24 -47.16
C GLU A 37 -15.13 6.59 -45.82
N VAL A 38 -16.46 6.67 -45.79
CA VAL A 38 -17.16 6.98 -44.55
C VAL A 38 -16.85 5.93 -43.49
N LYS A 39 -16.73 4.66 -43.90
CA LYS A 39 -16.37 3.63 -42.95
C LYS A 39 -14.97 3.87 -42.40
N ASN A 40 -14.05 4.33 -43.26
CA ASN A 40 -12.71 4.64 -42.79
C ASN A 40 -12.74 5.81 -41.82
N LEU A 41 -13.38 6.91 -42.23
CA LEU A 41 -13.47 8.10 -41.39
C LEU A 41 -14.02 7.76 -40.02
N GLN A 42 -15.17 7.08 -39.99
CA GLN A 42 -15.78 6.67 -38.72
C GLN A 42 -14.81 5.82 -37.91
N ARG A 43 -14.10 4.90 -38.58
CA ARG A 43 -13.10 4.11 -37.89
C ARG A 43 -12.08 5.00 -37.22
N LEU A 44 -11.55 5.98 -37.96
CA LEU A 44 -10.62 6.93 -37.37
C LEU A 44 -11.26 7.67 -36.21
N SER A 45 -12.53 8.05 -36.38
CA SER A 45 -13.23 8.73 -35.29
C SER A 45 -13.26 7.85 -34.06
N GLY A 46 -13.55 6.55 -34.25
CA GLY A 46 -13.51 5.62 -33.14
C GLY A 46 -12.17 5.61 -32.45
N ALA A 47 -11.09 5.62 -33.24
CA ALA A 47 -9.76 5.69 -32.66
C ALA A 47 -9.60 6.96 -31.83
N MET A 48 -10.10 8.09 -32.34
CA MET A 48 -10.05 9.32 -31.54
C MET A 48 -10.81 9.14 -30.25
N ASP A 49 -11.98 8.49 -30.33
CA ASP A 49 -12.76 8.24 -29.12
C ASP A 49 -11.98 7.39 -28.14
N GLU A 50 -11.18 6.45 -28.65
CA GLU A 50 -10.30 5.70 -27.78
C GLU A 50 -9.30 6.63 -27.09
N ILE A 51 -8.64 7.47 -27.90
CA ILE A 51 -7.51 8.24 -27.40
C ILE A 51 -7.94 9.15 -26.27
N HIS A 52 -9.06 9.85 -26.47
CA HIS A 52 -9.56 10.77 -25.46
C HIS A 52 -9.82 10.04 -24.15
N ASN A 53 -10.38 8.82 -24.23
CA ASN A 53 -10.64 8.06 -23.01
C ASN A 53 -9.36 7.86 -22.24
N GLU A 54 -8.27 7.50 -22.93
CA GLU A 54 -6.99 7.30 -22.26
C GLU A 54 -6.57 8.57 -21.55
N ILE A 55 -6.75 9.73 -22.21
CA ILE A 55 -6.40 11.00 -21.59
C ILE A 55 -7.18 11.15 -20.28
N LEU A 56 -8.49 10.92 -20.34
CA LEU A 56 -9.30 11.01 -19.13
C LEU A 56 -8.81 10.00 -18.11
N GLU A 57 -8.52 8.77 -18.55
CA GLU A 57 -7.96 7.79 -17.65
C GLU A 57 -6.68 8.30 -17.03
N LEU A 58 -5.80 8.86 -17.87
CA LEU A 58 -4.55 9.40 -17.36
C LEU A 58 -4.83 10.52 -16.38
N ASP A 59 -5.85 11.34 -16.65
CA ASP A 59 -6.18 12.42 -15.74
C ASP A 59 -6.56 11.87 -14.38
N GLU A 60 -7.32 10.77 -14.35
CA GLU A 60 -7.64 10.16 -13.08
C GLU A 60 -6.37 9.71 -12.37
N LYS A 61 -5.42 9.16 -13.12
CA LYS A 61 -4.16 8.74 -12.53
C LYS A 61 -3.43 9.93 -11.92
N VAL A 62 -3.59 11.11 -12.51
CA VAL A 62 -3.01 12.29 -11.88
C VAL A 62 -3.69 12.55 -10.54
N ASP A 63 -5.03 12.57 -10.54
CA ASP A 63 -5.75 12.98 -9.34
C ASP A 63 -5.49 12.04 -8.19
N ASP A 64 -5.50 10.73 -8.46
CA ASP A 64 -5.16 9.75 -7.44
C ASP A 64 -3.80 10.04 -6.83
N LEU A 65 -2.82 10.36 -7.68
CA LEU A 65 -1.50 10.68 -7.17
C LEU A 65 -1.56 11.90 -6.25
N ARG A 66 -2.33 12.92 -6.66
CA ARG A 66 -2.51 14.09 -5.80
C ARG A 66 -3.12 13.67 -4.46
N ALA A 67 -4.06 12.73 -4.50
CA ALA A 67 -4.63 12.22 -3.26
C ALA A 67 -3.60 11.40 -2.49
N ASP A 68 -2.75 10.66 -3.21
CA ASP A 68 -1.78 9.80 -2.55
C ASP A 68 -0.77 10.64 -1.75
N THR A 69 -0.35 11.76 -2.34
CA THR A 69 0.73 12.54 -1.73
C THR A 69 0.23 13.34 -0.55
N ILE A 70 -0.73 14.24 -0.79
CA ILE A 70 -1.04 15.30 0.17
C ILE A 70 -1.52 14.71 1.48
N SER A 71 -2.41 13.73 1.42
CA SER A 71 -2.85 13.05 2.63
C SER A 71 -1.67 12.45 3.38
N SER A 72 -0.80 11.74 2.66
CA SER A 72 0.39 11.19 3.29
C SER A 72 1.25 12.28 3.88
N GLN A 73 1.31 13.46 3.25
CA GLN A 73 1.99 14.58 3.87
C GLN A 73 1.26 15.01 5.14
N ILE A 74 -0.06 15.18 5.04
CA ILE A 74 -0.83 15.64 6.18
C ILE A 74 -0.72 14.65 7.33
N GLU A 75 -0.84 13.36 7.01
CA GLU A 75 -0.69 12.31 8.01
C GLU A 75 0.63 12.44 8.75
N LEU A 76 1.69 12.84 8.05
CA LEU A 76 2.95 13.07 8.74
C LEU A 76 2.86 14.28 9.65
N ALA A 77 2.35 15.40 9.13
CA ALA A 77 2.32 16.63 9.91
C ALA A 77 1.48 16.46 11.16
N VAL A 78 0.30 15.85 11.02
CA VAL A 78 -0.52 15.57 12.18
C VAL A 78 0.21 14.65 13.15
N LEU A 79 0.97 13.70 12.61
CA LEU A 79 1.74 12.81 13.48
C LEU A 79 2.76 13.61 14.26
N LEU A 80 3.37 14.61 13.63
CA LEU A 80 4.28 15.48 14.37
C LEU A 80 3.56 16.23 15.48
N SER A 81 2.29 16.54 15.26
CA SER A 81 1.48 17.10 16.34
C SER A 81 1.12 16.02 17.35
N ASN A 82 0.91 14.79 16.88
CA ASN A 82 0.43 13.73 17.76
C ASN A 82 1.48 13.37 18.80
N GLU A 83 2.73 13.20 18.37
CA GLU A 83 3.81 12.82 19.28
C GLU A 83 4.38 14.00 20.05
N GLY A 84 3.80 15.20 19.91
CA GLY A 84 4.28 16.34 20.65
C GLY A 84 5.59 16.89 20.15
N ILE A 85 6.03 16.48 18.95
CA ILE A 85 7.29 16.97 18.42
C ILE A 85 7.23 18.47 18.17
N ILE A 86 6.18 18.90 17.46
CA ILE A 86 5.92 20.30 17.19
C ILE A 86 4.67 20.68 17.99
N ASN A 87 4.64 21.91 18.48
CA ASN A 87 3.48 22.38 19.21
C ASN A 87 2.23 22.28 18.32
N SER A 88 1.16 21.70 18.88
CA SER A 88 -0.09 21.62 18.14
C SER A 88 -0.64 23.00 17.80
N GLU A 89 -0.32 24.00 18.61
CA GLU A 89 -0.68 25.39 18.34
C GLU A 89 0.38 26.11 17.50
N ASP A 90 1.39 25.40 17.00
CA ASP A 90 2.37 26.02 16.13
C ASP A 90 1.68 26.55 14.88
N GLU A 91 1.68 27.88 14.72
CA GLU A 91 0.91 28.50 13.66
C GLU A 91 1.41 28.07 12.29
N HIS A 92 2.71 27.90 12.13
CA HIS A 92 3.25 27.46 10.86
C HIS A 92 2.75 26.07 10.50
N LEU A 93 2.73 25.16 11.47
CA LEU A 93 2.25 23.80 11.23
C LEU A 93 0.78 23.81 10.83
N LEU A 94 -0.02 24.61 11.53
CA LEU A 94 -1.44 24.69 11.20
C LEU A 94 -1.65 25.28 9.82
N ALA A 95 -0.86 26.30 9.46
CA ALA A 95 -0.94 26.85 8.11
C ALA A 95 -0.57 25.82 7.06
N LEU A 96 0.46 25.02 7.35
CA LEU A 96 0.82 23.93 6.44
C LEU A 96 -0.32 22.95 6.29
N GLU A 97 -0.96 22.60 7.40
CA GLU A 97 -2.08 21.67 7.36
C GLU A 97 -3.21 22.23 6.51
N ARG A 98 -3.53 23.50 6.69
CA ARG A 98 -4.60 24.12 5.93
C ARG A 98 -4.26 24.16 4.44
N LYS A 99 -3.03 24.53 4.11
CA LYS A 99 -2.64 24.63 2.71
C LYS A 99 -2.69 23.25 2.05
N LEU A 100 -2.20 22.23 2.76
CA LEU A 100 -2.28 20.86 2.23
C LEU A 100 -3.73 20.45 2.01
N LYS A 101 -4.60 20.73 2.99
CA LYS A 101 -5.98 20.32 2.89
C LYS A 101 -6.69 21.03 1.76
N LYS A 102 -6.32 22.27 1.48
CA LYS A 102 -6.87 23.00 0.35
C LYS A 102 -6.50 22.36 -0.97
N MET A 103 -5.35 21.69 -1.04
CA MET A 103 -4.85 21.08 -2.26
C MET A 103 -5.21 19.61 -2.38
N LEU A 104 -6.15 19.12 -1.57
CA LEU A 104 -6.45 17.69 -1.55
C LEU A 104 -7.00 17.21 -2.88
N GLY A 105 -7.89 17.97 -3.50
CA GLY A 105 -8.50 17.57 -4.75
C GLY A 105 -9.70 16.66 -4.52
N PRO A 106 -10.32 16.19 -5.61
CA PRO A 106 -11.59 15.48 -5.48
C PRO A 106 -11.47 14.05 -4.96
N SER A 107 -10.53 13.25 -5.45
CA SER A 107 -10.48 11.84 -5.10
C SER A 107 -10.18 11.61 -3.62
N ALA A 108 -9.58 12.58 -2.93
CA ALA A 108 -9.33 12.47 -1.51
C ALA A 108 -10.66 12.44 -0.76
N VAL A 109 -10.78 11.52 0.20
CA VAL A 109 -12.00 11.37 0.98
C VAL A 109 -11.60 11.27 2.45
N ASP A 110 -12.09 12.20 3.26
CA ASP A 110 -11.90 12.10 4.70
C ASP A 110 -12.61 10.85 5.19
N ILE A 111 -11.90 10.04 5.99
CA ILE A 111 -12.43 8.81 6.57
C ILE A 111 -12.67 8.94 8.07
N GLY A 112 -12.21 10.04 8.68
CA GLY A 112 -12.30 10.23 10.10
C GLY A 112 -10.94 10.33 10.77
N ASN A 113 -10.86 11.22 11.76
CA ASN A 113 -9.70 11.38 12.61
C ASN A 113 -8.49 11.90 11.83
N GLY A 114 -8.68 12.98 11.08
CA GLY A 114 -7.61 13.59 10.33
C GLY A 114 -7.01 12.71 9.26
N CYS A 115 -7.70 11.63 8.87
CA CYS A 115 -7.19 10.67 7.92
C CYS A 115 -8.00 10.77 6.62
N PHE A 116 -7.29 10.73 5.51
CA PHE A 116 -7.89 10.78 4.18
C PHE A 116 -7.43 9.57 3.37
N GLU A 117 -8.40 8.92 2.74
CA GLU A 117 -8.15 7.77 1.87
C GLU A 117 -8.33 8.19 0.42
N THR A 118 -7.55 7.57 -0.45
CA THR A 118 -7.63 7.85 -1.88
C THR A 118 -8.59 6.87 -2.54
N LYS A 119 -9.76 7.35 -2.95
CA LYS A 119 -10.72 6.55 -3.70
C LYS A 119 -10.25 6.56 -5.15
N HIS A 120 -9.46 5.56 -5.51
CA HIS A 120 -8.82 5.54 -6.82
C HIS A 120 -9.84 5.36 -7.92
N LYS A 121 -10.01 6.41 -8.73
CA LYS A 121 -10.90 6.33 -9.88
C LYS A 121 -10.29 5.52 -11.01
N CYS A 122 -8.98 5.63 -11.21
CA CYS A 122 -8.25 4.84 -12.19
C CYS A 122 -7.81 3.55 -11.50
N ASN A 123 -8.60 2.50 -11.69
CA ASN A 123 -8.39 1.23 -11.00
C ASN A 123 -7.21 0.48 -11.62
N GLN A 124 -7.04 -0.78 -11.21
CA GLN A 124 -5.98 -1.61 -11.77
C GLN A 124 -6.14 -1.80 -13.27
N THR A 125 -7.38 -2.04 -13.73
CA THR A 125 -7.59 -2.20 -15.16
C THR A 125 -7.29 -0.90 -15.90
N CYS A 126 -7.64 0.24 -15.30
CA CYS A 126 -7.28 1.54 -15.87
C CYS A 126 -5.76 1.67 -16.02
N LEU A 127 -5.02 1.34 -14.96
CA LEU A 127 -3.56 1.45 -15.03
C LEU A 127 -2.99 0.50 -16.07
N ASP A 128 -3.52 -0.72 -16.14
CA ASP A 128 -3.07 -1.66 -17.15
C ASP A 128 -3.34 -1.16 -18.55
N ARG A 129 -4.50 -0.55 -18.77
CA ARG A 129 -4.82 0.02 -20.07
C ARG A 129 -3.86 1.14 -20.43
N ILE A 130 -3.56 2.01 -19.48
CA ILE A 130 -2.65 3.13 -19.74
C ILE A 130 -1.26 2.60 -20.07
N ALA A 131 -0.75 1.67 -19.25
CA ALA A 131 0.60 1.16 -19.44
C ALA A 131 0.72 0.29 -20.66
N ALA A 132 -0.35 -0.38 -21.09
CA ALA A 132 -0.27 -1.26 -22.24
C ALA A 132 0.05 -0.50 -23.51
N GLY A 133 -0.56 0.66 -23.71
CA GLY A 133 -0.32 1.47 -24.88
C GLY A 133 -0.61 0.74 -26.17
N THR A 134 -1.68 -0.05 -26.16
CA THR A 134 -2.03 -0.93 -27.27
C THR A 134 -2.89 -0.22 -28.32
N PHE A 135 -2.81 1.10 -28.41
CA PHE A 135 -3.55 1.82 -29.43
C PHE A 135 -3.04 1.44 -30.82
N ASN A 136 -3.96 1.26 -31.74
CA ASN A 136 -3.62 1.03 -33.14
C ASN A 136 -4.77 1.54 -33.99
N ALA A 137 -4.55 2.63 -34.72
CA ALA A 137 -5.56 3.11 -35.65
C ALA A 137 -5.84 2.11 -36.76
N GLY A 138 -4.85 1.28 -37.10
CA GLY A 138 -5.03 0.27 -38.11
C GLY A 138 -4.76 0.80 -39.50
N GLU A 139 -4.80 -0.11 -40.46
CA GLU A 139 -4.51 0.20 -41.86
C GLU A 139 -5.77 0.70 -42.55
N PHE A 140 -5.58 1.42 -43.65
CA PHE A 140 -6.66 1.92 -44.47
C PHE A 140 -6.36 1.71 -45.94
N SER A 141 -7.40 1.44 -46.72
CA SER A 141 -7.25 1.20 -48.15
C SER A 141 -8.51 1.65 -48.85
N LEU A 142 -8.41 1.89 -50.15
CA LEU A 142 -9.53 2.25 -50.98
C LEU A 142 -9.42 1.51 -52.30
N PRO A 143 -10.54 1.25 -52.98
CA PRO A 143 -10.49 0.38 -54.16
C PRO A 143 -9.95 1.11 -55.37
N THR A 144 -9.53 0.33 -56.35
CA THR A 144 -9.15 0.81 -57.68
C THR A 144 -10.11 0.19 -58.69
N PHE A 145 -10.55 1.01 -59.65
CA PHE A 145 -11.61 0.64 -60.58
C PHE A 145 -11.02 0.32 -61.94
N ASP A 146 -11.44 -0.81 -62.51
CA ASP A 146 -10.94 -1.24 -63.80
C ASP A 146 -11.41 -0.32 -64.91
N SER A 147 -10.62 -0.24 -65.97
CA SER A 147 -11.01 0.53 -67.14
C SER A 147 -12.24 -0.10 -67.78
N LEU A 148 -13.05 0.74 -68.42
CA LEU A 148 -14.26 0.32 -69.11
C LEU A 148 -14.18 0.80 -70.55
N ASN A 149 -14.41 -0.12 -71.49
CA ASN A 149 -14.30 0.17 -72.92
C ASN A 149 -15.69 0.14 -73.54
N ILE A 150 -15.90 1.00 -74.53
CA ILE A 150 -17.18 1.09 -75.23
C ILE A 150 -17.04 0.38 -76.57
N THR A 151 -17.90 -0.61 -76.80
CA THR A 151 -17.80 -1.49 -77.95
C THR A 151 -18.75 -1.04 -79.05
N ALA A 152 -18.24 -0.95 -80.28
CA ALA A 152 -19.10 -0.79 -81.44
C ALA A 152 -19.71 -2.12 -81.82
N ALA A 153 -20.95 -2.08 -82.29
CA ALA A 153 -21.63 -3.30 -82.74
C ALA A 153 -20.90 -3.88 -83.95
N SER A 154 -20.42 -5.11 -83.79
CA SER A 154 -19.73 -5.78 -84.88
C SER A 154 -20.71 -6.09 -86.00
N LEU A 155 -20.47 -5.50 -87.17
CA LEU A 155 -21.34 -5.74 -88.32
C LEU A 155 -21.23 -7.20 -88.75
N ASN A 156 -22.28 -7.98 -88.49
CA ASN A 156 -22.26 -9.41 -88.75
C ASN A 156 -22.28 -9.66 -90.26
N ASP A 157 -21.14 -10.05 -90.82
CA ASP A 157 -21.07 -10.36 -92.24
C ASP A 157 -21.93 -11.58 -92.55
N ASP A 158 -23.04 -11.37 -93.24
CA ASP A 158 -23.93 -12.46 -93.61
C ASP A 158 -23.41 -13.16 -94.86
N GLY A 159 -22.24 -13.78 -94.75
CA GLY A 159 -21.65 -14.48 -95.88
C GLY A 159 -22.30 -15.82 -96.15
N GLY B 1 -21.71 6.91 -109.06
CA GLY B 1 -22.15 7.52 -107.83
C GLY B 1 -21.10 7.50 -106.74
N TYR B 2 -21.16 8.46 -105.83
CA TYR B 2 -20.21 8.55 -104.73
C TYR B 2 -20.83 7.95 -103.47
N THR B 3 -20.19 6.91 -102.94
CA THR B 3 -20.73 6.17 -101.79
C THR B 3 -20.51 6.99 -100.52
N SER B 4 -21.57 7.61 -100.03
CA SER B 4 -21.49 8.40 -98.80
C SER B 4 -21.58 7.51 -97.55
N HIS B 5 -21.82 6.21 -97.72
CA HIS B 5 -21.90 5.32 -96.58
C HIS B 5 -20.59 5.29 -95.79
N GLY B 6 -19.45 5.50 -96.46
CA GLY B 6 -18.20 5.59 -95.74
C GLY B 6 -18.16 6.76 -94.78
N ALA B 7 -18.82 7.86 -95.14
CA ALA B 7 -18.80 9.05 -94.30
C ALA B 7 -19.48 8.79 -92.96
N HIS B 8 -20.71 8.28 -92.97
CA HIS B 8 -21.46 8.09 -91.74
C HIS B 8 -20.75 7.11 -90.81
N GLY B 9 -20.21 6.02 -91.36
CA GLY B 9 -19.43 5.10 -90.56
C GLY B 9 -18.22 5.75 -89.94
N VAL B 10 -17.63 6.73 -90.61
CA VAL B 10 -16.53 7.47 -90.01
C VAL B 10 -17.03 8.32 -88.85
N ALA B 11 -18.23 8.89 -89.00
CA ALA B 11 -18.71 9.86 -88.01
C ALA B 11 -18.98 9.18 -86.67
N VAL B 12 -19.73 8.09 -86.67
CA VAL B 12 -20.11 7.41 -85.43
C VAL B 12 -18.85 6.94 -84.72
N ALA B 13 -17.89 6.40 -85.47
CA ALA B 13 -16.63 5.95 -84.90
C ALA B 13 -15.94 7.07 -84.13
N ALA B 14 -16.06 8.31 -84.59
CA ALA B 14 -15.50 9.43 -83.83
C ALA B 14 -16.26 9.63 -82.52
N ASP B 15 -17.60 9.66 -82.59
CA ASP B 15 -18.40 9.90 -81.41
C ASP B 15 -18.13 8.85 -80.34
N LEU B 16 -18.01 7.59 -80.75
CA LEU B 16 -17.58 6.54 -79.82
C LEU B 16 -16.21 6.87 -79.26
N LYS B 17 -15.25 7.13 -80.16
CA LYS B 17 -13.85 7.21 -79.75
C LYS B 17 -13.64 8.36 -78.76
N SER B 18 -14.13 9.54 -79.13
CA SER B 18 -14.07 10.69 -78.23
C SER B 18 -14.69 10.37 -76.88
N THR B 19 -15.83 9.66 -76.89
CA THR B 19 -16.47 9.31 -75.63
C THR B 19 -15.55 8.44 -74.79
N GLN B 20 -14.88 7.48 -75.43
CA GLN B 20 -13.94 6.63 -74.71
C GLN B 20 -12.87 7.48 -74.04
N GLU B 21 -12.41 8.54 -74.72
CA GLU B 21 -11.35 9.37 -74.16
C GLU B 21 -11.81 10.01 -72.87
N ALA B 22 -13.10 10.35 -72.76
CA ALA B 22 -13.61 10.82 -71.49
C ALA B 22 -13.57 9.71 -70.45
N ILE B 23 -14.08 8.53 -70.82
CA ILE B 23 -14.28 7.46 -69.86
C ILE B 23 -12.96 7.06 -69.24
N ASN B 24 -11.95 6.83 -70.07
CA ASN B 24 -10.65 6.40 -69.58
C ASN B 24 -10.04 7.47 -68.69
N LYS B 25 -10.31 8.74 -68.99
CA LYS B 25 -9.86 9.78 -68.08
C LYS B 25 -10.60 9.69 -66.76
N ILE B 26 -11.91 9.51 -66.83
CA ILE B 26 -12.75 9.56 -65.64
C ILE B 26 -12.34 8.47 -64.66
N THR B 27 -12.17 7.24 -65.17
CA THR B 27 -11.67 6.16 -64.33
C THR B 27 -10.33 6.55 -63.71
N LYS B 28 -9.42 7.08 -64.52
CA LYS B 28 -8.16 7.56 -63.99
C LYS B 28 -8.41 8.62 -62.93
N ASN B 29 -9.33 9.54 -63.22
CA ASN B 29 -9.67 10.57 -62.23
C ASN B 29 -10.15 9.93 -60.94
N LEU B 30 -11.01 8.91 -61.06
CA LEU B 30 -11.42 8.17 -59.86
C LEU B 30 -10.20 7.61 -59.15
N ASN B 31 -9.35 6.91 -59.89
CA ASN B 31 -8.15 6.35 -59.29
C ASN B 31 -7.28 7.47 -58.74
N SER B 32 -7.24 8.61 -59.43
CA SER B 32 -6.42 9.72 -58.99
C SER B 32 -6.88 10.20 -57.62
N LEU B 33 -8.18 10.15 -57.35
CA LEU B 33 -8.66 10.48 -56.03
C LEU B 33 -8.22 9.42 -55.03
N SER B 34 -8.45 8.14 -55.36
CA SER B 34 -8.39 7.08 -54.36
C SER B 34 -6.99 6.97 -53.78
N GLU B 35 -5.99 6.81 -54.65
CA GLU B 35 -4.62 6.67 -54.19
C GLU B 35 -4.18 7.90 -53.40
N LEU B 36 -4.73 9.07 -53.72
CA LEU B 36 -4.41 10.25 -52.93
C LEU B 36 -5.04 10.15 -51.55
N GLU B 37 -6.31 9.76 -51.48
CA GLU B 37 -7.00 9.81 -50.20
C GLU B 37 -6.41 8.80 -49.22
N VAL B 38 -6.00 7.64 -49.71
CA VAL B 38 -5.36 6.65 -48.85
C VAL B 38 -4.10 7.24 -48.24
N LYS B 39 -3.37 8.06 -49.01
CA LYS B 39 -2.19 8.71 -48.45
C LYS B 39 -2.58 9.68 -47.34
N ASN B 40 -3.72 10.35 -47.49
CA ASN B 40 -4.18 11.25 -46.44
C ASN B 40 -4.54 10.48 -45.19
N LEU B 41 -5.36 9.43 -45.33
CA LEU B 41 -5.81 8.65 -44.18
C LEU B 41 -4.63 8.12 -43.38
N GLN B 42 -3.71 7.44 -44.06
CA GLN B 42 -2.51 6.94 -43.40
C GLN B 42 -1.74 8.07 -42.75
N ARG B 43 -1.62 9.20 -43.44
CA ARG B 43 -0.98 10.37 -42.84
C ARG B 43 -1.69 10.76 -41.56
N LEU B 44 -3.02 10.84 -41.61
CA LEU B 44 -3.77 11.14 -40.39
C LEU B 44 -3.53 10.06 -39.35
N SER B 45 -3.48 8.80 -39.77
CA SER B 45 -3.20 7.72 -38.85
C SER B 45 -1.85 7.94 -38.18
N GLY B 46 -0.85 8.35 -38.97
CA GLY B 46 0.45 8.66 -38.41
C GLY B 46 0.36 9.73 -37.35
N ALA B 47 -0.46 10.77 -37.58
CA ALA B 47 -0.64 11.80 -36.57
C ALA B 47 -1.18 11.20 -35.29
N MET B 48 -2.16 10.31 -35.40
CA MET B 48 -2.67 9.63 -34.20
C MET B 48 -1.56 8.84 -33.54
N ASP B 49 -0.72 8.18 -34.34
CA ASP B 49 0.37 7.40 -33.78
C ASP B 49 1.33 8.30 -33.01
N GLU B 50 1.47 9.56 -33.43
CA GLU B 50 2.26 10.50 -32.65
C GLU B 50 1.58 10.76 -31.31
N ILE B 51 0.29 11.09 -31.35
CA ILE B 51 -0.41 11.59 -30.17
C ILE B 51 -0.37 10.54 -29.08
N HIS B 52 -0.68 9.29 -29.44
CA HIS B 52 -0.64 8.20 -28.48
C HIS B 52 0.72 8.14 -27.79
N ASN B 53 1.80 8.23 -28.56
CA ASN B 53 3.13 8.18 -27.97
C ASN B 53 3.32 9.31 -26.98
N GLU B 54 2.83 10.51 -27.35
CA GLU B 54 2.93 11.65 -26.43
C GLU B 54 2.26 11.31 -25.11
N ILE B 55 1.07 10.71 -25.18
CA ILE B 55 0.36 10.32 -23.97
C ILE B 55 1.23 9.37 -23.17
N LEU B 56 1.81 8.37 -23.84
CA LEU B 56 2.68 7.44 -23.14
C LEU B 56 3.84 8.16 -22.51
N GLU B 57 4.44 9.12 -23.24
CA GLU B 57 5.51 9.91 -22.67
C GLU B 57 5.02 10.63 -21.42
N LEU B 58 3.85 11.27 -21.52
CA LEU B 58 3.32 11.98 -20.37
C LEU B 58 3.04 11.01 -19.23
N ASP B 59 2.62 9.78 -19.56
CA ASP B 59 2.39 8.80 -18.52
C ASP B 59 3.66 8.53 -17.75
N GLU B 60 4.79 8.40 -18.47
CA GLU B 60 6.06 8.24 -17.78
C GLU B 60 6.35 9.44 -16.91
N LYS B 61 6.04 10.64 -17.40
CA LYS B 61 6.25 11.84 -16.59
C LYS B 61 5.43 11.78 -15.32
N VAL B 62 4.26 11.15 -15.38
CA VAL B 62 3.50 10.95 -14.15
C VAL B 62 4.24 9.99 -13.24
N ASP B 63 4.68 8.85 -13.79
CA ASP B 63 5.19 7.77 -12.94
C ASP B 63 6.43 8.21 -12.19
N ASP B 64 7.35 8.89 -12.88
CA ASP B 64 8.54 9.41 -12.21
C ASP B 64 8.16 10.33 -11.06
N LEU B 65 7.13 11.16 -11.24
CA LEU B 65 6.71 12.04 -10.17
C LEU B 65 6.26 11.24 -8.96
N ARG B 66 5.57 10.12 -9.19
CA ARG B 66 5.20 9.26 -8.07
C ARG B 66 6.43 8.77 -7.34
N ALA B 67 7.48 8.41 -8.08
CA ALA B 67 8.72 8.03 -7.43
C ALA B 67 9.37 9.25 -6.77
N ASP B 68 9.21 10.43 -7.35
CA ASP B 68 9.89 11.61 -6.86
C ASP B 68 9.40 11.98 -5.46
N THR B 69 8.09 11.94 -5.26
CA THR B 69 7.53 12.40 -3.99
C THR B 69 7.66 11.34 -2.91
N ILE B 70 7.10 10.15 -3.18
CA ILE B 70 6.86 9.16 -2.12
C ILE B 70 8.17 8.78 -1.43
N SER B 71 9.19 8.43 -2.22
CA SER B 71 10.48 8.09 -1.64
C SER B 71 11.02 9.23 -0.79
N SER B 72 10.92 10.46 -1.29
CA SER B 72 11.36 11.60 -0.50
C SER B 72 10.61 11.70 0.80
N GLN B 73 9.29 11.47 0.77
CA GLN B 73 8.53 11.43 2.01
C GLN B 73 9.09 10.37 2.95
N ILE B 74 9.35 9.17 2.40
CA ILE B 74 9.98 8.13 3.20
C ILE B 74 11.33 8.60 3.70
N GLU B 75 12.09 9.26 2.83
CA GLU B 75 13.39 9.77 3.22
C GLU B 75 13.25 10.75 4.38
N LEU B 76 12.17 11.52 4.41
CA LEU B 76 11.91 12.35 5.57
C LEU B 76 11.51 11.49 6.76
N ALA B 77 10.56 10.57 6.55
CA ALA B 77 10.00 9.83 7.68
C ALA B 77 11.08 8.99 8.35
N VAL B 78 11.87 8.28 7.56
CA VAL B 78 12.96 7.48 8.11
C VAL B 78 13.95 8.37 8.85
N LEU B 79 14.18 9.59 8.35
CA LEU B 79 15.08 10.50 9.05
C LEU B 79 14.54 10.82 10.43
N LEU B 80 13.22 10.99 10.55
CA LEU B 80 12.63 11.23 11.85
C LEU B 80 12.84 10.02 12.76
N SER B 81 12.86 8.82 12.18
CA SER B 81 13.21 7.65 12.96
C SER B 81 14.71 7.65 13.29
N ASN B 82 15.54 8.14 12.36
CA ASN B 82 16.97 8.09 12.57
C ASN B 82 17.43 9.13 13.59
N GLU B 83 16.83 10.32 13.55
CA GLU B 83 17.21 11.39 14.47
C GLU B 83 16.63 11.22 15.87
N GLY B 84 15.94 10.11 16.15
CA GLY B 84 15.42 9.89 17.47
C GLY B 84 14.24 10.75 17.84
N ILE B 85 13.64 11.43 16.87
CA ILE B 85 12.54 12.34 17.16
C ILE B 85 11.32 11.55 17.63
N ILE B 86 10.97 10.50 16.89
CA ILE B 86 9.85 9.63 17.20
C ILE B 86 10.40 8.23 17.42
N ASN B 87 9.75 7.46 18.27
CA ASN B 87 10.14 6.08 18.48
C ASN B 87 10.09 5.31 17.16
N SER B 88 11.14 4.54 16.90
CA SER B 88 11.13 3.67 15.72
C SER B 88 10.02 2.64 15.78
N GLU B 89 9.59 2.26 16.99
CA GLU B 89 8.46 1.37 17.18
C GLU B 89 7.12 2.10 17.18
N ASP B 90 7.12 3.40 16.85
CA ASP B 90 5.87 4.14 16.70
C ASP B 90 5.01 3.48 15.63
N GLU B 91 3.90 2.87 16.05
CA GLU B 91 3.11 2.07 15.13
C GLU B 91 2.52 2.92 14.01
N HIS B 92 2.09 4.13 14.33
CA HIS B 92 1.56 5.01 13.30
C HIS B 92 2.63 5.34 12.26
N LEU B 93 3.85 5.62 12.72
CA LEU B 93 4.94 5.91 11.78
C LEU B 93 5.24 4.69 10.92
N LEU B 94 5.25 3.50 11.52
CA LEU B 94 5.52 2.29 10.76
C LEU B 94 4.44 2.05 9.72
N ALA B 95 3.18 2.24 10.09
CA ALA B 95 2.09 2.07 9.13
C ALA B 95 2.19 3.10 8.02
N LEU B 96 2.57 4.34 8.35
CA LEU B 96 2.75 5.36 7.33
C LEU B 96 3.84 4.96 6.36
N GLU B 97 4.96 4.44 6.87
CA GLU B 97 6.04 4.02 6.00
C GLU B 97 5.62 2.86 5.11
N ARG B 98 4.86 1.90 5.67
CA ARG B 98 4.36 0.81 4.86
C ARG B 98 3.43 1.31 3.77
N LYS B 99 2.55 2.26 4.11
CA LYS B 99 1.66 2.86 3.13
C LYS B 99 2.47 3.52 2.01
N LEU B 100 3.49 4.29 2.38
CA LEU B 100 4.29 4.98 1.38
C LEU B 100 4.99 3.98 0.47
N LYS B 101 5.58 2.93 1.05
CA LYS B 101 6.25 1.94 0.23
C LYS B 101 5.27 1.19 -0.67
N LYS B 102 4.01 1.07 -0.24
CA LYS B 102 3.00 0.49 -1.10
C LYS B 102 2.59 1.41 -2.24
N MET B 103 2.76 2.71 -2.08
CA MET B 103 2.39 3.70 -3.09
C MET B 103 3.55 4.08 -4.00
N LEU B 104 4.70 3.41 -3.89
CA LEU B 104 5.86 3.83 -4.65
C LEU B 104 5.65 3.67 -6.15
N GLY B 105 5.07 2.56 -6.58
CA GLY B 105 4.90 2.29 -7.99
C GLY B 105 6.10 1.57 -8.58
N PRO B 106 6.10 1.37 -9.90
CA PRO B 106 7.19 0.61 -10.52
C PRO B 106 8.46 1.40 -10.76
N SER B 107 8.37 2.70 -11.01
CA SER B 107 9.53 3.49 -11.41
C SER B 107 10.60 3.58 -10.33
N ALA B 108 10.21 3.59 -9.06
CA ALA B 108 11.17 3.66 -7.97
C ALA B 108 11.95 2.36 -7.90
N VAL B 109 13.21 2.45 -7.51
CA VAL B 109 14.08 1.28 -7.40
C VAL B 109 14.80 1.37 -6.06
N ASP B 110 14.66 0.34 -5.23
CA ASP B 110 15.35 0.31 -3.95
C ASP B 110 16.85 0.22 -4.18
N ILE B 111 17.58 1.21 -3.68
CA ILE B 111 19.03 1.24 -3.74
C ILE B 111 19.67 0.63 -2.51
N GLY B 112 18.89 -0.10 -1.71
CA GLY B 112 19.37 -0.61 -0.44
C GLY B 112 19.31 0.44 0.66
N ASN B 113 19.14 -0.05 1.88
CA ASN B 113 19.19 0.78 3.08
C ASN B 113 18.06 1.81 3.12
N GLY B 114 16.83 1.34 2.92
CA GLY B 114 15.66 2.19 3.09
C GLY B 114 15.58 3.36 2.15
N CYS B 115 16.35 3.35 1.06
CA CYS B 115 16.40 4.45 0.12
C CYS B 115 16.02 3.97 -1.27
N PHE B 116 15.36 4.84 -2.02
CA PHE B 116 14.89 4.53 -3.36
C PHE B 116 15.31 5.64 -4.31
N GLU B 117 15.73 5.23 -5.50
CA GLU B 117 16.11 6.15 -6.57
C GLU B 117 15.08 6.05 -7.70
N THR B 118 14.77 7.20 -8.30
CA THR B 118 13.82 7.26 -9.39
C THR B 118 14.52 6.98 -10.71
N LYS B 119 14.31 5.79 -11.25
CA LYS B 119 14.84 5.43 -12.57
C LYS B 119 13.96 6.11 -13.60
N HIS B 120 14.31 7.35 -13.94
CA HIS B 120 13.49 8.17 -14.81
C HIS B 120 13.39 7.56 -16.20
N LYS B 121 12.18 7.15 -16.57
CA LYS B 121 11.93 6.67 -17.92
C LYS B 121 11.79 7.81 -18.91
N CYS B 122 11.00 8.83 -18.55
CA CYS B 122 10.85 10.03 -19.37
C CYS B 122 12.10 10.86 -19.18
N ASN B 123 13.06 10.70 -20.10
CA ASN B 123 14.35 11.34 -19.99
C ASN B 123 14.24 12.83 -20.33
N GLN B 124 15.40 13.48 -20.47
CA GLN B 124 15.40 14.90 -20.83
C GLN B 124 14.78 15.12 -22.21
N THR B 125 15.08 14.26 -23.18
CA THR B 125 14.48 14.41 -24.50
C THR B 125 12.97 14.21 -24.44
N CYS B 126 12.52 13.27 -23.61
CA CYS B 126 11.09 13.08 -23.39
C CYS B 126 10.43 14.37 -22.89
N LEU B 127 11.01 14.98 -21.85
CA LEU B 127 10.44 16.21 -21.30
C LEU B 127 10.48 17.34 -22.33
N ASP B 128 11.57 17.43 -23.09
CA ASP B 128 11.66 18.45 -24.14
C ASP B 128 10.58 18.25 -25.19
N ARG B 129 10.34 17.01 -25.60
CA ARG B 129 9.31 16.72 -26.58
C ARG B 129 7.93 17.10 -26.04
N ILE B 130 7.67 16.77 -24.78
CA ILE B 130 6.37 17.09 -24.18
C ILE B 130 6.19 18.61 -24.12
N ALA B 131 7.19 19.32 -23.59
CA ALA B 131 7.09 20.75 -23.45
C ALA B 131 7.08 21.48 -24.79
N ALA B 132 7.58 20.85 -25.85
CA ALA B 132 7.59 21.49 -27.16
C ALA B 132 6.20 21.77 -27.67
N GLY B 133 5.30 20.80 -27.59
CA GLY B 133 3.96 20.99 -28.12
C GLY B 133 3.96 21.31 -29.60
N THR B 134 4.89 20.72 -30.35
CA THR B 134 5.08 21.02 -31.76
C THR B 134 4.29 20.09 -32.67
N PHE B 135 3.30 19.39 -32.14
CA PHE B 135 2.49 18.50 -32.97
C PHE B 135 1.74 19.29 -34.03
N ASN B 136 1.67 18.71 -35.23
CA ASN B 136 0.91 19.33 -36.32
C ASN B 136 0.59 18.24 -37.33
N ALA B 137 -0.70 17.90 -37.45
CA ALA B 137 -1.11 16.93 -38.46
C ALA B 137 -0.89 17.47 -39.87
N GLY B 138 -0.90 18.79 -40.03
CA GLY B 138 -0.68 19.40 -41.33
C GLY B 138 -1.95 19.51 -42.14
N GLU B 139 -1.81 20.10 -43.32
CA GLU B 139 -2.94 20.36 -44.21
C GLU B 139 -3.18 19.17 -45.14
N PHE B 140 -4.39 19.12 -45.69
CA PHE B 140 -4.79 18.08 -46.62
C PHE B 140 -5.56 18.71 -47.77
N SER B 141 -5.42 18.12 -48.96
CA SER B 141 -6.04 18.66 -50.15
C SER B 141 -6.31 17.52 -51.13
N LEU B 142 -7.18 17.78 -52.09
CA LEU B 142 -7.58 16.80 -53.09
C LEU B 142 -7.76 17.52 -54.42
N PRO B 143 -7.61 16.81 -55.55
CA PRO B 143 -7.58 17.49 -56.83
C PRO B 143 -8.97 17.87 -57.31
N THR B 144 -9.02 18.85 -58.20
CA THR B 144 -10.24 19.26 -58.88
C THR B 144 -10.17 18.82 -60.34
N PHE B 145 -11.15 18.03 -60.75
CA PHE B 145 -11.21 17.50 -62.11
C PHE B 145 -12.03 18.40 -63.00
N ASP B 146 -11.48 18.72 -64.16
CA ASP B 146 -12.14 19.62 -65.09
C ASP B 146 -13.12 18.87 -65.98
N SER B 147 -14.01 19.62 -66.62
CA SER B 147 -14.98 19.01 -67.51
C SER B 147 -14.29 18.40 -68.74
N LEU B 148 -14.92 17.37 -69.29
CA LEU B 148 -14.44 16.69 -70.48
C LEU B 148 -15.48 16.87 -71.58
N ASN B 149 -15.02 17.24 -72.78
CA ASN B 149 -15.90 17.51 -73.90
C ASN B 149 -15.76 16.42 -74.94
N ILE B 150 -16.90 15.96 -75.47
CA ILE B 150 -16.94 14.98 -76.54
C ILE B 150 -17.26 15.73 -77.83
N THR B 151 -16.54 15.41 -78.90
CA THR B 151 -16.60 16.14 -80.16
C THR B 151 -17.31 15.30 -81.21
N ALA B 152 -18.24 15.92 -81.93
CA ALA B 152 -18.85 15.30 -83.09
C ALA B 152 -17.88 15.33 -84.27
N ALA B 153 -18.04 14.40 -85.20
CA ALA B 153 -17.17 14.37 -86.37
C ALA B 153 -17.47 15.56 -87.29
N SER B 154 -16.46 16.40 -87.52
CA SER B 154 -16.63 17.53 -88.41
C SER B 154 -16.73 17.05 -89.85
N LEU B 155 -17.93 17.18 -90.43
CA LEU B 155 -18.15 16.75 -91.80
C LEU B 155 -17.33 17.63 -92.75
N ASN B 156 -16.25 17.07 -93.29
CA ASN B 156 -15.31 17.85 -94.09
C ASN B 156 -15.98 18.30 -95.38
N ASP B 157 -16.29 19.60 -95.46
CA ASP B 157 -16.84 20.16 -96.68
C ASP B 157 -15.77 20.10 -97.77
N ASP B 158 -15.93 19.18 -98.71
CA ASP B 158 -14.91 18.90 -99.72
C ASP B 158 -14.97 19.98 -100.80
N GLY B 159 -14.54 21.19 -100.42
CA GLY B 159 -14.47 22.30 -101.34
C GLY B 159 -13.16 22.33 -102.09
N GLY C 1 -38.59 13.06 -104.29
CA GLY C 1 -38.18 12.35 -103.10
C GLY C 1 -37.74 13.29 -101.99
N TYR C 2 -38.03 12.90 -100.74
CA TYR C 2 -37.65 13.71 -99.58
C TYR C 2 -36.29 13.28 -99.06
N THR C 3 -35.39 14.24 -98.83
CA THR C 3 -34.04 13.96 -98.36
C THR C 3 -34.08 13.59 -96.88
N SER C 4 -33.75 12.33 -96.57
CA SER C 4 -33.78 11.84 -95.21
C SER C 4 -32.47 12.11 -94.46
N HIS C 5 -31.51 12.76 -95.12
CA HIS C 5 -30.22 13.02 -94.48
C HIS C 5 -30.38 13.84 -93.20
N GLY C 6 -31.41 14.68 -93.13
CA GLY C 6 -31.66 15.44 -91.92
C GLY C 6 -32.08 14.57 -90.76
N ALA C 7 -32.83 13.49 -91.03
CA ALA C 7 -33.43 12.72 -89.95
C ALA C 7 -32.38 12.00 -89.11
N HIS C 8 -31.65 11.05 -89.71
CA HIS C 8 -30.63 10.31 -88.97
C HIS C 8 -29.56 11.23 -88.41
N GLY C 9 -29.23 12.31 -89.14
CA GLY C 9 -28.27 13.28 -88.64
C GLY C 9 -28.71 13.93 -87.35
N VAL C 10 -30.02 14.08 -87.15
CA VAL C 10 -30.50 14.60 -85.88
C VAL C 10 -30.27 13.58 -84.77
N ALA C 11 -30.38 12.28 -85.09
CA ALA C 11 -30.39 11.27 -84.04
C ALA C 11 -29.06 11.16 -83.32
N VAL C 12 -27.97 11.02 -84.08
CA VAL C 12 -26.67 10.69 -83.48
C VAL C 12 -26.23 11.80 -82.54
N ALA C 13 -26.36 13.06 -82.98
CA ALA C 13 -25.99 14.18 -82.14
C ALA C 13 -26.75 14.18 -80.82
N ALA C 14 -28.00 13.68 -80.83
CA ALA C 14 -28.72 13.55 -79.57
C ALA C 14 -28.07 12.50 -78.68
N ASP C 15 -27.76 11.34 -79.23
CA ASP C 15 -27.08 10.30 -78.45
C ASP C 15 -25.76 10.81 -77.93
N LEU C 16 -25.06 11.59 -78.76
CA LEU C 16 -23.88 12.30 -78.29
C LEU C 16 -24.24 13.28 -77.19
N LYS C 17 -25.20 14.16 -77.46
CA LYS C 17 -25.46 15.30 -76.59
C LYS C 17 -25.85 14.85 -75.19
N SER C 18 -26.83 13.94 -75.11
CA SER C 18 -27.25 13.39 -73.83
C SER C 18 -26.07 12.83 -73.06
N THR C 19 -25.17 12.13 -73.75
CA THR C 19 -24.02 11.54 -73.08
C THR C 19 -23.16 12.62 -72.43
N GLN C 20 -22.96 13.74 -73.13
CA GLN C 20 -22.19 14.83 -72.58
C GLN C 20 -22.79 15.33 -71.28
N GLU C 21 -24.13 15.41 -71.24
CA GLU C 21 -24.79 15.88 -70.03
C GLU C 21 -24.51 14.93 -68.86
N ALA C 22 -24.42 13.63 -69.14
CA ALA C 22 -24.06 12.69 -68.09
C ALA C 22 -22.64 12.99 -67.61
N ILE C 23 -21.72 13.19 -68.55
CA ILE C 23 -20.32 13.41 -68.20
C ILE C 23 -20.20 14.67 -67.34
N ASN C 24 -20.89 15.73 -67.75
CA ASN C 24 -20.89 16.98 -67.01
C ASN C 24 -21.39 16.75 -65.59
N LYS C 25 -22.36 15.85 -65.43
CA LYS C 25 -22.79 15.50 -64.08
C LYS C 25 -21.71 14.70 -63.37
N ILE C 26 -21.19 13.67 -64.05
CA ILE C 26 -20.28 12.74 -63.40
C ILE C 26 -19.01 13.47 -62.95
N THR C 27 -18.47 14.30 -63.83
CA THR C 27 -17.36 15.15 -63.44
C THR C 27 -17.72 15.96 -62.21
N LYS C 28 -18.88 16.62 -62.24
CA LYS C 28 -19.34 17.36 -61.08
C LYS C 28 -19.42 16.46 -59.86
N ASN C 29 -19.90 15.23 -60.05
CA ASN C 29 -20.01 14.29 -58.94
C ASN C 29 -18.65 14.08 -58.30
N LEU C 30 -17.61 13.90 -59.12
CA LEU C 30 -16.27 13.76 -58.56
C LEU C 30 -15.93 14.97 -57.71
N ASN C 31 -16.10 16.17 -58.26
CA ASN C 31 -15.82 17.37 -57.49
C ASN C 31 -16.76 17.45 -56.29
N SER C 32 -18.01 16.99 -56.47
CA SER C 32 -18.96 17.01 -55.37
C SER C 32 -18.46 16.17 -54.22
N LEU C 33 -17.77 15.06 -54.52
CA LEU C 33 -17.14 14.30 -53.46
C LEU C 33 -15.91 15.03 -52.94
N SER C 34 -15.07 15.52 -53.86
CA SER C 34 -13.73 15.96 -53.51
C SER C 34 -13.76 17.13 -52.55
N GLU C 35 -14.66 18.09 -52.78
CA GLU C 35 -14.76 19.23 -51.89
C GLU C 35 -15.17 18.79 -50.49
N LEU C 36 -16.10 17.83 -50.39
CA LEU C 36 -16.63 17.49 -49.09
C LEU C 36 -15.61 16.77 -48.23
N GLU C 37 -14.88 15.84 -48.83
CA GLU C 37 -13.92 15.05 -48.07
C GLU C 37 -12.83 15.93 -47.46
N VAL C 38 -12.38 16.93 -48.22
CA VAL C 38 -11.39 17.86 -47.70
C VAL C 38 -11.93 18.56 -46.46
N LYS C 39 -13.22 18.92 -46.49
CA LYS C 39 -13.81 19.51 -45.30
C LYS C 39 -13.85 18.51 -44.16
N ASN C 40 -14.10 17.24 -44.47
CA ASN C 40 -14.12 16.22 -43.43
C ASN C 40 -12.74 16.07 -42.81
N LEU C 41 -11.71 15.92 -43.66
CA LEU C 41 -10.35 15.73 -43.17
C LEU C 41 -9.92 16.86 -42.26
N GLN C 42 -10.10 18.11 -42.72
CA GLN C 42 -9.77 19.26 -41.91
C GLN C 42 -10.50 19.23 -40.58
N ARG C 43 -11.78 18.84 -40.61
CA ARG C 43 -12.53 18.73 -39.36
C ARG C 43 -11.85 17.76 -38.41
N LEU C 44 -11.45 16.60 -38.92
CA LEU C 44 -10.72 15.66 -38.07
C LEU C 44 -9.44 16.29 -37.54
N SER C 45 -8.73 17.03 -38.39
CA SER C 45 -7.53 17.71 -37.94
C SER C 45 -7.86 18.67 -36.80
N GLY C 46 -8.96 19.41 -36.93
CA GLY C 46 -9.38 20.26 -35.85
C GLY C 46 -9.59 19.50 -34.57
N ALA C 47 -10.25 18.35 -34.65
CA ALA C 47 -10.41 17.51 -33.47
C ALA C 47 -9.06 17.09 -32.92
N MET C 48 -8.14 16.71 -33.81
CA MET C 48 -6.80 16.38 -33.35
C MET C 48 -6.16 17.58 -32.67
N ASP C 49 -6.34 18.77 -33.25
CA ASP C 49 -5.78 19.98 -32.65
C ASP C 49 -6.36 20.19 -31.25
N GLU C 50 -7.62 19.79 -31.05
CA GLU C 50 -8.19 19.86 -29.71
C GLU C 50 -7.46 18.88 -28.79
N ILE C 51 -7.30 17.64 -29.23
CA ILE C 51 -6.79 16.58 -28.37
C ILE C 51 -5.40 16.94 -27.87
N HIS C 52 -4.53 17.39 -28.77
CA HIS C 52 -3.18 17.77 -28.39
C HIS C 52 -3.21 18.83 -27.31
N ASN C 53 -4.09 19.82 -27.45
CA ASN C 53 -4.17 20.87 -26.44
C ASN C 53 -4.51 20.28 -25.08
N GLU C 54 -5.44 19.32 -25.06
CA GLU C 54 -5.79 18.64 -23.81
C GLU C 54 -4.55 18.07 -23.15
N ILE C 55 -3.73 17.36 -23.94
CA ILE C 55 -2.52 16.77 -23.40
C ILE C 55 -1.64 17.86 -22.80
N LEU C 56 -1.45 18.96 -23.55
CA LEU C 56 -0.66 20.07 -23.04
C LEU C 56 -1.25 20.58 -21.74
N GLU C 57 -2.57 20.76 -21.72
CA GLU C 57 -3.23 21.20 -20.50
C GLU C 57 -2.99 20.19 -19.39
N LEU C 58 -3.15 18.89 -19.71
CA LEU C 58 -2.92 17.89 -18.69
C LEU C 58 -1.46 17.90 -18.25
N ASP C 59 -0.55 18.19 -19.18
CA ASP C 59 0.85 18.29 -18.78
C ASP C 59 1.04 19.39 -17.76
N GLU C 60 0.36 20.53 -17.96
CA GLU C 60 0.42 21.59 -16.96
C GLU C 60 -0.13 21.09 -15.64
N LYS C 61 -1.20 20.29 -15.69
CA LYS C 61 -1.76 19.73 -14.47
C LYS C 61 -0.73 18.88 -13.75
N VAL C 62 0.11 18.17 -14.49
CA VAL C 62 1.18 17.43 -13.85
C VAL C 62 2.16 18.39 -13.18
N ASP C 63 2.60 19.41 -13.92
CA ASP C 63 3.69 20.25 -13.46
C ASP C 63 3.34 20.96 -12.16
N ASP C 64 2.12 21.51 -12.11
CA ASP C 64 1.66 22.18 -10.90
C ASP C 64 1.70 21.23 -9.72
N LEU C 65 1.24 19.99 -9.91
CA LEU C 65 1.26 19.03 -8.82
C LEU C 65 2.69 18.76 -8.37
N ARG C 66 3.64 18.71 -9.32
CA ARG C 66 5.03 18.55 -8.94
C ARG C 66 5.48 19.71 -8.08
N ALA C 67 5.06 20.92 -8.43
CA ALA C 67 5.37 22.07 -7.59
C ALA C 67 4.61 22.01 -6.28
N ASP C 68 3.41 21.43 -6.30
CA ASP C 68 2.59 21.40 -5.10
C ASP C 68 3.23 20.56 -4.01
N THR C 69 3.60 19.32 -4.34
CA THR C 69 4.07 18.39 -3.33
C THR C 69 5.43 18.82 -2.79
N ILE C 70 6.42 18.92 -3.69
CA ILE C 70 7.80 19.08 -3.28
C ILE C 70 7.99 20.34 -2.45
N SER C 71 7.45 21.46 -2.92
CA SER C 71 7.52 22.70 -2.16
C SER C 71 6.93 22.51 -0.77
N SER C 72 5.77 21.88 -0.68
CA SER C 72 5.19 21.60 0.62
C SER C 72 6.12 20.75 1.46
N GLN C 73 6.71 19.71 0.87
CA GLN C 73 7.69 18.92 1.59
C GLN C 73 8.83 19.80 2.09
N ILE C 74 9.31 20.69 1.22
CA ILE C 74 10.37 21.61 1.63
C ILE C 74 9.87 22.47 2.78
N GLU C 75 8.64 22.98 2.67
CA GLU C 75 8.12 23.84 3.72
C GLU C 75 7.96 23.06 5.02
N LEU C 76 7.76 21.74 4.93
CA LEU C 76 7.78 20.94 6.14
C LEU C 76 9.20 20.84 6.70
N ALA C 77 10.17 20.52 5.84
CA ALA C 77 11.52 20.27 6.31
C ALA C 77 12.11 21.51 6.96
N VAL C 78 11.88 22.67 6.35
CA VAL C 78 12.38 23.93 6.92
C VAL C 78 11.82 24.12 8.32
N LEU C 79 10.55 23.75 8.52
CA LEU C 79 9.96 23.87 9.85
C LEU C 79 10.73 23.02 10.84
N LEU C 80 11.11 21.81 10.44
CA LEU C 80 11.88 20.95 11.32
C LEU C 80 13.22 21.59 11.67
N SER C 81 13.77 22.38 10.73
CA SER C 81 14.96 23.16 11.05
C SER C 81 14.61 24.36 11.91
N ASN C 82 13.47 25.01 11.61
CA ASN C 82 13.10 26.21 12.35
C ASN C 82 12.75 25.88 13.79
N GLU C 83 12.04 24.78 14.00
CA GLU C 83 11.74 24.31 15.35
C GLU C 83 12.94 23.68 16.04
N GLY C 84 14.04 23.44 15.33
CA GLY C 84 15.19 22.83 15.95
C GLY C 84 15.01 21.37 16.27
N ILE C 85 14.02 20.71 15.66
CA ILE C 85 13.79 19.29 15.91
C ILE C 85 15.01 18.48 15.47
N ILE C 86 15.49 18.75 14.27
CA ILE C 86 16.70 18.13 13.73
C ILE C 86 17.70 19.24 13.49
N ASN C 87 18.99 18.92 13.63
CA ASN C 87 20.04 19.92 13.47
C ASN C 87 19.97 20.54 12.08
N SER C 88 20.06 21.87 12.03
CA SER C 88 20.11 22.56 10.75
C SER C 88 21.32 22.14 9.93
N GLU C 89 22.40 21.74 10.59
CA GLU C 89 23.59 21.23 9.93
C GLU C 89 23.51 19.73 9.68
N ASP C 90 22.36 19.09 9.95
CA ASP C 90 22.20 17.67 9.71
C ASP C 90 22.40 17.38 8.22
N GLU C 91 23.44 16.60 7.91
CA GLU C 91 23.81 16.38 6.52
C GLU C 91 22.72 15.65 5.75
N HIS C 92 22.06 14.68 6.37
CA HIS C 92 20.95 14.01 5.69
C HIS C 92 19.81 14.98 5.41
N LEU C 93 19.50 15.83 6.39
CA LEU C 93 18.41 16.80 6.20
C LEU C 93 18.75 17.77 5.07
N LEU C 94 19.99 18.26 5.05
CA LEU C 94 20.39 19.19 4.00
C LEU C 94 20.42 18.49 2.64
N ALA C 95 20.82 17.23 2.62
CA ALA C 95 20.81 16.46 1.37
C ALA C 95 19.39 16.32 0.85
N LEU C 96 18.44 16.01 1.72
CA LEU C 96 17.04 15.94 1.31
C LEU C 96 16.57 17.30 0.81
N GLU C 97 16.97 18.37 1.50
CA GLU C 97 16.62 19.72 1.05
C GLU C 97 17.10 19.97 -0.37
N ARG C 98 18.37 19.69 -0.63
CA ARG C 98 18.94 19.94 -1.94
C ARG C 98 18.29 19.08 -3.00
N LYS C 99 18.07 17.80 -2.69
CA LYS C 99 17.45 16.89 -3.66
C LYS C 99 16.04 17.35 -4.00
N LEU C 100 15.26 17.74 -2.99
CA LEU C 100 13.92 18.25 -3.24
C LEU C 100 13.96 19.52 -4.08
N LYS C 101 14.91 20.41 -3.77
CA LYS C 101 15.04 21.64 -4.54
C LYS C 101 15.37 21.35 -5.99
N LYS C 102 16.22 20.35 -6.23
CA LYS C 102 16.57 19.95 -7.59
C LYS C 102 15.37 19.42 -8.36
N MET C 103 14.43 18.78 -7.67
CA MET C 103 13.25 18.21 -8.29
C MET C 103 12.09 19.20 -8.37
N LEU C 104 12.35 20.49 -8.19
CA LEU C 104 11.27 21.46 -8.12
C LEU C 104 10.49 21.54 -9.43
N GLY C 105 11.17 21.49 -10.55
CA GLY C 105 10.52 21.62 -11.83
C GLY C 105 10.25 23.07 -12.18
N PRO C 106 9.50 23.31 -13.26
CA PRO C 106 9.31 24.69 -13.73
C PRO C 106 8.22 25.47 -13.03
N SER C 107 7.19 24.81 -12.49
CA SER C 107 6.04 25.52 -11.95
C SER C 107 6.30 26.18 -10.60
N ALA C 108 7.43 25.90 -9.96
CA ALA C 108 7.74 26.46 -8.65
C ALA C 108 8.49 27.79 -8.80
N VAL C 109 8.17 28.74 -7.93
CA VAL C 109 8.83 30.04 -7.88
C VAL C 109 9.28 30.28 -6.46
N ASP C 110 10.58 30.58 -6.29
CA ASP C 110 11.12 30.93 -5.00
C ASP C 110 10.61 32.30 -4.58
N ILE C 111 10.43 32.50 -3.28
CA ILE C 111 9.98 33.77 -2.71
C ILE C 111 10.89 34.24 -1.58
N GLY C 112 12.12 33.74 -1.53
CA GLY C 112 13.05 34.13 -0.49
C GLY C 112 12.86 33.31 0.79
N ASN C 113 13.92 33.28 1.60
CA ASN C 113 13.93 32.56 2.87
C ASN C 113 13.63 31.08 2.68
N GLY C 114 13.97 30.52 1.52
CA GLY C 114 13.80 29.11 1.27
C GLY C 114 12.39 28.65 0.95
N CYS C 115 11.43 29.58 0.87
CA CYS C 115 10.04 29.24 0.60
C CYS C 115 9.74 29.32 -0.89
N PHE C 116 8.80 28.48 -1.33
CA PHE C 116 8.41 28.37 -2.73
C PHE C 116 6.90 28.39 -2.84
N GLU C 117 6.41 28.83 -4.00
CA GLU C 117 4.99 28.85 -4.32
C GLU C 117 4.77 28.28 -5.71
N THR C 118 3.66 27.56 -5.88
CA THR C 118 3.33 26.95 -7.16
C THR C 118 2.57 27.94 -8.03
N LYS C 119 3.15 28.32 -9.16
CA LYS C 119 2.48 29.15 -10.16
C LYS C 119 1.69 28.22 -11.07
N HIS C 120 0.39 28.16 -10.85
CA HIS C 120 -0.45 27.16 -11.50
C HIS C 120 -0.75 27.55 -12.95
N LYS C 121 -0.17 26.81 -13.88
CA LYS C 121 -0.43 27.03 -15.30
C LYS C 121 -1.81 26.54 -15.71
N CYS C 122 -2.20 25.36 -15.22
CA CYS C 122 -3.53 24.79 -15.50
C CYS C 122 -4.51 25.38 -14.50
N ASN C 123 -5.20 26.43 -14.91
CA ASN C 123 -6.09 27.17 -14.01
C ASN C 123 -7.39 26.38 -13.80
N GLN C 124 -8.37 27.05 -13.19
CA GLN C 124 -9.65 26.39 -12.93
C GLN C 124 -10.37 26.04 -14.23
N THR C 125 -10.33 26.92 -15.22
CA THR C 125 -10.94 26.60 -16.52
C THR C 125 -10.22 25.42 -17.17
N CYS C 126 -8.90 25.34 -17.03
CA CYS C 126 -8.16 24.19 -17.50
C CYS C 126 -8.63 22.91 -16.84
N LEU C 127 -8.79 22.92 -15.51
CA LEU C 127 -9.24 21.73 -14.81
C LEU C 127 -10.64 21.33 -15.23
N ASP C 128 -11.55 22.31 -15.38
CA ASP C 128 -12.91 21.99 -15.81
C ASP C 128 -12.92 21.43 -17.22
N ARG C 129 -12.12 21.99 -18.12
CA ARG C 129 -12.04 21.46 -19.48
C ARG C 129 -11.54 20.02 -19.48
N ILE C 130 -10.51 19.74 -18.67
CA ILE C 130 -9.98 18.38 -18.62
C ILE C 130 -11.03 17.43 -18.04
N ALA C 131 -11.66 17.82 -16.94
CA ALA C 131 -12.57 16.92 -16.24
C ALA C 131 -13.88 16.69 -16.99
N ALA C 132 -14.38 17.70 -17.71
CA ALA C 132 -15.63 17.54 -18.43
C ALA C 132 -15.54 16.47 -19.50
N GLY C 133 -14.43 16.42 -20.23
CA GLY C 133 -14.25 15.40 -21.25
C GLY C 133 -15.28 15.47 -22.35
N THR C 134 -15.57 16.66 -22.84
CA THR C 134 -16.60 16.88 -23.84
C THR C 134 -16.10 16.73 -25.27
N PHE C 135 -14.99 16.00 -25.47
CA PHE C 135 -14.50 15.75 -26.82
C PHE C 135 -15.52 14.98 -27.63
N ASN C 136 -15.68 15.39 -28.89
CA ASN C 136 -16.51 14.65 -29.84
C ASN C 136 -16.07 15.05 -31.24
N ALA C 137 -15.41 14.14 -31.95
CA ALA C 137 -15.05 14.39 -33.34
C ALA C 137 -16.29 14.56 -34.20
N GLY C 138 -17.41 13.97 -33.81
CA GLY C 138 -18.64 14.09 -34.55
C GLY C 138 -18.72 13.09 -35.70
N GLU C 139 -19.89 13.07 -36.33
CA GLU C 139 -20.15 12.14 -37.42
C GLU C 139 -19.73 12.76 -38.74
N PHE C 140 -19.59 11.90 -39.76
CA PHE C 140 -19.17 12.31 -41.09
C PHE C 140 -20.08 11.67 -42.12
N SER C 141 -20.25 12.35 -43.25
CA SER C 141 -21.14 11.89 -44.30
C SER C 141 -20.57 12.28 -45.65
N LEU C 142 -20.95 11.52 -46.67
CA LEU C 142 -20.55 11.77 -48.05
C LEU C 142 -21.76 11.48 -48.93
N PRO C 143 -21.83 12.14 -50.09
CA PRO C 143 -23.06 12.02 -50.89
C PRO C 143 -23.10 10.74 -51.69
N THR C 144 -24.30 10.37 -52.09
CA THR C 144 -24.54 9.24 -52.99
C THR C 144 -25.06 9.77 -54.31
N PHE C 145 -24.38 9.42 -55.40
CA PHE C 145 -24.71 9.92 -56.73
C PHE C 145 -25.62 8.92 -57.42
N ASP C 146 -26.73 9.42 -57.95
CA ASP C 146 -27.73 8.55 -58.55
C ASP C 146 -27.36 8.19 -59.98
N SER C 147 -28.02 7.17 -60.51
CA SER C 147 -27.75 6.73 -61.88
C SER C 147 -28.18 7.79 -62.88
N LEU C 148 -27.52 7.81 -64.02
CA LEU C 148 -27.81 8.73 -65.12
C LEU C 148 -28.11 7.89 -66.35
N ASN C 149 -29.10 8.33 -67.12
CA ASN C 149 -29.55 7.61 -68.31
C ASN C 149 -29.28 8.46 -69.55
N ILE C 150 -28.64 7.86 -70.55
CA ILE C 150 -28.38 8.50 -71.83
C ILE C 150 -29.57 8.23 -72.72
N THR C 151 -30.04 9.25 -73.42
CA THR C 151 -31.28 9.20 -74.17
C THR C 151 -31.00 9.02 -75.66
N ALA C 152 -31.61 7.99 -76.25
CA ALA C 152 -31.63 7.86 -77.70
C ALA C 152 -32.65 8.81 -78.29
N ALA C 153 -32.48 9.14 -79.56
CA ALA C 153 -33.44 10.00 -80.25
C ALA C 153 -34.65 9.21 -80.68
N SER C 154 -35.82 9.61 -80.17
CA SER C 154 -37.07 8.98 -80.59
C SER C 154 -37.33 9.30 -82.05
N LEU C 155 -37.34 8.27 -82.89
CA LEU C 155 -37.60 8.46 -84.31
C LEU C 155 -39.02 8.93 -84.50
N ASN C 156 -39.20 10.21 -84.84
CA ASN C 156 -40.52 10.82 -84.89
C ASN C 156 -41.34 10.26 -86.04
N ASP C 157 -42.25 9.33 -85.73
CA ASP C 157 -43.15 8.78 -86.75
C ASP C 157 -44.10 9.85 -87.23
N ASP C 158 -43.99 10.23 -88.50
CA ASP C 158 -44.78 11.31 -89.05
C ASP C 158 -46.22 10.84 -89.29
N GLY C 159 -47.02 10.82 -88.23
CA GLY C 159 -48.42 10.42 -88.33
C GLY C 159 -49.34 11.59 -88.56
N GLN D 1 -9.44 11.31 33.83
CA GLN D 1 -10.18 10.24 33.11
C GLN D 1 -10.72 10.77 31.79
N VAL D 2 -10.56 9.97 30.74
CA VAL D 2 -11.05 10.34 29.41
C VAL D 2 -12.57 10.32 29.46
N GLN D 3 -13.19 11.49 29.32
CA GLN D 3 -14.63 11.61 29.54
C GLN D 3 -15.21 12.67 28.61
N LEU D 4 -16.50 12.51 28.32
CA LEU D 4 -17.30 13.46 27.58
C LEU D 4 -18.54 13.77 28.39
N VAL D 5 -18.77 15.06 28.66
CA VAL D 5 -19.90 15.52 29.45
C VAL D 5 -20.81 16.32 28.54
N GLN D 6 -22.00 15.80 28.27
CA GLN D 6 -22.95 16.47 27.40
C GLN D 6 -23.83 17.41 28.21
N SER D 7 -24.51 18.31 27.49
CA SER D 7 -25.42 19.23 28.15
C SER D 7 -26.70 18.52 28.57
N GLY D 8 -27.49 19.21 29.39
CA GLY D 8 -28.73 18.64 29.86
C GLY D 8 -29.78 18.55 28.77
N ALA D 9 -30.85 17.82 29.08
CA ALA D 9 -31.94 17.64 28.14
C ALA D 9 -32.59 18.96 27.79
N GLU D 10 -33.20 19.01 26.61
CA GLU D 10 -33.81 20.23 26.09
C GLU D 10 -35.16 19.91 25.47
N LEU D 11 -36.07 20.87 25.56
CA LEU D 11 -37.38 20.79 24.92
C LEU D 11 -37.56 22.02 24.05
N LYS D 12 -38.00 21.81 22.82
CA LYS D 12 -38.24 22.89 21.88
C LYS D 12 -39.55 22.65 21.15
N LYS D 13 -40.16 23.74 20.71
CA LYS D 13 -41.36 23.61 19.90
C LYS D 13 -40.99 23.37 18.44
N PRO D 14 -41.92 22.87 17.62
CA PRO D 14 -41.59 22.59 16.22
C PRO D 14 -41.13 23.85 15.49
N GLY D 15 -40.14 23.68 14.62
CA GLY D 15 -39.55 24.78 13.89
C GLY D 15 -38.46 25.53 14.63
N ALA D 16 -38.35 25.33 15.95
CA ALA D 16 -37.33 26.02 16.72
C ALA D 16 -35.97 25.36 16.49
N SER D 17 -34.98 25.81 17.26
CA SER D 17 -33.62 25.31 17.17
C SER D 17 -33.11 24.94 18.56
N VAL D 18 -32.17 23.99 18.59
CA VAL D 18 -31.57 23.48 19.81
C VAL D 18 -30.07 23.44 19.62
N LYS D 19 -29.34 23.58 20.73
CA LYS D 19 -27.88 23.52 20.75
C LYS D 19 -27.46 22.59 21.89
N VAL D 20 -26.66 21.58 21.57
CA VAL D 20 -26.15 20.61 22.54
C VAL D 20 -24.64 20.76 22.61
N SER D 21 -24.13 20.91 23.82
CA SER D 21 -22.69 20.99 24.06
C SER D 21 -22.16 19.64 24.55
N CYS D 22 -20.88 19.41 24.30
CA CYS D 22 -20.18 18.20 24.73
C CYS D 22 -18.78 18.61 25.13
N LYS D 23 -18.53 18.71 26.43
CA LYS D 23 -17.23 19.09 26.95
C LYS D 23 -16.35 17.84 27.01
N ALA D 24 -15.13 17.97 26.51
CA ALA D 24 -14.16 16.89 26.54
C ALA D 24 -13.25 17.05 27.75
N SER D 25 -12.75 15.92 28.26
CA SER D 25 -11.81 15.95 29.37
C SER D 25 -10.96 14.68 29.33
N GLY D 26 -9.80 14.77 29.96
CA GLY D 26 -8.92 13.62 30.10
C GLY D 26 -8.08 13.28 28.89
N TYR D 27 -8.08 14.12 27.86
CA TYR D 27 -7.28 13.85 26.69
C TYR D 27 -7.14 15.12 25.86
N THR D 28 -6.32 15.06 24.82
CA THR D 28 -6.07 16.20 23.95
C THR D 28 -7.30 16.46 23.11
N PHE D 29 -7.91 17.63 23.31
CA PHE D 29 -9.18 17.95 22.65
C PHE D 29 -9.06 17.91 21.13
N THR D 30 -7.89 18.27 20.61
CA THR D 30 -7.65 18.34 19.17
C THR D 30 -7.12 17.04 18.59
N GLY D 31 -6.86 16.03 19.40
CA GLY D 31 -6.26 14.79 18.93
C GLY D 31 -7.25 13.71 18.51
N ASN D 32 -8.51 14.07 18.27
CA ASN D 32 -9.55 13.12 17.93
C ASN D 32 -10.61 13.86 17.14
N TYR D 33 -11.48 13.12 16.47
CA TYR D 33 -12.70 13.74 15.94
C TYR D 33 -13.85 13.54 16.91
N ILE D 34 -14.84 14.43 16.80
CA ILE D 34 -16.05 14.34 17.62
C ILE D 34 -17.20 14.00 16.69
N HIS D 35 -17.80 12.83 16.92
CA HIS D 35 -18.89 12.32 16.10
C HIS D 35 -20.20 12.41 16.85
N TRP D 36 -21.24 12.82 16.14
CA TRP D 36 -22.55 13.07 16.71
C TRP D 36 -23.54 12.03 16.18
N MET D 37 -24.23 11.37 17.11
CA MET D 37 -25.20 10.34 16.81
C MET D 37 -26.52 10.70 17.46
N ARG D 38 -27.60 10.11 16.97
CA ARG D 38 -28.90 10.22 17.62
C ARG D 38 -29.59 8.87 17.60
N GLN D 39 -30.40 8.66 18.64
CA GLN D 39 -31.16 7.43 18.82
C GLN D 39 -32.51 7.78 19.43
N VAL D 40 -33.58 7.49 18.71
CA VAL D 40 -34.91 7.64 19.32
C VAL D 40 -35.03 6.62 20.44
N PRO D 41 -35.76 6.89 21.53
CA PRO D 41 -35.91 5.88 22.57
C PRO D 41 -36.56 4.61 22.02
N GLY D 42 -35.96 3.47 22.35
CA GLY D 42 -36.44 2.20 21.87
C GLY D 42 -36.07 1.88 20.44
N GLN D 43 -35.25 2.72 19.79
CA GLN D 43 -34.87 2.54 18.40
C GLN D 43 -33.34 2.48 18.28
N GLY D 44 -32.87 2.32 17.06
CA GLY D 44 -31.46 2.16 16.81
C GLY D 44 -30.73 3.48 16.65
N LEU D 45 -29.40 3.37 16.65
CA LEU D 45 -28.55 4.54 16.55
C LEU D 45 -28.54 5.08 15.13
N GLU D 46 -28.47 6.40 15.01
CA GLU D 46 -28.39 7.09 13.73
C GLU D 46 -27.19 8.01 13.73
N TRP D 47 -26.29 7.79 12.77
CA TRP D 47 -25.11 8.63 12.62
C TRP D 47 -25.51 9.94 11.98
N MET D 48 -24.99 11.04 12.51
CA MET D 48 -25.32 12.38 12.04
C MET D 48 -24.16 13.05 11.32
N GLY D 49 -22.98 13.05 11.92
CA GLY D 49 -21.85 13.74 11.33
C GLY D 49 -20.65 13.66 12.24
N TRP D 50 -19.59 14.32 11.80
CA TRP D 50 -18.41 14.48 12.63
C TRP D 50 -17.85 15.88 12.46
N ILE D 51 -17.00 16.27 13.40
CA ILE D 51 -16.27 17.52 13.35
C ILE D 51 -14.82 17.28 13.75
N ASN D 52 -13.91 17.93 13.01
CA ASN D 52 -12.52 18.06 13.43
C ASN D 52 -12.43 19.20 14.44
N PRO D 53 -11.99 18.96 15.67
CA PRO D 53 -11.71 20.11 16.56
C PRO D 53 -10.49 20.89 16.16
N ARG D 54 -9.50 20.24 15.54
CA ARG D 54 -8.25 20.92 15.23
C ARG D 54 -8.46 22.03 14.21
N THR D 55 -9.25 21.75 13.17
CA THR D 55 -9.48 22.69 12.07
C THR D 55 -10.89 23.23 12.05
N GLY D 56 -11.83 22.54 12.68
CA GLY D 56 -13.24 22.88 12.58
C GLY D 56 -13.94 22.27 11.38
N ASP D 57 -13.24 21.47 10.58
CA ASP D 57 -13.86 20.84 9.43
C ASP D 57 -14.90 19.81 9.88
N THR D 58 -15.98 19.70 9.13
CA THR D 58 -17.13 18.90 9.50
C THR D 58 -17.61 18.08 8.31
N HIS D 59 -18.31 16.99 8.60
CA HIS D 59 -19.10 16.28 7.61
C HIS D 59 -20.46 15.98 8.20
N HIS D 60 -21.50 16.24 7.41
CA HIS D 60 -22.88 15.94 7.78
C HIS D 60 -23.40 14.82 6.89
N ALA D 61 -24.26 13.98 7.46
CA ALA D 61 -25.00 13.03 6.62
C ALA D 61 -25.94 13.80 5.71
N GLN D 62 -26.21 13.23 4.54
CA GLN D 62 -27.05 13.90 3.56
C GLN D 62 -28.46 14.14 4.10
N LYS D 63 -28.92 13.25 4.99
CA LYS D 63 -30.23 13.44 5.61
C LYS D 63 -30.28 14.74 6.41
N PHE D 64 -29.21 15.07 7.12
CA PHE D 64 -29.18 16.21 8.01
C PHE D 64 -28.58 17.46 7.37
N GLN D 65 -28.27 17.43 6.08
CA GLN D 65 -27.68 18.59 5.44
C GLN D 65 -28.64 19.76 5.45
N GLY D 66 -28.12 20.94 5.75
CA GLY D 66 -28.89 22.16 5.77
C GLY D 66 -29.59 22.47 7.08
N ARG D 67 -29.68 21.49 8.00
CA ARG D 67 -30.33 21.68 9.29
C ARG D 67 -29.39 21.58 10.48
N VAL D 68 -28.21 20.99 10.30
CA VAL D 68 -27.28 20.70 11.39
C VAL D 68 -25.99 21.46 11.17
N ASP D 69 -25.49 22.08 12.24
CA ASP D 69 -24.20 22.74 12.26
C ASP D 69 -23.36 22.21 13.41
N MET D 70 -22.06 22.11 13.18
CA MET D 70 -21.11 21.63 14.17
C MET D 70 -20.02 22.68 14.35
N THR D 71 -19.74 23.03 15.61
CA THR D 71 -18.70 23.98 15.96
C THR D 71 -17.99 23.50 17.21
N ARG D 72 -17.02 24.28 17.68
CA ARG D 72 -16.28 23.91 18.87
C ARG D 72 -15.61 25.13 19.46
N ASP D 73 -15.45 25.10 20.80
CA ASP D 73 -14.63 26.04 21.53
C ASP D 73 -13.45 25.24 22.09
N THR D 74 -12.26 25.51 21.56
CA THR D 74 -11.07 24.79 22.00
C THR D 74 -10.56 25.26 23.35
N SER D 75 -10.88 26.49 23.75
CA SER D 75 -10.42 27.00 25.03
C SER D 75 -10.98 26.18 26.18
N ILE D 76 -12.24 25.77 26.09
CA ILE D 76 -12.92 24.98 27.11
C ILE D 76 -13.00 23.51 26.72
N ASN D 77 -12.44 23.13 25.58
CA ASN D 77 -12.47 21.75 25.10
C ASN D 77 -13.89 21.23 24.98
N THR D 78 -14.69 21.93 24.18
CA THR D 78 -16.11 21.65 24.03
C THR D 78 -16.49 21.67 22.57
N ALA D 79 -17.39 20.76 22.19
CA ALA D 79 -18.02 20.75 20.87
C ALA D 79 -19.47 21.18 21.02
N TYR D 80 -20.04 21.68 19.93
CA TYR D 80 -21.42 22.13 19.88
C TYR D 80 -22.08 21.63 18.61
N LEU D 81 -23.28 21.09 18.77
CA LEU D 81 -24.11 20.63 17.67
C LEU D 81 -25.42 21.39 17.74
N GLU D 82 -25.73 22.15 16.70
CA GLU D 82 -26.95 22.94 16.62
C GLU D 82 -27.84 22.38 15.53
N LEU D 83 -29.07 22.04 15.90
CA LEU D 83 -30.09 21.57 14.95
C LEU D 83 -31.20 22.61 14.89
N THR D 84 -31.50 23.07 13.68
CA THR D 84 -32.52 24.08 13.44
C THR D 84 -33.70 23.45 12.71
N ARG D 85 -34.83 24.16 12.76
CA ARG D 85 -36.07 23.71 12.13
C ARG D 85 -36.47 22.34 12.68
N LEU D 86 -36.61 22.30 14.01
CA LEU D 86 -36.84 21.05 14.70
C LEU D 86 -38.20 20.47 14.37
N GLU D 87 -38.27 19.15 14.32
CA GLU D 87 -39.50 18.42 14.00
C GLU D 87 -39.71 17.30 15.03
N SER D 88 -40.89 16.70 14.97
CA SER D 88 -41.26 15.68 15.95
C SER D 88 -40.31 14.48 15.89
N ASP D 89 -39.92 14.07 14.69
CA ASP D 89 -39.01 12.95 14.54
C ASP D 89 -37.63 13.22 15.13
N ASP D 90 -37.25 14.48 15.34
CA ASP D 90 -35.97 14.82 15.94
C ASP D 90 -35.91 14.54 17.43
N THR D 91 -37.04 14.20 18.06
CA THR D 91 -37.04 13.88 19.47
C THR D 91 -36.24 12.60 19.73
N ALA D 92 -35.09 12.73 20.37
CA ALA D 92 -34.19 11.58 20.51
C ALA D 92 -33.08 11.91 21.49
N LEU D 93 -32.36 10.87 21.91
CA LEU D 93 -31.15 11.04 22.68
C LEU D 93 -29.98 11.26 21.72
N TYR D 94 -29.24 12.34 21.92
CA TYR D 94 -28.13 12.73 21.07
C TYR D 94 -26.83 12.52 21.85
N TYR D 95 -25.86 11.88 21.19
CA TYR D 95 -24.60 11.50 21.81
C TYR D 95 -23.42 12.08 21.04
N CYS D 96 -22.43 12.53 21.79
CA CYS D 96 -21.11 12.86 21.26
C CYS D 96 -20.14 11.73 21.62
N ALA D 97 -19.23 11.44 20.69
CA ALA D 97 -18.25 10.39 20.92
C ALA D 97 -16.90 10.79 20.32
N ARG D 98 -15.84 10.37 21.00
CA ARG D 98 -14.48 10.62 20.56
C ARG D 98 -14.02 9.49 19.65
N CYS D 99 -13.46 9.85 18.50
CA CYS D 99 -12.96 8.90 17.52
C CYS D 99 -11.46 9.10 17.33
N VAL D 100 -10.72 7.99 17.28
CA VAL D 100 -9.27 7.99 17.42
C VAL D 100 -8.62 7.76 16.06
N PHE D 101 -7.37 8.20 15.92
CA PHE D 101 -6.63 8.18 14.66
C PHE D 101 -6.68 6.82 13.99
N ALA D 102 -7.26 6.79 12.79
CA ALA D 102 -7.35 5.60 11.95
C ALA D 102 -8.03 4.45 12.68
N THR D 103 -9.04 4.76 13.49
CA THR D 103 -9.77 3.76 14.25
C THR D 103 -11.27 3.89 13.94
N SER D 104 -11.95 2.75 14.02
CA SER D 104 -13.41 2.71 14.06
C SER D 104 -13.93 2.78 15.49
N GLN D 105 -13.11 3.28 16.42
CA GLN D 105 -13.42 3.23 17.84
C GLN D 105 -13.98 4.57 18.29
N PHE D 106 -15.30 4.61 18.51
CA PHE D 106 -15.96 5.75 19.12
C PHE D 106 -15.92 5.54 20.63
N ASP D 107 -14.95 6.18 21.30
CA ASP D 107 -14.65 5.88 22.69
C ASP D 107 -13.99 7.09 23.36
N PRO D 108 -14.51 7.61 24.48
CA PRO D 108 -15.73 7.26 25.24
C PRO D 108 -16.98 7.88 24.65
N TRP D 109 -18.13 7.42 25.09
CA TRP D 109 -19.42 7.98 24.70
C TRP D 109 -19.94 8.90 25.80
N GLY D 110 -20.50 10.03 25.39
CA GLY D 110 -21.17 10.88 26.32
C GLY D 110 -22.40 10.21 26.90
N GLN D 111 -22.85 10.73 28.04
CA GLN D 111 -24.00 10.15 28.70
C GLN D 111 -25.28 10.30 27.90
N GLY D 112 -25.32 11.23 26.95
CA GLY D 112 -26.50 11.48 26.13
C GLY D 112 -27.27 12.70 26.60
N THR D 113 -27.91 13.35 25.64
CA THR D 113 -28.77 14.51 25.90
C THR D 113 -30.10 14.26 25.21
N LEU D 114 -31.17 14.20 25.98
CA LEU D 114 -32.50 13.98 25.42
C LEU D 114 -33.03 15.31 24.89
N VAL D 115 -33.38 15.33 23.61
CA VAL D 115 -34.03 16.47 22.98
C VAL D 115 -35.45 16.06 22.67
N THR D 116 -36.41 16.93 22.99
CA THR D 116 -37.82 16.66 22.80
C THR D 116 -38.44 17.78 21.97
N VAL D 117 -39.08 17.39 20.87
CA VAL D 117 -39.82 18.31 20.01
C VAL D 117 -41.30 17.98 20.17
N SER D 118 -42.04 18.91 20.77
CA SER D 118 -43.48 18.74 20.94
C SER D 118 -44.12 20.12 21.00
N SER D 119 -45.39 20.17 20.63
CA SER D 119 -46.13 21.44 20.61
C SER D 119 -46.78 21.71 21.96
N ALA D 120 -47.48 22.34 24.95
CA ALA D 120 -46.33 21.99 25.76
C ALA D 120 -45.83 23.19 26.54
N SER D 121 -45.58 23.00 27.83
CA SER D 121 -45.13 24.07 28.70
C SER D 121 -44.26 23.47 29.80
N THR D 122 -43.08 24.05 29.99
CA THR D 122 -42.16 23.57 31.02
C THR D 122 -42.76 23.82 32.39
N LYS D 123 -42.74 22.79 33.24
CA LYS D 123 -43.26 22.90 34.60
C LYS D 123 -42.40 22.06 35.53
N GLY D 124 -41.96 22.67 36.62
CA GLY D 124 -41.17 21.97 37.60
C GLY D 124 -42.02 20.98 38.37
N PRO D 125 -41.37 20.02 39.04
CA PRO D 125 -42.13 18.97 39.71
C PRO D 125 -42.62 19.38 41.09
N SER D 126 -43.61 18.64 41.54
CA SER D 126 -44.08 18.66 42.91
C SER D 126 -43.53 17.43 43.62
N VAL D 127 -42.82 17.66 44.71
CA VAL D 127 -42.18 16.59 45.48
C VAL D 127 -43.07 16.29 46.67
N PHE D 128 -43.33 15.00 46.91
CA PHE D 128 -44.03 14.55 48.09
C PHE D 128 -43.24 13.44 48.77
N PRO D 129 -43.34 13.31 50.10
CA PRO D 129 -42.65 12.20 50.78
C PRO D 129 -43.49 10.93 50.77
N LEU D 130 -42.81 9.81 50.95
CA LEU D 130 -43.41 8.48 50.95
C LEU D 130 -42.80 7.71 52.12
N ALA D 131 -43.42 7.83 53.31
CA ALA D 131 -42.86 7.24 54.52
C ALA D 131 -43.31 5.79 54.70
N PRO D 132 -42.58 4.98 55.49
CA PRO D 132 -43.06 3.61 55.73
C PRO D 132 -44.38 3.57 56.49
N THR D 141 -36.33 -4.17 58.02
CA THR D 141 -36.11 -3.41 56.79
C THR D 141 -37.41 -2.77 56.32
N ALA D 142 -37.31 -1.51 55.88
CA ALA D 142 -38.45 -0.76 55.39
C ALA D 142 -38.01 0.14 54.25
N ALA D 143 -38.95 0.44 53.36
CA ALA D 143 -38.70 1.25 52.17
C ALA D 143 -39.35 2.62 52.34
N LEU D 144 -38.74 3.62 51.73
CA LEU D 144 -39.27 4.97 51.73
C LEU D 144 -38.84 5.67 50.46
N GLY D 145 -39.60 6.68 50.05
CA GLY D 145 -39.35 7.32 48.78
C GLY D 145 -39.86 8.73 48.62
N CYS D 146 -39.73 9.25 47.39
CA CYS D 146 -40.18 10.58 47.02
C CYS D 146 -40.97 10.47 45.74
N LEU D 147 -42.15 11.09 45.73
CA LEU D 147 -43.04 11.13 44.58
C LEU D 147 -42.80 12.44 43.84
N VAL D 148 -42.37 12.33 42.59
CA VAL D 148 -42.22 13.46 41.69
C VAL D 148 -43.48 13.48 40.83
N LYS D 149 -44.22 14.58 40.85
CA LYS D 149 -45.55 14.64 40.26
C LYS D 149 -45.71 15.92 39.44
N ASP D 150 -46.47 15.81 38.34
CA ASP D 150 -46.94 16.97 37.60
C ASP D 150 -45.79 17.85 37.13
N TYR D 151 -44.95 17.30 36.25
CA TYR D 151 -43.86 18.05 35.64
C TYR D 151 -43.85 17.75 34.16
N PHE D 152 -43.15 18.61 33.41
CA PHE D 152 -42.97 18.41 31.99
C PHE D 152 -41.85 19.35 31.58
N PRO D 153 -40.93 18.94 30.70
CA PRO D 153 -40.77 17.67 29.99
C PRO D 153 -39.94 16.65 30.78
N GLU D 154 -39.68 15.49 30.19
CA GLU D 154 -38.70 14.59 30.74
C GLU D 154 -37.29 15.11 30.44
N PRO D 155 -36.27 14.64 31.18
CA PRO D 155 -36.26 13.79 32.36
C PRO D 155 -35.93 14.60 33.61
N VAL D 156 -35.85 13.94 34.76
CA VAL D 156 -35.37 14.54 36.00
C VAL D 156 -34.38 13.58 36.61
N THR D 157 -33.49 14.12 37.46
CA THR D 157 -32.45 13.32 38.11
C THR D 157 -32.67 13.37 39.62
N VAL D 158 -32.67 12.20 40.24
CA VAL D 158 -32.95 12.04 41.66
C VAL D 158 -31.75 11.38 42.31
N SER D 159 -31.30 11.96 43.43
CA SER D 159 -30.30 11.38 44.30
C SER D 159 -30.85 11.35 45.71
N TRP D 160 -30.10 10.74 46.63
CA TRP D 160 -30.50 10.64 48.02
C TRP D 160 -29.35 11.10 48.90
N ASN D 161 -29.65 12.11 49.74
CA ASN D 161 -28.65 12.73 50.61
C ASN D 161 -27.45 13.19 49.80
N SER D 162 -27.73 13.78 48.64
CA SER D 162 -26.73 14.33 47.73
C SER D 162 -25.81 13.25 47.18
N GLY D 163 -26.36 12.13 46.74
CA GLY D 163 -25.57 11.03 46.23
C GLY D 163 -24.76 10.31 47.27
N ALA D 164 -25.00 10.57 48.56
CA ALA D 164 -24.22 9.94 49.61
C ALA D 164 -24.43 8.45 49.68
N LEU D 165 -25.55 7.94 49.15
CA LEU D 165 -25.87 6.53 49.20
C LEU D 165 -26.51 6.09 47.90
N THR D 166 -26.33 4.80 47.58
CA THR D 166 -26.95 4.20 46.40
C THR D 166 -27.58 2.84 46.69
N SER D 167 -27.34 2.26 47.86
CA SER D 167 -27.84 0.92 48.17
C SER D 167 -29.35 1.00 48.35
N GLY D 168 -30.08 0.17 47.60
CA GLY D 168 -31.51 0.14 47.65
C GLY D 168 -32.22 1.18 46.83
N VAL D 169 -31.51 2.22 46.39
CA VAL D 169 -32.15 3.28 45.62
C VAL D 169 -32.59 2.73 44.27
N HIS D 170 -33.83 3.01 43.91
CA HIS D 170 -34.34 2.64 42.58
C HIS D 170 -35.20 3.78 42.05
N THR D 171 -34.73 4.41 40.98
CA THR D 171 -35.55 5.36 40.23
C THR D 171 -36.39 4.60 39.23
N PHE D 172 -37.68 4.87 39.21
CA PHE D 172 -38.62 4.20 38.32
C PHE D 172 -38.83 5.02 37.05
N PRO D 173 -39.19 4.40 35.93
CA PRO D 173 -39.54 5.19 34.74
C PRO D 173 -40.74 6.07 35.01
N ALA D 174 -40.74 7.26 34.41
CA ALA D 174 -41.84 8.19 34.61
C ALA D 174 -43.03 7.82 33.75
N VAL D 175 -44.21 8.23 34.21
CA VAL D 175 -45.47 7.98 33.52
C VAL D 175 -45.94 9.28 32.90
N LEU D 176 -46.41 9.20 31.67
CA LEU D 176 -47.04 10.32 30.99
C LEU D 176 -48.52 10.30 31.32
N GLN D 177 -48.94 11.20 32.19
CA GLN D 177 -50.35 11.31 32.52
C GLN D 177 -51.13 11.80 31.31
N SER D 178 -52.44 11.62 31.36
CA SER D 178 -53.30 12.07 30.27
C SER D 178 -53.28 13.57 30.09
N SER D 179 -52.91 14.34 31.12
CA SER D 179 -52.86 15.79 31.05
C SER D 179 -51.56 16.32 30.44
N GLY D 180 -50.73 15.44 29.87
CA GLY D 180 -49.48 15.88 29.29
C GLY D 180 -48.40 16.21 30.28
N LEU D 181 -48.57 15.86 31.55
CA LEU D 181 -47.59 16.10 32.59
C LEU D 181 -47.07 14.76 33.10
N TYR D 182 -45.79 14.72 33.43
CA TYR D 182 -45.11 13.49 33.83
C TYR D 182 -45.11 13.30 35.34
N SER D 183 -44.81 12.08 35.75
CA SER D 183 -44.66 11.74 37.16
C SER D 183 -43.83 10.48 37.27
N LEU D 184 -42.98 10.43 38.30
CA LEU D 184 -42.25 9.23 38.67
C LEU D 184 -42.15 9.18 40.18
N SER D 185 -41.42 8.19 40.69
CA SER D 185 -41.10 8.11 42.10
C SER D 185 -39.77 7.38 42.27
N SER D 186 -39.06 7.78 43.32
CA SER D 186 -37.75 7.22 43.65
C SER D 186 -37.83 6.62 45.04
N VAL D 187 -37.49 5.34 45.15
CA VAL D 187 -37.62 4.59 46.40
C VAL D 187 -36.28 4.02 46.79
N VAL D 188 -36.10 3.83 48.10
CA VAL D 188 -34.88 3.26 48.65
C VAL D 188 -35.24 2.46 49.90
N THR D 189 -34.56 1.34 50.07
CA THR D 189 -34.73 0.48 51.24
C THR D 189 -33.65 0.79 52.27
N VAL D 190 -34.05 0.81 53.54
CA VAL D 190 -33.17 1.11 54.65
C VAL D 190 -33.51 0.12 55.76
N PRO D 191 -32.58 -0.28 56.62
CA PRO D 191 -32.97 -1.05 57.80
C PRO D 191 -33.92 -0.28 58.69
N SER D 192 -34.87 -0.99 59.29
CA SER D 192 -35.85 -0.36 60.16
C SER D 192 -35.23 0.18 61.46
N SER D 193 -33.99 -0.16 61.78
CA SER D 193 -33.29 0.40 62.93
C SER D 193 -32.82 1.83 62.69
N SER D 194 -32.61 2.21 61.44
CA SER D 194 -32.16 3.55 61.10
C SER D 194 -33.28 4.58 61.09
N LEU D 195 -34.53 4.17 61.26
CA LEU D 195 -35.63 5.11 61.28
C LEU D 195 -35.52 6.03 62.49
N GLY D 196 -35.62 7.33 62.25
CA GLY D 196 -35.53 8.31 63.32
C GLY D 196 -34.13 8.62 63.80
N THR D 197 -33.12 7.88 63.32
CA THR D 197 -31.73 8.09 63.70
C THR D 197 -30.86 8.58 62.54
N GLN D 198 -31.44 8.76 61.35
CA GLN D 198 -30.69 9.23 60.19
C GLN D 198 -31.62 10.08 59.35
N THR D 199 -31.10 11.23 58.89
CA THR D 199 -31.88 12.15 58.08
C THR D 199 -31.77 11.74 56.63
N TYR D 200 -32.88 11.24 56.07
CA TYR D 200 -32.93 10.77 54.69
C TYR D 200 -33.65 11.81 53.86
N ILE D 201 -32.96 12.29 52.81
CA ILE D 201 -33.44 13.39 51.98
C ILE D 201 -33.16 13.04 50.53
N CYS D 202 -34.16 13.24 49.68
CA CYS D 202 -34.01 13.08 48.23
C CYS D 202 -33.80 14.44 47.59
N ASN D 203 -32.84 14.51 46.68
CA ASN D 203 -32.47 15.74 45.99
C ASN D 203 -32.82 15.55 44.51
N VAL D 204 -33.68 16.41 43.98
CA VAL D 204 -34.25 16.20 42.65
C VAL D 204 -34.02 17.45 41.80
N ASN D 205 -33.68 17.21 40.54
CA ASN D 205 -33.36 18.24 39.56
C ASN D 205 -34.19 18.07 38.31
N HIS D 206 -34.81 19.15 37.86
CA HIS D 206 -35.51 19.24 36.58
C HIS D 206 -34.85 20.37 35.80
N LYS D 207 -33.79 20.02 35.08
CA LYS D 207 -33.00 21.02 34.37
C LYS D 207 -33.78 21.82 33.33
N PRO D 208 -34.70 21.25 32.55
CA PRO D 208 -35.52 22.10 31.68
C PRO D 208 -36.27 23.19 32.42
N SER D 209 -36.83 22.90 33.58
CA SER D 209 -37.40 23.91 34.46
C SER D 209 -36.38 24.45 35.46
N ASN D 210 -35.23 23.79 35.61
CA ASN D 210 -34.20 24.21 36.56
C ASN D 210 -34.77 24.21 37.98
N THR D 211 -35.29 23.06 38.41
CA THR D 211 -35.92 22.92 39.73
C THR D 211 -35.07 21.97 40.57
N LYS D 212 -34.07 22.53 41.23
CA LYS D 212 -33.33 21.82 42.27
C LYS D 212 -34.11 21.97 43.56
N VAL D 213 -34.54 20.85 44.14
CA VAL D 213 -35.24 20.89 45.42
C VAL D 213 -34.92 19.65 46.23
N ASP D 214 -34.86 19.82 47.55
CA ASP D 214 -34.63 18.72 48.49
C ASP D 214 -35.94 18.40 49.20
N LYS D 215 -36.08 17.15 49.64
CA LYS D 215 -37.21 16.74 50.46
C LYS D 215 -36.79 15.65 51.41
N ARG D 216 -36.89 15.93 52.71
CA ARG D 216 -36.64 14.96 53.75
C ARG D 216 -37.87 14.08 53.95
N VAL D 217 -37.63 12.82 54.30
CA VAL D 217 -38.69 11.84 54.52
C VAL D 217 -38.67 11.46 55.98
N GLU D 218 -39.83 11.57 56.63
CA GLU D 218 -40.00 11.19 58.02
C GLU D 218 -41.31 10.44 58.20
N PRO D 219 -41.47 9.66 59.29
CA PRO D 219 -42.73 8.97 59.51
C PRO D 219 -43.93 9.92 59.62
N GLN E 1 -29.30 6.15 2.46
CA GLN E 1 -28.13 5.27 2.76
C GLN E 1 -28.57 4.09 3.61
N SER E 2 -28.40 2.89 3.07
CA SER E 2 -28.98 1.69 3.68
C SER E 2 -28.33 1.39 5.02
N ALA E 3 -29.15 1.27 6.05
CA ALA E 3 -28.66 0.78 7.34
C ALA E 3 -28.20 -0.66 7.20
N LEU E 4 -27.10 -0.98 7.86
CA LEU E 4 -26.57 -2.34 7.80
C LEU E 4 -27.56 -3.31 8.43
N THR E 5 -27.78 -4.43 7.75
CA THR E 5 -28.76 -5.41 8.19
C THR E 5 -28.23 -6.17 9.40
N GLN E 6 -28.98 -6.15 10.50
CA GLN E 6 -28.69 -6.92 11.69
C GLN E 6 -29.92 -7.74 12.07
N PRO E 7 -29.75 -8.89 12.73
CA PRO E 7 -30.93 -9.61 13.23
C PRO E 7 -31.64 -8.79 14.30
N ALA E 8 -32.96 -8.92 14.33
CA ALA E 8 -33.75 -8.12 15.26
C ALA E 8 -33.40 -8.46 16.71
N SER E 9 -33.28 -9.75 17.02
CA SER E 9 -32.96 -10.17 18.37
C SER E 9 -32.46 -11.60 18.32
N VAL E 10 -31.65 -11.97 19.33
CA VAL E 10 -31.14 -13.32 19.49
C VAL E 10 -31.29 -13.72 20.95
N SER E 11 -31.30 -15.03 21.18
CA SER E 11 -31.48 -15.59 22.51
C SER E 11 -30.51 -16.74 22.72
N GLY E 12 -30.18 -16.98 23.98
CA GLY E 12 -29.31 -18.08 24.36
C GLY E 12 -29.30 -18.28 25.84
N SER E 13 -28.86 -19.47 26.26
CA SER E 13 -28.80 -19.81 27.68
C SER E 13 -27.46 -19.38 28.26
N PRO E 14 -27.36 -19.26 29.59
CA PRO E 14 -26.07 -18.89 30.20
C PRO E 14 -24.99 -19.92 29.89
N GLY E 15 -23.77 -19.41 29.67
CA GLY E 15 -22.65 -20.26 29.36
C GLY E 15 -22.54 -20.68 27.92
N GLN E 16 -23.58 -20.46 27.12
CA GLN E 16 -23.53 -20.83 25.72
C GLN E 16 -22.74 -19.80 24.92
N SER E 17 -22.38 -20.19 23.70
CA SER E 17 -21.72 -19.31 22.75
C SER E 17 -22.72 -18.94 21.67
N ILE E 18 -22.81 -17.64 21.37
CA ILE E 18 -23.73 -17.11 20.38
C ILE E 18 -22.95 -16.19 19.45
N THR E 19 -23.57 -15.86 18.32
CA THR E 19 -22.96 -14.97 17.33
C THR E 19 -24.04 -14.10 16.71
N ILE E 20 -23.70 -12.83 16.49
CA ILE E 20 -24.57 -11.86 15.83
C ILE E 20 -23.88 -11.40 14.56
N SER E 21 -24.61 -11.45 13.45
CA SER E 21 -24.10 -11.07 12.14
C SER E 21 -24.59 -9.68 11.76
N CYS E 22 -23.79 -9.00 10.93
CA CYS E 22 -24.13 -7.69 10.41
C CYS E 22 -23.66 -7.64 8.96
N THR E 23 -24.61 -7.70 8.02
CA THR E 23 -24.31 -7.76 6.60
C THR E 23 -24.53 -6.40 5.96
N GLY E 24 -23.63 -6.05 5.03
CA GLY E 24 -23.72 -4.82 4.29
C GLY E 24 -23.22 -4.99 2.87
N THR E 25 -22.87 -3.89 2.22
CA THR E 25 -22.34 -3.92 0.87
C THR E 25 -20.81 -4.03 0.92
N ASN E 26 -20.22 -4.23 -0.24
CA ASN E 26 -18.75 -4.21 -0.31
C ASN E 26 -18.21 -2.84 0.02
N SER E 27 -18.87 -1.77 -0.44
CA SER E 27 -18.39 -0.41 -0.26
C SER E 27 -18.27 0.00 1.20
N ASP E 28 -18.95 -0.68 2.13
CA ASP E 28 -18.95 -0.30 3.53
C ASP E 28 -18.21 -1.31 4.41
N ILE E 29 -18.56 -2.59 4.34
CA ILE E 29 -17.91 -3.62 5.15
C ILE E 29 -16.78 -4.29 4.38
N GLY E 30 -17.05 -4.72 3.14
CA GLY E 30 -16.04 -5.43 2.39
C GLY E 30 -14.84 -4.57 2.05
N SER E 31 -15.09 -3.32 1.69
CA SER E 31 -14.04 -2.43 1.20
C SER E 31 -13.21 -1.80 2.31
N HIS E 32 -13.69 -1.85 3.56
CA HIS E 32 -13.05 -1.15 4.66
C HIS E 32 -12.98 -2.07 5.86
N ASN E 33 -11.81 -2.10 6.51
CA ASN E 33 -11.62 -2.84 7.75
C ASN E 33 -11.81 -1.93 8.96
N LEU E 34 -12.99 -1.33 9.05
CA LEU E 34 -13.30 -0.33 10.06
C LEU E 34 -14.69 -0.58 10.66
N VAL E 35 -15.08 -1.85 10.80
CA VAL E 35 -16.34 -2.21 11.42
C VAL E 35 -16.13 -2.31 12.92
N SER E 36 -17.11 -1.85 13.69
CA SER E 36 -17.06 -1.87 15.14
C SER E 36 -18.39 -2.38 15.69
N TRP E 37 -18.32 -2.95 16.89
CA TRP E 37 -19.48 -3.50 17.59
C TRP E 37 -19.58 -2.82 18.94
N TYR E 38 -20.77 -2.30 19.24
CA TYR E 38 -21.04 -1.52 20.44
C TYR E 38 -22.21 -2.15 21.20
N GLN E 39 -22.07 -2.24 22.52
CA GLN E 39 -23.13 -2.70 23.41
C GLN E 39 -23.79 -1.49 24.06
N GLN E 40 -25.07 -1.62 24.37
CA GLN E 40 -25.81 -0.60 25.10
C GLN E 40 -26.82 -1.27 26.02
N HIS E 41 -26.90 -0.76 27.26
CA HIS E 41 -27.85 -1.20 28.26
C HIS E 41 -28.99 -0.18 28.38
N PRO E 42 -30.11 -0.57 28.99
CA PRO E 42 -31.19 0.41 29.18
C PRO E 42 -30.73 1.57 30.05
N GLY E 43 -31.13 2.77 29.66
CA GLY E 43 -30.73 3.95 30.39
C GLY E 43 -29.23 4.17 30.46
N LYS E 44 -28.47 3.64 29.52
CA LYS E 44 -27.03 3.77 29.48
C LYS E 44 -26.55 4.06 28.07
N ALA E 45 -25.49 4.85 27.97
CA ALA E 45 -24.93 5.16 26.67
C ALA E 45 -24.27 3.92 26.09
N PRO E 46 -24.06 3.87 24.77
CA PRO E 46 -23.38 2.71 24.19
C PRO E 46 -21.96 2.59 24.70
N LYS E 47 -21.51 1.34 24.82
CA LYS E 47 -20.14 1.01 25.16
C LYS E 47 -19.52 0.25 23.99
N VAL E 48 -18.35 0.70 23.56
CA VAL E 48 -17.65 0.03 22.48
C VAL E 48 -17.17 -1.33 22.98
N MET E 49 -17.29 -2.34 22.13
CA MET E 49 -16.89 -3.71 22.42
C MET E 49 -15.79 -4.22 21.50
N ILE E 50 -15.90 -3.96 20.19
CA ILE E 50 -14.89 -4.37 19.22
C ILE E 50 -14.73 -3.26 18.20
N TYR E 51 -13.52 -3.10 17.67
CA TYR E 51 -13.24 -2.16 16.61
C TYR E 51 -12.23 -2.76 15.64
N ASP E 52 -12.24 -2.26 14.41
CA ASP E 52 -11.33 -2.70 13.35
C ASP E 52 -11.46 -4.19 13.09
N ASP E 53 -12.69 -4.70 13.28
CA ASP E 53 -13.13 -6.05 12.95
C ASP E 53 -12.61 -7.14 13.87
N SER E 54 -11.60 -6.87 14.69
CA SER E 54 -11.17 -7.82 15.71
C SER E 54 -10.69 -7.18 17.00
N LYS E 55 -10.34 -5.90 16.97
CA LYS E 55 -9.55 -5.33 18.05
C LYS E 55 -10.41 -5.09 19.28
N ARG E 56 -9.87 -5.45 20.43
CA ARG E 56 -10.56 -5.42 21.70
C ARG E 56 -10.11 -4.23 22.53
N PRO E 57 -10.98 -3.29 22.88
CA PRO E 57 -10.55 -2.22 23.78
C PRO E 57 -10.15 -2.77 25.13
N SER E 58 -9.24 -2.06 25.80
CA SER E 58 -8.80 -2.47 27.13
C SER E 58 -9.99 -2.47 28.10
N GLY E 59 -10.05 -3.50 28.94
CA GLY E 59 -11.13 -3.68 29.87
C GLY E 59 -12.30 -4.50 29.35
N VAL E 60 -12.31 -4.84 28.06
CA VAL E 60 -13.37 -5.66 27.49
C VAL E 60 -13.00 -7.12 27.66
N SER E 61 -13.98 -7.94 28.04
CA SER E 61 -13.72 -9.34 28.33
C SER E 61 -13.26 -10.07 27.07
N ASN E 62 -12.50 -11.16 27.30
CA ASN E 62 -12.02 -11.99 26.20
C ASN E 62 -13.14 -12.67 25.43
N ARG E 63 -14.32 -12.83 26.04
CA ARG E 63 -15.37 -13.62 25.42
C ARG E 63 -15.91 -12.99 24.15
N PHE E 64 -15.73 -11.67 23.99
CA PHE E 64 -16.23 -10.95 22.83
C PHE E 64 -15.18 -10.98 21.74
N SER E 65 -15.47 -11.67 20.63
CA SER E 65 -14.55 -11.82 19.52
C SER E 65 -15.20 -11.35 18.23
N GLY E 66 -14.59 -10.38 17.58
CA GLY E 66 -15.07 -9.86 16.31
C GLY E 66 -14.42 -10.56 15.14
N SER E 67 -15.09 -10.51 13.99
CA SER E 67 -14.57 -11.10 12.77
C SER E 67 -15.27 -10.45 11.59
N LYS E 68 -14.69 -10.63 10.41
CA LYS E 68 -15.27 -10.14 9.17
C LYS E 68 -15.03 -11.17 8.07
N SER E 69 -16.02 -11.30 7.19
CA SER E 69 -15.92 -12.12 5.99
C SER E 69 -16.73 -11.45 4.90
N GLY E 70 -16.06 -11.09 3.81
CA GLY E 70 -16.74 -10.37 2.74
C GLY E 70 -17.32 -9.07 3.26
N SER E 71 -18.60 -8.85 2.93
CA SER E 71 -19.34 -7.70 3.41
C SER E 71 -20.18 -8.02 4.64
N THR E 72 -19.74 -8.98 5.46
CA THR E 72 -20.48 -9.42 6.64
C THR E 72 -19.55 -9.47 7.84
N ALA E 73 -19.79 -8.60 8.80
CA ALA E 73 -19.11 -8.65 10.09
C ALA E 73 -19.87 -9.57 11.03
N SER E 74 -19.18 -10.05 12.06
CA SER E 74 -19.77 -10.95 13.03
C SER E 74 -19.12 -10.73 14.39
N LEU E 75 -19.92 -10.88 15.43
CA LEU E 75 -19.44 -10.80 16.80
C LEU E 75 -19.89 -12.05 17.53
N THR E 76 -18.94 -12.84 18.00
CA THR E 76 -19.19 -14.07 18.74
C THR E 76 -18.92 -13.82 20.22
N ILE E 77 -19.92 -14.12 21.04
CA ILE E 77 -19.82 -14.04 22.49
C ILE E 77 -19.87 -15.46 23.00
N SER E 78 -18.72 -15.96 23.43
CA SER E 78 -18.64 -17.27 24.07
C SER E 78 -19.00 -17.14 25.54
N GLY E 79 -19.47 -18.24 26.12
CA GLY E 79 -19.76 -18.28 27.54
C GLY E 79 -20.71 -17.19 27.99
N LEU E 80 -21.97 -17.30 27.57
CA LEU E 80 -22.94 -16.22 27.79
C LEU E 80 -23.17 -15.98 29.28
N GLN E 81 -23.32 -14.71 29.64
CA GLN E 81 -23.43 -14.28 31.03
C GLN E 81 -24.62 -13.36 31.21
N SER E 82 -24.93 -13.07 32.48
CA SER E 82 -26.06 -12.21 32.80
C SER E 82 -25.89 -10.81 32.22
N GLU E 83 -24.68 -10.26 32.34
CA GLU E 83 -24.40 -8.90 31.86
C GLU E 83 -24.48 -8.76 30.36
N ASP E 84 -24.46 -9.87 29.61
CA ASP E 84 -24.45 -9.81 28.16
C ASP E 84 -25.79 -9.45 27.56
N GLU E 85 -26.89 -9.67 28.29
CA GLU E 85 -28.22 -9.31 27.79
C GLU E 85 -28.28 -7.80 27.59
N ALA E 86 -28.39 -7.38 26.32
CA ALA E 86 -28.27 -5.96 25.99
C ALA E 86 -28.52 -5.78 24.50
N ASP E 87 -28.60 -4.53 24.06
CA ASP E 87 -28.72 -4.23 22.65
C ASP E 87 -27.32 -4.05 22.07
N TYR E 88 -27.14 -4.50 20.84
CA TYR E 88 -25.83 -4.53 20.20
C TYR E 88 -25.96 -3.98 18.80
N TYR E 89 -25.03 -3.10 18.42
CA TYR E 89 -25.07 -2.42 17.14
C TYR E 89 -23.73 -2.57 16.43
N CYS E 90 -23.79 -2.90 15.15
CA CYS E 90 -22.64 -2.80 14.27
C CYS E 90 -22.62 -1.42 13.63
N CYS E 91 -21.43 -0.84 13.51
CA CYS E 91 -21.23 0.44 12.87
C CYS E 91 -20.04 0.35 11.93
N SER E 92 -20.22 0.80 10.69
CA SER E 92 -19.20 0.70 9.67
C SER E 92 -19.07 2.00 8.91
N TYR E 93 -17.85 2.30 8.49
CA TYR E 93 -17.63 3.41 7.57
C TYR E 93 -18.14 3.03 6.19
N ALA E 94 -18.93 3.92 5.58
CA ALA E 94 -19.61 3.67 4.32
C ALA E 94 -19.10 4.58 3.22
N GLY E 95 -17.82 4.93 3.25
CA GLY E 95 -17.25 5.76 2.21
C GLY E 95 -17.77 7.19 2.23
N SER E 96 -17.06 8.08 1.55
CA SER E 96 -17.46 9.47 1.41
C SER E 96 -17.70 10.13 2.77
N SER E 97 -16.81 9.83 3.70
CA SER E 97 -16.80 10.41 5.04
C SER E 97 -18.08 10.10 5.81
N ASN E 98 -18.70 8.95 5.56
CA ASN E 98 -19.97 8.59 6.16
C ASN E 98 -19.89 7.28 6.92
N TRP E 99 -20.54 7.25 8.07
CA TRP E 99 -20.62 6.09 8.95
C TRP E 99 -22.07 5.70 9.14
N VAL E 100 -22.34 4.40 9.12
CA VAL E 100 -23.69 3.85 9.14
C VAL E 100 -23.77 2.84 10.28
N PHE E 101 -24.83 2.94 11.08
CA PHE E 101 -25.11 2.00 12.15
C PHE E 101 -26.07 0.93 11.66
N GLY E 102 -25.93 -0.27 12.21
CA GLY E 102 -26.83 -1.33 11.87
C GLY E 102 -28.18 -1.18 12.53
N GLY E 103 -29.11 -2.04 12.12
CA GLY E 103 -30.43 -2.04 12.72
C GLY E 103 -30.47 -2.45 14.18
N GLY E 104 -29.40 -3.07 14.67
CA GLY E 104 -29.34 -3.47 16.07
C GLY E 104 -29.86 -4.88 16.28
N THR E 105 -29.46 -5.46 17.40
CA THR E 105 -29.91 -6.79 17.80
C THR E 105 -30.08 -6.80 19.31
N LYS E 106 -31.22 -7.29 19.77
CA LYS E 106 -31.49 -7.42 21.20
C LYS E 106 -31.09 -8.82 21.66
N LEU E 107 -29.99 -8.92 22.41
CA LEU E 107 -29.55 -10.16 23.01
C LEU E 107 -30.27 -10.33 24.34
N THR E 108 -31.05 -11.40 24.45
CA THR E 108 -31.85 -11.73 25.63
C THR E 108 -31.45 -13.10 26.15
N LEU E 109 -31.66 -13.32 27.44
CA LEU E 109 -31.32 -14.57 28.10
C LEU E 109 -32.56 -15.40 28.39
N LEU E 110 -32.45 -16.72 28.21
CA LEU E 110 -33.52 -17.65 28.51
C LEU E 110 -33.31 -18.31 29.86
N ALA E 115 -39.48 -14.89 37.91
CA ALA E 115 -39.19 -13.82 38.86
C ALA E 115 -40.45 -13.18 39.41
N ALA E 116 -40.69 -13.39 40.71
CA ALA E 116 -41.88 -12.84 41.34
C ALA E 116 -41.73 -11.34 41.54
N PRO E 117 -42.84 -10.61 41.70
CA PRO E 117 -42.73 -9.15 41.86
C PRO E 117 -42.47 -8.76 43.30
N SER E 118 -42.00 -7.52 43.45
CA SER E 118 -41.77 -6.90 44.75
C SER E 118 -42.68 -5.68 44.83
N VAL E 119 -43.83 -5.87 45.48
CA VAL E 119 -44.85 -4.83 45.52
C VAL E 119 -44.57 -3.88 46.66
N THR E 120 -44.87 -2.60 46.45
CA THR E 120 -44.75 -1.58 47.49
C THR E 120 -45.88 -0.58 47.25
N LEU E 121 -46.82 -0.53 48.18
CA LEU E 121 -47.98 0.33 48.08
C LEU E 121 -47.84 1.49 49.05
N PHE E 122 -47.67 2.70 48.50
CA PHE E 122 -47.56 3.93 49.27
C PHE E 122 -48.83 4.75 49.15
N PRO E 123 -49.35 5.32 50.23
CA PRO E 123 -50.60 6.07 50.15
C PRO E 123 -50.33 7.51 49.74
N PRO E 124 -51.38 8.31 49.59
CA PRO E 124 -51.19 9.74 49.41
C PRO E 124 -50.48 10.35 50.62
N SER E 125 -49.55 11.27 50.35
CA SER E 125 -48.85 11.95 51.41
C SER E 125 -49.78 12.96 52.09
N SER E 126 -49.40 13.36 53.30
CA SER E 126 -50.18 14.37 54.01
C SER E 126 -50.18 15.69 53.26
N GLU E 127 -49.05 16.08 52.67
CA GLU E 127 -48.99 17.33 51.91
C GLU E 127 -49.89 17.27 50.69
N GLU E 128 -49.91 16.13 49.99
CA GLU E 128 -50.75 16.00 48.81
C GLU E 128 -52.22 16.15 49.17
N LEU E 129 -52.64 15.49 50.26
CA LEU E 129 -54.01 15.65 50.74
C LEU E 129 -54.29 17.10 51.10
N GLN E 130 -53.34 17.77 51.75
CA GLN E 130 -53.45 19.19 52.01
C GLN E 130 -53.48 20.01 50.72
N ALA E 131 -52.90 19.48 49.63
CA ALA E 131 -52.94 20.11 48.33
C ALA E 131 -54.18 19.76 47.51
N ASN E 132 -55.23 19.26 48.17
CA ASN E 132 -56.50 18.95 47.51
C ASN E 132 -56.33 17.92 46.40
N LYS E 133 -55.40 16.98 46.58
CA LYS E 133 -55.21 15.88 45.65
C LYS E 133 -54.75 14.67 46.44
N ALA E 134 -54.84 13.50 45.81
CA ALA E 134 -54.41 12.28 46.46
C ALA E 134 -54.00 11.29 45.39
N THR E 135 -52.98 10.48 45.69
CA THR E 135 -52.51 9.47 44.76
C THR E 135 -51.96 8.27 45.52
N LEU E 136 -52.29 7.08 45.04
CA LEU E 136 -51.78 5.82 45.54
C LEU E 136 -50.74 5.30 44.57
N VAL E 137 -49.55 4.96 45.09
CA VAL E 137 -48.42 4.57 44.26
C VAL E 137 -48.17 3.09 44.50
N CYS E 138 -48.19 2.30 43.43
CA CYS E 138 -47.91 0.87 43.46
C CYS E 138 -46.64 0.61 42.68
N LEU E 139 -45.58 0.20 43.37
CA LEU E 139 -44.26 0.04 42.78
C LEU E 139 -43.92 -1.45 42.72
N ILE E 140 -43.55 -1.92 41.53
CA ILE E 140 -43.24 -3.33 41.29
C ILE E 140 -41.81 -3.39 40.76
N SER E 141 -41.06 -4.39 41.20
CA SER E 141 -39.67 -4.50 40.78
C SER E 141 -39.23 -5.95 40.84
N ASP E 142 -38.17 -6.24 40.09
CA ASP E 142 -37.46 -7.51 40.17
C ASP E 142 -38.39 -8.67 39.81
N PHE E 143 -39.14 -8.50 38.73
CA PHE E 143 -39.97 -9.56 38.17
C PHE E 143 -39.49 -9.85 36.75
N TYR E 144 -39.41 -11.15 36.44
CA TYR E 144 -39.00 -11.64 35.14
C TYR E 144 -39.96 -12.76 34.76
N PRO E 145 -40.46 -12.81 33.51
CA PRO E 145 -40.30 -11.86 32.39
C PRO E 145 -41.00 -10.52 32.64
N GLY E 146 -41.02 -9.65 31.64
CA GLY E 146 -41.65 -8.36 31.76
C GLY E 146 -43.10 -8.35 31.30
N ALA E 147 -43.92 -9.21 31.90
CA ALA E 147 -45.34 -9.30 31.58
C ALA E 147 -46.10 -9.38 32.90
N VAL E 148 -46.86 -8.33 33.22
CA VAL E 148 -47.52 -8.21 34.51
C VAL E 148 -48.82 -7.44 34.34
N THR E 149 -49.84 -7.86 35.09
CA THR E 149 -51.13 -7.20 35.14
C THR E 149 -51.27 -6.49 36.49
N VAL E 150 -51.80 -5.27 36.44
CA VAL E 150 -51.98 -4.44 37.63
C VAL E 150 -53.46 -4.09 37.75
N ALA E 151 -53.99 -4.21 38.96
CA ALA E 151 -55.39 -3.96 39.24
C ALA E 151 -55.50 -3.11 40.49
N TRP E 152 -56.44 -2.18 40.48
CA TRP E 152 -56.71 -1.29 41.60
C TRP E 152 -58.10 -1.59 42.16
N LYS E 153 -58.23 -1.51 43.49
CA LYS E 153 -59.46 -1.86 44.17
C LYS E 153 -59.75 -0.83 45.25
N ALA E 154 -60.97 -0.29 45.22
CA ALA E 154 -61.49 0.54 46.30
C ALA E 154 -62.24 -0.39 47.25
N ASP E 155 -61.65 -0.63 48.43
CA ASP E 155 -62.16 -1.62 49.38
C ASP E 155 -62.23 -2.99 48.70
N SER E 156 -63.30 -3.24 47.94
CA SER E 156 -63.47 -4.52 47.25
C SER E 156 -64.08 -4.36 45.86
N SER E 157 -63.82 -3.23 45.17
CA SER E 157 -64.41 -2.95 43.87
C SER E 157 -63.36 -2.39 42.91
N PRO E 158 -63.37 -2.80 41.62
CA PRO E 158 -62.31 -2.33 40.71
C PRO E 158 -62.46 -0.86 40.37
N VAL E 159 -61.41 -0.07 40.61
CA VAL E 159 -61.50 1.38 40.47
C VAL E 159 -61.38 1.78 39.01
N LYS E 160 -60.21 1.54 38.42
CA LYS E 160 -59.91 1.76 37.00
C LYS E 160 -59.85 3.23 36.60
N ALA E 161 -60.13 4.17 37.50
CA ALA E 161 -60.23 5.59 37.16
C ALA E 161 -58.87 6.27 37.37
N GLY E 162 -58.21 6.61 36.27
CA GLY E 162 -56.95 7.33 36.32
C GLY E 162 -55.86 6.56 37.03
N VAL E 163 -55.59 5.35 36.56
CA VAL E 163 -54.60 4.48 37.19
C VAL E 163 -53.19 4.75 36.68
N GLU E 164 -53.02 5.03 35.38
CA GLU E 164 -51.74 5.46 34.81
C GLU E 164 -50.61 4.47 35.11
N THR E 165 -50.73 3.25 34.63
CA THR E 165 -49.72 2.22 34.80
C THR E 165 -48.70 2.31 33.69
N THR E 166 -47.42 2.28 34.05
CA THR E 166 -46.34 2.33 33.08
C THR E 166 -46.11 0.96 32.47
N THR E 167 -45.36 0.94 31.38
CA THR E 167 -44.98 -0.33 30.76
C THR E 167 -43.86 -0.97 31.58
N PRO E 168 -43.69 -2.29 31.51
CA PRO E 168 -42.51 -2.89 32.13
C PRO E 168 -41.23 -2.37 31.49
N SER E 169 -40.21 -2.15 32.31
CA SER E 169 -38.94 -1.61 31.88
C SER E 169 -37.80 -2.47 32.42
N LYS E 170 -36.90 -2.84 31.52
CA LYS E 170 -35.79 -3.73 31.88
C LYS E 170 -34.94 -3.11 32.97
N GLN E 171 -34.41 -3.96 33.84
CA GLN E 171 -33.54 -3.55 34.94
C GLN E 171 -32.10 -3.89 34.60
N SER E 172 -31.17 -3.35 35.39
CA SER E 172 -29.76 -3.70 35.23
C SER E 172 -29.47 -5.14 35.61
N ASN E 173 -30.37 -5.81 36.33
CA ASN E 173 -30.21 -7.21 36.73
C ASN E 173 -31.07 -8.12 35.88
N ASN E 174 -31.30 -7.75 34.61
CA ASN E 174 -32.04 -8.56 33.65
C ASN E 174 -33.48 -8.83 34.10
N LYS E 175 -34.04 -7.99 34.96
CA LYS E 175 -35.42 -8.09 35.41
C LYS E 175 -36.16 -6.81 35.02
N TYR E 176 -37.41 -6.70 35.46
CA TYR E 176 -38.29 -5.62 35.06
C TYR E 176 -38.86 -4.91 36.28
N ALA E 177 -39.30 -3.67 36.03
CA ALA E 177 -39.91 -2.81 37.04
C ALA E 177 -41.09 -2.07 36.42
N ALA E 178 -41.96 -1.56 37.29
CA ALA E 178 -43.14 -0.83 36.86
C ALA E 178 -43.71 -0.01 38.01
N SER E 179 -44.57 0.92 37.67
CA SER E 179 -45.21 1.79 38.65
C SER E 179 -46.62 2.13 38.18
N SER E 180 -47.55 2.22 39.13
CA SER E 180 -48.93 2.60 38.88
C SER E 180 -49.31 3.74 39.82
N TYR E 181 -50.07 4.70 39.32
CA TYR E 181 -50.39 5.93 40.02
C TYR E 181 -51.90 6.15 39.98
N LEU E 182 -52.61 5.60 40.96
CA LEU E 182 -54.05 5.81 41.04
C LEU E 182 -54.31 7.17 41.66
N SER E 183 -54.65 8.15 40.83
CA SER E 183 -54.93 9.51 41.27
C SER E 183 -56.41 9.63 41.58
N LEU E 184 -56.73 10.33 42.67
CA LEU E 184 -58.10 10.54 43.07
C LEU E 184 -58.15 11.72 44.03
N THR E 185 -59.33 12.31 44.16
CA THR E 185 -59.55 13.38 45.10
C THR E 185 -59.49 12.81 46.53
N PRO E 186 -59.02 13.59 47.50
CA PRO E 186 -59.03 13.09 48.88
C PRO E 186 -60.43 12.79 49.41
N GLU E 187 -61.46 13.35 48.79
CA GLU E 187 -62.82 13.19 49.29
C GLU E 187 -63.22 11.72 49.35
N GLN E 188 -62.86 10.95 48.33
CA GLN E 188 -63.13 9.52 48.29
C GLN E 188 -61.98 8.67 48.84
N TRP E 189 -60.94 9.30 49.41
CA TRP E 189 -59.90 8.57 50.10
C TRP E 189 -60.26 8.26 51.55
N LYS E 190 -60.73 9.26 52.29
CA LYS E 190 -61.26 9.00 53.62
C LYS E 190 -62.60 8.27 53.56
N SER E 191 -63.38 8.48 52.50
CA SER E 191 -64.70 7.84 52.41
C SER E 191 -64.56 6.33 52.33
N HIS E 192 -63.90 5.84 51.30
CA HIS E 192 -63.69 4.40 51.18
C HIS E 192 -62.74 3.92 52.27
N ARG E 193 -63.05 2.75 52.82
CA ARG E 193 -62.32 2.25 53.98
C ARG E 193 -60.84 2.01 53.69
N SER E 194 -60.54 1.46 52.52
CA SER E 194 -59.17 1.05 52.22
C SER E 194 -59.00 0.99 50.71
N TYR E 195 -57.77 0.73 50.28
CA TYR E 195 -57.44 0.67 48.87
C TYR E 195 -56.38 -0.40 48.67
N SER E 196 -56.58 -1.24 47.67
CA SER E 196 -55.76 -2.41 47.42
C SER E 196 -55.18 -2.37 46.01
N CYS E 197 -53.91 -2.74 45.89
CA CYS E 197 -53.24 -2.91 44.62
C CYS E 197 -52.90 -4.38 44.45
N GLN E 198 -53.42 -4.99 43.39
CA GLN E 198 -53.24 -6.40 43.11
C GLN E 198 -52.38 -6.50 41.86
N VAL E 199 -51.37 -7.36 41.90
CA VAL E 199 -50.40 -7.51 40.82
C VAL E 199 -50.32 -8.99 40.49
N THR E 200 -50.64 -9.34 39.25
CA THR E 200 -50.58 -10.70 38.76
C THR E 200 -49.38 -10.84 37.83
N HIS E 201 -48.47 -11.74 38.18
CA HIS E 201 -47.32 -12.07 37.35
C HIS E 201 -47.35 -13.58 37.11
N GLU E 202 -47.70 -13.97 35.89
CA GLU E 202 -47.71 -15.37 35.49
C GLU E 202 -48.67 -16.17 36.38
N GLY E 203 -49.85 -15.60 36.58
CA GLY E 203 -50.86 -16.23 37.41
C GLY E 203 -50.74 -15.88 38.87
N SER E 204 -49.53 -15.94 39.41
CA SER E 204 -49.32 -15.63 40.83
C SER E 204 -49.73 -14.19 41.13
N THR E 205 -50.63 -14.03 42.10
CA THR E 205 -51.21 -12.74 42.44
C THR E 205 -50.74 -12.32 43.83
N VAL E 206 -50.17 -11.12 43.92
CA VAL E 206 -49.72 -10.54 45.17
C VAL E 206 -50.43 -9.20 45.38
N GLU E 207 -50.97 -9.00 46.57
CA GLU E 207 -51.80 -7.83 46.87
C GLU E 207 -51.20 -7.05 48.03
N LYS E 208 -51.10 -5.73 47.86
CA LYS E 208 -50.84 -4.80 48.95
C LYS E 208 -52.11 -4.01 49.22
N THR E 209 -52.20 -3.45 50.42
CA THR E 209 -53.41 -2.77 50.83
C THR E 209 -53.08 -1.73 51.89
N VAL E 210 -53.80 -0.61 51.85
CA VAL E 210 -53.64 0.49 52.79
C VAL E 210 -55.01 1.05 53.12
N ALA E 211 -55.04 1.99 54.06
CA ALA E 211 -56.28 2.65 54.46
C ALA E 211 -55.94 3.99 55.07
N PRO E 212 -56.91 4.89 55.21
CA PRO E 212 -56.62 6.16 55.91
C PRO E 212 -56.18 5.96 57.35
N THR E 213 -56.67 4.91 58.01
CA THR E 213 -56.36 4.66 59.42
C THR E 213 -56.83 5.81 60.29
N GLN F 1 29.74 -1.06 21.50
CA GLN F 1 30.40 -1.22 20.17
C GLN F 1 29.46 -1.86 19.16
N VAL F 2 29.48 -1.33 17.94
CA VAL F 2 28.65 -1.86 16.86
C VAL F 2 29.21 -3.22 16.47
N GLN F 3 28.41 -4.27 16.61
CA GLN F 3 28.89 -5.63 16.40
C GLN F 3 27.79 -6.53 15.88
N LEU F 4 28.22 -7.57 15.17
CA LEU F 4 27.36 -8.65 14.69
C LEU F 4 27.95 -9.97 15.17
N VAL F 5 27.07 -10.87 15.61
CA VAL F 5 27.48 -12.17 16.11
C VAL F 5 26.65 -13.24 15.40
N GLN F 6 27.31 -14.06 14.60
CA GLN F 6 26.62 -15.10 13.84
C GLN F 6 26.59 -16.41 14.62
N SER F 7 25.73 -17.31 14.18
CA SER F 7 25.62 -18.62 14.81
C SER F 7 26.80 -19.49 14.41
N GLY F 8 26.97 -20.60 15.14
CA GLY F 8 28.07 -21.49 14.90
C GLY F 8 27.95 -22.23 13.58
N ALA F 9 29.05 -22.90 13.21
CA ALA F 9 29.09 -23.66 11.97
C ALA F 9 28.10 -24.81 12.02
N GLU F 10 27.56 -25.15 10.84
CA GLU F 10 26.52 -26.16 10.70
C GLU F 10 26.92 -27.17 9.65
N LEU F 11 26.54 -28.42 9.89
CA LEU F 11 26.66 -29.50 8.93
C LEU F 11 25.27 -30.03 8.60
N LYS F 12 24.98 -30.17 7.31
CA LYS F 12 23.71 -30.66 6.83
C LYS F 12 23.95 -31.65 5.71
N LYS F 13 22.94 -32.48 5.46
CA LYS F 13 22.98 -33.37 4.31
C LYS F 13 22.37 -32.70 3.09
N PRO F 14 22.64 -33.19 1.88
CA PRO F 14 22.00 -32.61 0.69
C PRO F 14 20.48 -32.72 0.77
N GLY F 15 19.81 -31.67 0.32
CA GLY F 15 18.36 -31.60 0.39
C GLY F 15 17.81 -31.10 1.71
N ALA F 16 18.64 -31.02 2.75
CA ALA F 16 18.20 -30.53 4.04
C ALA F 16 18.04 -29.01 4.00
N SER F 17 17.79 -28.43 5.15
CA SER F 17 17.68 -26.98 5.30
C SER F 17 18.42 -26.54 6.55
N VAL F 18 18.90 -25.29 6.53
CA VAL F 18 19.66 -24.71 7.63
C VAL F 18 19.10 -23.33 7.92
N LYS F 19 19.31 -22.87 9.15
CA LYS F 19 18.97 -21.53 9.59
C LYS F 19 20.15 -20.94 10.34
N VAL F 20 20.61 -19.78 9.90
CA VAL F 20 21.74 -19.08 10.50
C VAL F 20 21.24 -17.77 11.08
N SER F 21 21.54 -17.55 12.36
CA SER F 21 21.17 -16.32 13.06
C SER F 21 22.33 -15.34 13.06
N CYS F 22 21.99 -14.07 13.17
CA CYS F 22 22.98 -12.98 13.22
C CYS F 22 22.42 -11.93 14.19
N LYS F 23 22.96 -11.90 15.40
CA LYS F 23 22.52 -10.99 16.44
C LYS F 23 23.27 -9.68 16.30
N ALA F 24 22.52 -8.58 16.29
CA ALA F 24 23.09 -7.24 16.19
C ALA F 24 23.30 -6.66 17.58
N SER F 25 24.21 -5.68 17.66
CA SER F 25 24.43 -4.98 18.91
C SER F 25 25.12 -3.65 18.65
N GLY F 26 24.95 -2.72 19.58
CA GLY F 26 25.64 -1.45 19.53
C GLY F 26 25.01 -0.37 18.69
N TYR F 27 23.76 -0.55 18.27
CA TYR F 27 23.10 0.42 17.40
C TYR F 27 21.62 0.05 17.29
N THR F 28 20.90 0.82 16.48
CA THR F 28 19.48 0.60 16.26
C THR F 28 19.29 -0.51 15.24
N PHE F 29 18.74 -1.64 15.70
CA PHE F 29 18.60 -2.81 14.85
C PHE F 29 17.76 -2.51 13.60
N THR F 30 16.80 -1.61 13.72
CA THR F 30 15.92 -1.26 12.61
C THR F 30 16.46 -0.12 11.76
N GLY F 31 17.64 0.42 12.08
CA GLY F 31 18.21 1.55 11.37
C GLY F 31 19.19 1.20 10.28
N ASN F 32 19.18 -0.05 9.79
CA ASN F 32 20.09 -0.50 8.75
C ASN F 32 19.45 -1.66 8.03
N TYR F 33 19.94 -1.96 6.83
CA TYR F 33 19.63 -3.24 6.21
C TYR F 33 20.67 -4.28 6.60
N ILE F 34 20.24 -5.54 6.58
CA ILE F 34 21.13 -6.67 6.79
C ILE F 34 21.30 -7.36 5.45
N HIS F 35 22.53 -7.34 4.94
CA HIS F 35 22.87 -7.94 3.66
C HIS F 35 23.61 -9.24 3.89
N TRP F 36 23.20 -10.27 3.16
CA TRP F 36 23.69 -11.62 3.32
C TRP F 36 24.59 -12.00 2.16
N MET F 37 25.78 -12.50 2.49
CA MET F 37 26.79 -12.89 1.51
C MET F 37 27.19 -14.32 1.79
N ARG F 38 27.71 -14.99 0.76
CA ARG F 38 28.34 -16.29 0.93
C ARG F 38 29.64 -16.32 0.14
N GLN F 39 30.61 -17.05 0.67
CA GLN F 39 31.91 -17.20 0.05
C GLN F 39 32.37 -18.63 0.27
N VAL F 40 32.60 -19.34 -0.82
CA VAL F 40 33.22 -20.66 -0.71
C VAL F 40 34.65 -20.47 -0.19
N PRO F 41 35.20 -21.38 0.60
CA PRO F 41 36.59 -21.18 1.07
C PRO F 41 37.56 -21.08 -0.09
N GLY F 42 38.35 -20.02 -0.08
CA GLY F 42 39.33 -19.78 -1.13
C GLY F 42 38.79 -19.15 -2.39
N GLN F 43 37.50 -18.81 -2.43
CA GLN F 43 36.87 -18.23 -3.59
C GLN F 43 36.36 -16.83 -3.27
N GLY F 44 35.78 -16.18 -4.27
CA GLY F 44 35.31 -14.82 -4.11
C GLY F 44 33.96 -14.74 -3.42
N LEU F 45 33.63 -13.52 -3.00
CA LEU F 45 32.39 -13.27 -2.28
C LEU F 45 31.20 -13.27 -3.23
N GLU F 46 30.08 -13.79 -2.74
CA GLU F 46 28.83 -13.86 -3.50
C GLU F 46 27.72 -13.20 -2.70
N TRP F 47 27.11 -12.17 -3.29
CA TRP F 47 26.00 -11.48 -2.66
C TRP F 47 24.73 -12.32 -2.80
N MET F 48 23.99 -12.46 -1.69
CA MET F 48 22.78 -13.28 -1.68
C MET F 48 21.50 -12.46 -1.66
N GLY F 49 21.45 -11.40 -0.87
CA GLY F 49 20.22 -10.64 -0.72
C GLY F 49 20.35 -9.63 0.39
N TRP F 50 19.24 -8.94 0.65
CA TRP F 50 19.15 -8.07 1.80
C TRP F 50 17.77 -8.20 2.43
N ILE F 51 17.69 -7.80 3.71
CA ILE F 51 16.44 -7.74 4.44
C ILE F 51 16.36 -6.42 5.19
N ASN F 52 15.15 -5.84 5.20
CA ASN F 52 14.82 -4.71 6.05
C ASN F 52 14.33 -5.25 7.38
N PRO F 53 15.04 -5.03 8.50
CA PRO F 53 14.44 -5.35 9.81
C PRO F 53 13.22 -4.51 10.12
N ARG F 54 13.17 -3.26 9.66
CA ARG F 54 12.08 -2.36 10.03
C ARG F 54 10.77 -2.84 9.44
N THR F 55 10.69 -2.88 8.11
CA THR F 55 9.47 -3.21 7.39
C THR F 55 9.39 -4.68 7.00
N GLY F 56 10.54 -5.34 6.86
CA GLY F 56 10.56 -6.73 6.45
C GLY F 56 10.71 -6.95 4.97
N ASP F 57 10.95 -5.90 4.19
CA ASP F 57 11.26 -6.07 2.79
C ASP F 57 12.50 -6.92 2.62
N THR F 58 12.43 -7.88 1.71
CA THR F 58 13.52 -8.80 1.44
C THR F 58 13.72 -8.91 -0.06
N HIS F 59 14.97 -8.80 -0.47
CA HIS F 59 15.35 -9.07 -1.85
C HIS F 59 16.32 -10.22 -1.88
N HIS F 60 16.00 -11.21 -2.72
CA HIS F 60 16.86 -12.34 -3.00
C HIS F 60 17.44 -12.17 -4.39
N ALA F 61 18.67 -12.63 -4.58
CA ALA F 61 19.23 -12.69 -5.92
C ALA F 61 18.44 -13.70 -6.74
N GLN F 62 18.44 -13.49 -8.06
CA GLN F 62 17.73 -14.40 -8.96
C GLN F 62 18.27 -15.82 -8.84
N LYS F 63 19.57 -15.96 -8.53
CA LYS F 63 20.14 -17.27 -8.31
C LYS F 63 19.49 -17.96 -7.11
N PHE F 64 19.26 -17.23 -6.03
CA PHE F 64 18.80 -17.80 -4.78
C PHE F 64 17.29 -17.72 -4.59
N GLN F 65 16.55 -17.31 -5.61
CA GLN F 65 15.11 -17.24 -5.49
C GLN F 65 14.52 -18.64 -5.31
N GLY F 66 13.58 -18.77 -4.37
CA GLY F 66 12.88 -20.01 -4.16
C GLY F 66 13.51 -20.96 -3.16
N ARG F 67 14.74 -20.70 -2.72
CA ARG F 67 15.44 -21.54 -1.75
C ARG F 67 15.85 -20.81 -0.48
N VAL F 68 15.90 -19.48 -0.51
CA VAL F 68 16.40 -18.68 0.60
C VAL F 68 15.27 -17.81 1.13
N ASP F 69 15.19 -17.74 2.45
CA ASP F 69 14.24 -16.87 3.16
C ASP F 69 15.00 -16.03 4.17
N MET F 70 14.54 -14.81 4.36
CA MET F 70 15.13 -13.86 5.30
C MET F 70 14.07 -13.41 6.29
N THR F 71 14.39 -13.47 7.58
CA THR F 71 13.49 -13.04 8.64
C THR F 71 14.30 -12.36 9.74
N ARG F 72 13.62 -11.94 10.80
CA ARG F 72 14.33 -11.35 11.92
C ARG F 72 13.43 -11.41 13.15
N ASP F 73 14.06 -11.27 14.30
CA ASP F 73 13.38 -11.01 15.57
C ASP F 73 13.89 -9.68 16.09
N THR F 74 13.03 -8.66 16.02
CA THR F 74 13.41 -7.33 16.47
C THR F 74 13.48 -7.23 17.99
N SER F 75 12.79 -8.13 18.70
CA SER F 75 12.87 -8.12 20.16
C SER F 75 14.29 -8.41 20.64
N ILE F 76 14.94 -9.42 20.07
CA ILE F 76 16.32 -9.77 20.39
C ILE F 76 17.31 -9.21 19.38
N ASN F 77 16.82 -8.52 18.34
CA ASN F 77 17.67 -7.89 17.33
C ASN F 77 18.55 -8.90 16.64
N THR F 78 17.92 -9.90 16.03
CA THR F 78 18.61 -11.04 15.44
C THR F 78 17.97 -11.38 14.10
N ALA F 79 18.72 -11.18 13.02
CA ALA F 79 18.30 -11.59 11.70
C ALA F 79 18.49 -13.10 11.56
N TYR F 80 17.76 -13.69 10.62
CA TYR F 80 17.83 -15.11 10.35
C TYR F 80 17.76 -15.34 8.86
N LEU F 81 18.66 -16.20 8.37
CA LEU F 81 18.68 -16.61 6.96
C LEU F 81 18.46 -18.10 6.93
N GLU F 82 17.40 -18.52 6.24
CA GLU F 82 17.05 -19.93 6.11
C GLU F 82 17.25 -20.37 4.67
N LEU F 83 18.09 -21.38 4.48
CA LEU F 83 18.33 -21.96 3.16
C LEU F 83 17.71 -23.35 3.13
N THR F 84 17.03 -23.67 2.03
CA THR F 84 16.31 -24.91 1.84
C THR F 84 16.83 -25.63 0.60
N ARG F 85 16.65 -26.95 0.59
CA ARG F 85 17.11 -27.81 -0.50
C ARG F 85 18.62 -27.65 -0.68
N LEU F 86 19.34 -28.02 0.37
CA LEU F 86 20.78 -27.80 0.40
C LEU F 86 21.51 -28.70 -0.59
N GLU F 87 22.58 -28.18 -1.17
CA GLU F 87 23.42 -28.90 -2.12
C GLU F 87 24.89 -28.69 -1.78
N SER F 88 25.75 -29.43 -2.48
CA SER F 88 27.17 -29.38 -2.18
C SER F 88 27.73 -27.99 -2.40
N ASP F 89 27.29 -27.32 -3.47
CA ASP F 89 27.77 -25.97 -3.77
C ASP F 89 27.38 -24.95 -2.71
N ASP F 90 26.36 -25.23 -1.91
CA ASP F 90 25.95 -24.33 -0.84
C ASP F 90 26.95 -24.32 0.32
N THR F 91 27.87 -25.28 0.37
CA THR F 91 28.88 -25.33 1.41
C THR F 91 29.77 -24.09 1.32
N ALA F 92 29.67 -23.21 2.30
CA ALA F 92 30.39 -21.94 2.24
C ALA F 92 30.31 -21.23 3.57
N LEU F 93 31.12 -20.19 3.71
CA LEU F 93 31.02 -19.28 4.84
C LEU F 93 30.01 -18.20 4.51
N TYR F 94 28.98 -18.06 5.35
CA TYR F 94 27.89 -17.14 5.14
C TYR F 94 28.03 -16.00 6.14
N TYR F 95 27.91 -14.77 5.65
CA TYR F 95 28.12 -13.55 6.42
C TYR F 95 26.90 -12.67 6.40
N CYS F 96 26.62 -12.04 7.54
CA CYS F 96 25.67 -10.95 7.66
C CYS F 96 26.44 -9.65 7.81
N ALA F 97 25.94 -8.60 7.16
CA ALA F 97 26.60 -7.30 7.20
C ALA F 97 25.56 -6.20 7.36
N ARG F 98 25.85 -5.28 8.27
CA ARG F 98 25.04 -4.08 8.44
C ARG F 98 25.35 -3.12 7.31
N CYS F 99 24.32 -2.46 6.79
CA CYS F 99 24.46 -1.50 5.70
C CYS F 99 23.60 -0.28 6.00
N VAL F 100 24.17 0.91 5.72
CA VAL F 100 23.71 2.15 6.33
C VAL F 100 23.00 3.00 5.28
N PHE F 101 22.13 3.91 5.74
CA PHE F 101 21.28 4.71 4.87
C PHE F 101 22.10 5.49 3.85
N ALA F 102 21.75 5.32 2.58
CA ALA F 102 22.40 5.98 1.46
C ALA F 102 23.90 5.69 1.41
N THR F 103 24.29 4.48 1.78
CA THR F 103 25.69 4.04 1.72
C THR F 103 25.76 2.67 1.09
N SER F 104 26.86 2.44 0.39
CA SER F 104 27.26 1.09 -0.04
C SER F 104 28.10 0.40 1.02
N GLN F 105 28.26 1.00 2.20
CA GLN F 105 29.20 0.55 3.20
C GLN F 105 28.60 -0.63 3.95
N PHE F 106 29.18 -1.82 3.75
CA PHE F 106 28.83 -3.00 4.53
C PHE F 106 29.76 -3.02 5.74
N ASP F 107 29.24 -2.60 6.89
CA ASP F 107 30.07 -2.40 8.07
C ASP F 107 29.20 -2.42 9.33
N PRO F 108 29.51 -3.26 10.35
CA PRO F 108 30.53 -4.31 10.46
C PRO F 108 30.09 -5.60 9.82
N TRP F 109 31.02 -6.53 9.68
CA TRP F 109 30.75 -7.86 9.15
C TRP F 109 30.73 -8.87 10.29
N GLY F 110 29.83 -9.84 10.17
CA GLY F 110 29.85 -10.95 11.10
C GLY F 110 31.08 -11.81 10.91
N GLN F 111 31.40 -12.61 11.93
CA GLN F 111 32.57 -13.47 11.84
C GLN F 111 32.39 -14.60 10.84
N GLY F 112 31.18 -14.84 10.35
CA GLY F 112 30.92 -15.89 9.38
C GLY F 112 30.46 -17.17 10.04
N THR F 113 29.60 -17.89 9.32
CA THR F 113 29.11 -19.20 9.73
C THR F 113 29.43 -20.18 8.62
N LEU F 114 30.18 -21.24 8.96
CA LEU F 114 30.58 -22.24 7.98
C LEU F 114 29.47 -23.27 7.84
N VAL F 115 28.79 -23.27 6.71
CA VAL F 115 27.79 -24.27 6.36
C VAL F 115 28.48 -25.32 5.51
N THR F 116 28.28 -26.58 5.86
CA THR F 116 28.90 -27.70 5.16
C THR F 116 27.83 -28.70 4.76
N VAL F 117 27.69 -28.91 3.45
CA VAL F 117 26.71 -29.83 2.88
C VAL F 117 27.46 -31.08 2.46
N SER F 118 27.20 -32.19 3.16
CA SER F 118 27.83 -33.46 2.83
C SER F 118 27.08 -34.58 3.52
N SER F 119 27.30 -35.81 3.05
CA SER F 119 26.72 -36.99 3.67
C SER F 119 27.61 -37.57 4.75
N ALA F 120 27.36 -37.26 6.03
CA ALA F 120 28.41 -37.32 7.06
C ALA F 120 27.82 -37.41 8.47
N SER F 121 28.67 -37.45 9.48
CA SER F 121 28.24 -37.61 10.85
C SER F 121 29.13 -36.75 11.74
N THR F 122 28.51 -36.13 12.75
CA THR F 122 29.24 -35.31 13.69
C THR F 122 29.91 -36.19 14.74
N LYS F 123 31.16 -35.90 15.06
CA LYS F 123 31.90 -36.63 16.07
C LYS F 123 32.86 -35.67 16.75
N GLY F 124 32.94 -35.75 18.07
CA GLY F 124 33.78 -34.87 18.84
C GLY F 124 35.24 -35.29 18.76
N PRO F 125 36.14 -34.43 19.19
CA PRO F 125 37.58 -34.74 19.09
C PRO F 125 38.07 -35.57 20.26
N SER F 126 39.28 -36.10 20.06
CA SER F 126 40.11 -36.64 21.12
C SER F 126 41.26 -35.67 21.35
N VAL F 127 41.46 -35.26 22.59
CA VAL F 127 42.48 -34.29 22.96
C VAL F 127 43.62 -35.03 23.63
N PHE F 128 44.83 -34.86 23.07
CA PHE F 128 46.05 -35.45 23.61
C PHE F 128 47.05 -34.37 23.95
N PRO F 129 47.89 -34.56 24.96
CA PRO F 129 48.92 -33.56 25.26
C PRO F 129 50.14 -33.74 24.38
N LEU F 130 50.93 -32.66 24.28
CA LEU F 130 52.16 -32.63 23.50
C LEU F 130 53.20 -31.92 24.35
N ALA F 131 53.92 -32.68 25.19
CA ALA F 131 54.87 -32.16 26.15
C ALA F 131 56.25 -32.02 25.52
N PRO F 132 57.16 -31.25 26.15
CA PRO F 132 58.51 -31.15 25.60
C PRO F 132 59.25 -32.50 25.66
N THR F 141 64.04 -22.26 26.35
CA THR F 141 62.68 -22.20 25.83
C THR F 141 62.24 -23.56 25.33
N ALA F 142 60.94 -23.84 25.44
CA ALA F 142 60.38 -25.09 24.96
C ALA F 142 58.94 -24.84 24.53
N ALA F 143 58.48 -25.65 23.58
CA ALA F 143 57.14 -25.54 23.02
C ALA F 143 56.29 -26.70 23.49
N LEU F 144 55.02 -26.42 23.77
CA LEU F 144 54.08 -27.41 24.25
C LEU F 144 52.74 -27.18 23.58
N GLY F 145 51.98 -28.26 23.39
CA GLY F 145 50.74 -28.16 22.64
C GLY F 145 49.70 -29.21 22.95
N CYS F 146 48.62 -29.17 22.17
CA CYS F 146 47.50 -30.08 22.28
C CYS F 146 47.15 -30.59 20.89
N LEU F 147 46.97 -31.90 20.77
CA LEU F 147 46.58 -32.56 19.53
C LEU F 147 45.08 -32.82 19.59
N VAL F 148 44.34 -32.20 18.67
CA VAL F 148 42.93 -32.46 18.48
C VAL F 148 42.83 -33.45 17.33
N LYS F 149 42.26 -34.62 17.57
CA LYS F 149 42.32 -35.73 16.63
C LYS F 149 40.94 -36.33 16.41
N ASP F 150 40.66 -36.73 15.16
CA ASP F 150 39.49 -37.54 14.82
C ASP F 150 38.20 -36.86 15.23
N TYR F 151 37.88 -35.74 14.59
CA TYR F 151 36.61 -35.07 14.78
C TYR F 151 36.02 -34.71 13.43
N PHE F 152 34.74 -34.37 13.44
CA PHE F 152 34.06 -33.94 12.23
C PHE F 152 32.79 -33.24 12.68
N PRO F 153 32.39 -32.12 12.06
CA PRO F 153 32.99 -31.34 10.96
C PRO F 153 33.91 -30.23 11.46
N GLU F 154 34.41 -29.40 10.55
CA GLU F 154 35.13 -28.20 10.94
C GLU F 154 34.14 -27.10 11.34
N PRO F 155 34.57 -26.09 12.10
CA PRO F 155 35.88 -25.86 12.72
C PRO F 155 35.85 -26.14 14.22
N VAL F 156 36.96 -25.93 14.91
CA VAL F 156 37.03 -26.01 16.37
C VAL F 156 37.83 -24.81 16.85
N THR F 157 37.46 -24.30 18.03
CA THR F 157 38.07 -23.10 18.60
C THR F 157 38.85 -23.48 19.85
N VAL F 158 40.12 -23.08 19.90
CA VAL F 158 41.02 -23.43 20.98
C VAL F 158 41.51 -22.15 21.64
N SER F 159 41.52 -22.16 22.97
CA SER F 159 42.17 -21.14 23.78
C SER F 159 43.18 -21.83 24.70
N TRP F 160 44.04 -21.04 25.31
CA TRP F 160 45.01 -21.55 26.27
C TRP F 160 44.81 -20.84 27.59
N ASN F 161 44.62 -21.62 28.65
CA ASN F 161 44.28 -21.10 29.97
C ASN F 161 43.06 -20.19 29.88
N SER F 162 42.06 -20.65 29.15
CA SER F 162 40.83 -19.90 28.89
C SER F 162 41.12 -18.56 28.21
N GLY F 163 42.05 -18.54 27.27
CA GLY F 163 42.41 -17.33 26.59
C GLY F 163 43.23 -16.37 27.41
N ALA F 164 43.72 -16.79 28.57
CA ALA F 164 44.50 -15.90 29.43
C ALA F 164 45.79 -15.44 28.76
N LEU F 165 46.30 -16.19 27.79
CA LEU F 165 47.53 -15.84 27.09
C LEU F 165 47.33 -16.04 25.59
N THR F 166 48.09 -15.25 24.82
CA THR F 166 48.06 -15.35 23.36
C THR F 166 49.45 -15.26 22.74
N SER F 167 50.49 -14.99 23.52
CA SER F 167 51.85 -14.85 22.99
C SER F 167 52.42 -16.24 22.72
N GLY F 168 52.88 -16.46 21.49
CA GLY F 168 53.41 -17.74 21.08
C GLY F 168 52.37 -18.74 20.66
N VAL F 169 51.09 -18.49 20.96
CA VAL F 169 50.04 -19.41 20.57
C VAL F 169 49.93 -19.43 19.05
N HIS F 170 49.80 -20.63 18.49
CA HIS F 170 49.63 -20.77 17.04
C HIS F 170 48.72 -21.97 16.79
N THR F 171 47.45 -21.68 16.51
CA THR F 171 46.51 -22.72 16.13
C THR F 171 46.71 -23.07 14.66
N PHE F 172 47.07 -24.31 14.41
CA PHE F 172 47.37 -24.70 13.05
C PHE F 172 46.10 -25.07 12.29
N PRO F 173 46.06 -24.94 10.96
CA PRO F 173 44.90 -25.42 10.21
C PRO F 173 44.77 -26.93 10.31
N ALA F 174 43.54 -27.41 10.20
CA ALA F 174 43.28 -28.84 10.29
C ALA F 174 43.55 -29.53 8.96
N VAL F 175 43.72 -30.85 9.05
CA VAL F 175 43.93 -31.71 7.89
C VAL F 175 42.78 -32.70 7.84
N LEU F 176 42.31 -32.97 6.62
CA LEU F 176 41.24 -33.94 6.38
C LEU F 176 41.89 -35.30 6.17
N GLN F 177 41.71 -36.20 7.14
CA GLN F 177 42.29 -37.53 7.05
C GLN F 177 41.67 -38.30 5.89
N SER F 178 42.38 -39.36 5.49
CA SER F 178 41.84 -40.28 4.49
C SER F 178 40.54 -40.93 4.96
N SER F 179 40.34 -41.06 6.27
CA SER F 179 39.07 -41.50 6.85
C SER F 179 38.00 -40.42 6.79
N GLY F 180 38.34 -39.21 6.35
CA GLY F 180 37.36 -38.14 6.31
C GLY F 180 37.15 -37.40 7.61
N LEU F 181 37.94 -37.72 8.64
CA LEU F 181 37.86 -37.06 9.93
C LEU F 181 38.95 -36.01 10.00
N TYR F 182 38.75 -35.01 10.84
CA TYR F 182 39.65 -33.86 10.93
C TYR F 182 40.58 -33.97 12.14
N SER F 183 41.68 -33.24 12.06
CA SER F 183 42.64 -33.17 13.15
C SER F 183 43.52 -31.95 12.97
N LEU F 184 43.86 -31.32 14.08
CA LEU F 184 44.81 -30.20 14.09
C LEU F 184 45.61 -30.27 15.38
N SER F 185 46.45 -29.26 15.59
CA SER F 185 47.19 -29.12 16.83
C SER F 185 47.39 -27.64 17.13
N SER F 186 47.33 -27.30 18.41
CA SER F 186 47.53 -25.94 18.88
C SER F 186 48.73 -25.94 19.81
N VAL F 187 49.71 -25.09 19.54
CA VAL F 187 50.99 -25.10 20.23
C VAL F 187 51.31 -23.69 20.71
N VAL F 188 52.16 -23.62 21.72
CA VAL F 188 52.63 -22.37 22.28
C VAL F 188 54.05 -22.56 22.79
N THR F 189 54.89 -21.55 22.57
CA THR F 189 56.23 -21.52 23.12
C THR F 189 56.21 -20.86 24.48
N VAL F 190 56.90 -21.47 25.44
CA VAL F 190 56.95 -21.00 26.81
C VAL F 190 58.42 -21.06 27.22
N PRO F 191 58.91 -20.17 28.11
CA PRO F 191 60.26 -20.36 28.63
C PRO F 191 60.40 -21.66 29.39
N SER F 192 61.57 -22.28 29.28
CA SER F 192 61.86 -23.52 29.97
C SER F 192 61.88 -23.36 31.50
N SER F 193 61.99 -22.13 32.02
CA SER F 193 61.96 -21.88 33.45
C SER F 193 60.54 -21.90 34.03
N SER F 194 59.52 -21.81 33.18
CA SER F 194 58.13 -21.87 33.60
C SER F 194 57.58 -23.28 33.66
N LEU F 195 58.36 -24.29 33.26
CA LEU F 195 57.89 -25.67 33.30
C LEU F 195 57.82 -26.15 34.74
N GLY F 196 56.68 -26.71 35.13
CA GLY F 196 56.48 -27.17 36.49
C GLY F 196 56.13 -26.09 37.48
N THR F 197 56.18 -24.82 37.09
CA THR F 197 55.80 -23.70 37.95
C THR F 197 54.55 -22.99 37.46
N GLN F 198 54.07 -23.29 36.26
CA GLN F 198 52.84 -22.71 35.74
C GLN F 198 52.05 -23.82 35.07
N THR F 199 50.78 -23.94 35.46
CA THR F 199 49.89 -24.92 34.86
C THR F 199 49.39 -24.38 33.52
N TYR F 200 49.55 -25.17 32.47
CA TYR F 200 49.12 -24.80 31.13
C TYR F 200 48.04 -25.78 30.70
N ILE F 201 46.89 -25.24 30.31
CA ILE F 201 45.73 -26.03 29.95
C ILE F 201 45.12 -25.42 28.70
N CYS F 202 44.87 -26.27 27.70
CA CYS F 202 44.23 -25.87 26.46
C CYS F 202 42.74 -26.22 26.53
N ASN F 203 41.90 -25.28 26.11
CA ASN F 203 40.45 -25.39 26.21
C ASN F 203 39.88 -25.35 24.79
N VAL F 204 39.26 -26.44 24.35
CA VAL F 204 38.83 -26.59 22.96
C VAL F 204 37.31 -26.80 22.92
N ASN F 205 36.69 -26.16 21.93
CA ASN F 205 35.26 -26.25 21.65
C ASN F 205 35.04 -26.77 20.25
N HIS F 206 34.18 -27.79 20.13
CA HIS F 206 33.67 -28.32 18.87
C HIS F 206 32.15 -28.13 18.91
N LYS F 207 31.71 -26.95 18.48
CA LYS F 207 30.30 -26.58 18.61
C LYS F 207 29.32 -27.51 17.90
N PRO F 208 29.58 -27.99 16.67
CA PRO F 208 28.65 -28.96 16.07
C PRO F 208 28.41 -30.20 16.91
N SER F 209 29.46 -30.74 17.55
CA SER F 209 29.31 -31.78 18.55
C SER F 209 29.10 -31.22 19.95
N ASN F 210 29.44 -29.94 20.16
CA ASN F 210 29.29 -29.28 21.45
C ASN F 210 30.08 -30.03 22.52
N THR F 211 31.41 -30.08 22.35
CA THR F 211 32.30 -30.71 23.34
C THR F 211 33.33 -29.69 23.78
N LYS F 212 32.97 -28.89 24.78
CA LYS F 212 33.93 -28.12 25.54
C LYS F 212 34.75 -29.07 26.39
N VAL F 213 36.05 -29.18 26.12
CA VAL F 213 36.93 -30.03 26.89
C VAL F 213 38.26 -29.32 27.13
N ASP F 214 38.79 -29.48 28.34
CA ASP F 214 40.08 -28.91 28.72
C ASP F 214 41.11 -30.03 28.83
N LYS F 215 42.37 -29.69 28.65
CA LYS F 215 43.46 -30.64 28.82
C LYS F 215 44.70 -29.92 29.32
N ARG F 216 45.17 -30.32 30.50
CA ARG F 216 46.39 -29.80 31.07
C ARG F 216 47.59 -30.56 30.52
N VAL F 217 48.67 -29.83 30.26
CA VAL F 217 49.89 -30.38 29.68
C VAL F 217 50.99 -30.31 30.74
N GLU F 218 51.73 -31.39 30.88
CA GLU F 218 52.84 -31.49 31.82
C GLU F 218 54.03 -32.17 31.14
N PRO F 219 55.25 -32.00 31.65
CA PRO F 219 56.40 -32.67 31.04
C PRO F 219 56.27 -34.20 31.03
N GLN G 1 24.23 -13.22 -13.49
CA GLN G 1 24.69 -11.81 -13.33
C GLN G 1 26.21 -11.74 -13.39
N SER G 2 26.72 -10.92 -14.30
CA SER G 2 28.15 -10.89 -14.57
C SER G 2 28.92 -10.32 -13.40
N ALA G 3 29.96 -11.04 -12.97
CA ALA G 3 30.85 -10.52 -11.93
C ALA G 3 31.71 -9.40 -12.50
N LEU G 4 31.98 -8.41 -11.66
CA LEU G 4 32.79 -7.27 -12.08
C LEU G 4 34.23 -7.72 -12.35
N THR G 5 34.81 -7.19 -13.41
CA THR G 5 36.12 -7.64 -13.87
C THR G 5 37.22 -6.96 -13.07
N GLN G 6 37.90 -7.74 -12.22
CA GLN G 6 39.07 -7.32 -11.47
C GLN G 6 40.28 -8.12 -11.94
N PRO G 7 41.51 -7.62 -11.74
CA PRO G 7 42.67 -8.46 -12.03
C PRO G 7 42.72 -9.64 -11.08
N ALA G 8 43.21 -10.78 -11.59
CA ALA G 8 43.28 -11.98 -10.76
C ALA G 8 44.21 -11.76 -9.57
N SER G 9 45.35 -11.13 -9.79
CA SER G 9 46.28 -10.82 -8.72
C SER G 9 47.22 -9.72 -9.17
N VAL G 10 47.79 -9.01 -8.20
CA VAL G 10 48.80 -8.00 -8.44
C VAL G 10 49.92 -8.21 -7.43
N SER G 11 51.08 -7.62 -7.74
CA SER G 11 52.26 -7.72 -6.89
C SER G 11 52.94 -6.36 -6.82
N GLY G 12 53.62 -6.14 -5.69
CA GLY G 12 54.37 -4.92 -5.50
C GLY G 12 55.20 -5.03 -4.24
N SER G 13 56.39 -4.45 -4.31
CA SER G 13 57.29 -4.48 -3.16
C SER G 13 56.86 -3.46 -2.12
N PRO G 14 57.33 -3.58 -0.88
CA PRO G 14 56.95 -2.60 0.16
C PRO G 14 57.36 -1.19 -0.23
N GLY G 15 56.51 -0.23 0.14
CA GLY G 15 56.76 1.17 -0.15
C GLY G 15 56.36 1.61 -1.53
N GLN G 16 56.03 0.69 -2.43
CA GLN G 16 55.63 1.07 -3.77
C GLN G 16 54.19 1.57 -3.79
N SER G 17 53.79 2.13 -4.92
CA SER G 17 52.42 2.54 -5.18
C SER G 17 51.82 1.63 -6.24
N ILE G 18 50.73 0.96 -5.89
CA ILE G 18 50.06 0.01 -6.78
C ILE G 18 48.59 0.39 -6.88
N THR G 19 47.91 -0.23 -7.84
CA THR G 19 46.49 0.02 -8.07
C THR G 19 45.81 -1.26 -8.54
N ILE G 20 44.58 -1.46 -8.09
CA ILE G 20 43.73 -2.58 -8.51
C ILE G 20 42.47 -2.00 -9.15
N SER G 21 42.15 -2.47 -10.35
CA SER G 21 41.00 -2.02 -11.10
C SER G 21 39.83 -2.97 -10.95
N CYS G 22 38.63 -2.44 -11.18
CA CYS G 22 37.41 -3.23 -11.17
C CYS G 22 36.50 -2.68 -12.25
N THR G 23 36.37 -3.41 -13.35
CA THR G 23 35.60 -2.97 -14.51
C THR G 23 34.27 -3.69 -14.55
N GLY G 24 33.22 -2.94 -14.91
CA GLY G 24 31.90 -3.49 -15.06
C GLY G 24 31.15 -2.78 -16.16
N THR G 25 29.82 -2.78 -16.09
CA THR G 25 28.97 -2.12 -17.07
C THR G 25 28.60 -0.73 -16.57
N ASN G 26 27.99 0.05 -17.46
CA ASN G 26 27.43 1.33 -17.04
C ASN G 26 26.28 1.12 -16.05
N SER G 27 25.49 0.08 -16.26
CA SER G 27 24.32 -0.19 -15.44
C SER G 27 24.64 -0.39 -13.96
N ASP G 28 25.88 -0.78 -13.63
CA ASP G 28 26.25 -1.10 -12.26
C ASP G 28 27.27 -0.10 -11.69
N ILE G 29 28.38 0.11 -12.37
CA ILE G 29 29.40 1.05 -11.91
C ILE G 29 29.15 2.46 -12.45
N GLY G 30 28.95 2.58 -13.77
CA GLY G 30 28.81 3.90 -14.36
C GLY G 30 27.58 4.64 -13.88
N SER G 31 26.46 3.93 -13.79
CA SER G 31 25.18 4.54 -13.47
C SER G 31 24.94 4.69 -11.96
N HIS G 32 25.81 4.16 -11.11
CA HIS G 32 25.64 4.20 -9.67
C HIS G 32 26.94 4.63 -9.02
N ASN G 33 26.84 5.54 -8.06
CA ASN G 33 27.98 5.96 -7.24
C ASN G 33 28.03 5.16 -5.95
N LEU G 34 27.99 3.83 -6.08
CA LEU G 34 27.91 2.92 -4.94
C LEU G 34 28.94 1.81 -5.07
N VAL G 35 30.15 2.15 -5.49
CA VAL G 35 31.25 1.20 -5.58
C VAL G 35 32.02 1.25 -4.28
N SER G 36 32.37 0.09 -3.75
CA SER G 36 33.09 -0.03 -2.50
C SER G 36 34.19 -1.08 -2.64
N TRP G 37 35.23 -0.91 -1.85
CA TRP G 37 36.39 -1.80 -1.84
C TRP G 37 36.56 -2.34 -0.42
N TYR G 38 36.70 -3.67 -0.34
CA TYR G 38 36.79 -4.40 0.92
C TYR G 38 38.06 -5.24 0.92
N GLN G 39 38.73 -5.28 2.07
CA GLN G 39 39.91 -6.11 2.29
C GLN G 39 39.51 -7.33 3.09
N GLN G 40 40.12 -8.47 2.77
CA GLN G 40 39.88 -9.71 3.48
C GLN G 40 41.21 -10.43 3.68
N HIS G 41 41.52 -10.75 4.93
CA HIS G 41 42.64 -11.61 5.27
C HIS G 41 42.18 -13.05 5.36
N PRO G 42 43.10 -14.01 5.27
CA PRO G 42 42.71 -15.42 5.46
C PRO G 42 42.13 -15.64 6.84
N GLY G 43 41.09 -16.46 6.91
CA GLY G 43 40.45 -16.76 8.17
C GLY G 43 39.80 -15.57 8.85
N LYS G 44 39.53 -14.50 8.12
CA LYS G 44 38.94 -13.30 8.67
C LYS G 44 37.90 -12.74 7.70
N ALA G 45 36.89 -12.09 8.27
CA ALA G 45 35.81 -11.57 7.46
C ALA G 45 36.29 -10.36 6.66
N PRO G 46 35.57 -9.98 5.61
CA PRO G 46 35.95 -8.78 4.86
C PRO G 46 35.86 -7.53 5.72
N LYS G 47 36.73 -6.58 5.41
CA LYS G 47 36.79 -5.30 6.10
C LYS G 47 36.67 -4.20 5.05
N VAL G 48 35.77 -3.26 5.29
CA VAL G 48 35.55 -2.17 4.34
C VAL G 48 36.76 -1.26 4.31
N MET G 49 37.13 -0.85 3.10
CA MET G 49 38.29 0.02 2.86
C MET G 49 37.91 1.32 2.20
N ILE G 50 37.01 1.29 1.22
CA ILE G 50 36.50 2.50 0.57
C ILE G 50 35.03 2.27 0.26
N TYR G 51 34.24 3.35 0.30
CA TYR G 51 32.84 3.28 -0.09
C TYR G 51 32.44 4.57 -0.78
N ASP G 52 31.36 4.48 -1.56
CA ASP G 52 30.83 5.62 -2.31
C ASP G 52 31.88 6.25 -3.22
N ASP G 53 32.79 5.40 -3.70
CA ASP G 53 33.79 5.69 -4.72
C ASP G 53 34.98 6.54 -4.23
N SER G 54 34.86 7.17 -3.07
CA SER G 54 36.01 7.85 -2.47
C SER G 54 36.05 7.76 -0.95
N LYS G 55 34.93 7.46 -0.32
CA LYS G 55 34.82 7.71 1.11
C LYS G 55 35.60 6.67 1.90
N ARG G 56 36.37 7.16 2.86
CA ARG G 56 37.28 6.36 3.65
C ARG G 56 36.67 6.05 5.01
N PRO G 57 36.47 4.79 5.39
CA PRO G 57 35.96 4.53 6.74
C PRO G 57 36.91 5.00 7.81
N SER G 58 36.36 5.35 8.97
CA SER G 58 37.17 5.78 10.09
C SER G 58 38.14 4.69 10.51
N GLY G 59 39.37 5.10 10.84
CA GLY G 59 40.41 4.16 11.19
C GLY G 59 41.17 3.58 10.02
N VAL G 60 40.71 3.79 8.80
CA VAL G 60 41.42 3.29 7.62
C VAL G 60 42.52 4.28 7.26
N SER G 61 43.68 3.75 6.89
CA SER G 61 44.85 4.58 6.63
C SER G 61 44.60 5.51 5.45
N ASN G 62 45.27 6.66 5.46
CA ASN G 62 45.17 7.61 4.35
C ASN G 62 45.74 7.07 3.06
N ARG G 63 46.55 6.01 3.12
CA ARG G 63 47.25 5.50 1.94
C ARG G 63 46.28 5.00 0.87
N PHE G 64 45.09 4.58 1.27
CA PHE G 64 44.15 3.91 0.38
C PHE G 64 43.24 4.98 -0.23
N SER G 65 43.18 5.03 -1.56
CA SER G 65 42.39 6.03 -2.28
C SER G 65 41.57 5.37 -3.37
N GLY G 66 40.27 5.64 -3.37
CA GLY G 66 39.36 5.12 -4.37
C GLY G 66 39.10 6.15 -5.46
N SER G 67 38.81 5.65 -6.66
CA SER G 67 38.47 6.52 -7.78
C SER G 67 37.59 5.75 -8.75
N LYS G 68 36.88 6.48 -9.60
CA LYS G 68 36.02 5.88 -10.60
C LYS G 68 36.11 6.66 -11.90
N SER G 69 36.01 5.94 -13.01
CA SER G 69 35.93 6.54 -14.34
C SER G 69 35.13 5.60 -15.21
N GLY G 70 34.06 6.11 -15.81
CA GLY G 70 33.18 5.27 -16.60
C GLY G 70 32.62 4.14 -15.76
N SER G 71 32.73 2.92 -16.31
CA SER G 71 32.36 1.71 -15.61
C SER G 71 33.56 0.99 -14.99
N THR G 72 34.56 1.75 -14.55
CA THR G 72 35.80 1.19 -14.01
C THR G 72 36.19 1.94 -12.74
N ALA G 73 36.16 1.24 -11.61
CA ALA G 73 36.69 1.74 -10.36
C ALA G 73 38.15 1.34 -10.23
N SER G 74 38.87 2.06 -9.38
CA SER G 74 40.29 1.80 -9.16
C SER G 74 40.67 2.21 -7.74
N LEU G 75 41.27 1.26 -7.02
CA LEU G 75 41.76 1.49 -5.66
C LEU G 75 43.28 1.55 -5.73
N THR G 76 43.84 2.68 -5.31
CA THR G 76 45.27 2.91 -5.31
C THR G 76 45.78 2.87 -3.88
N ILE G 77 46.87 2.13 -3.67
CA ILE G 77 47.51 1.99 -2.37
C ILE G 77 48.93 2.49 -2.54
N SER G 78 49.27 3.56 -1.82
CA SER G 78 50.61 4.14 -1.83
C SER G 78 51.34 3.78 -0.55
N GLY G 79 52.67 3.68 -0.65
CA GLY G 79 53.48 3.27 0.48
C GLY G 79 53.07 1.90 1.01
N LEU G 80 53.20 0.89 0.15
CA LEU G 80 52.75 -0.46 0.47
C LEU G 80 53.45 -1.01 1.71
N GLN G 81 52.68 -1.72 2.53
CA GLN G 81 53.12 -2.21 3.83
C GLN G 81 52.87 -3.72 3.94
N SER G 82 53.36 -4.29 5.05
CA SER G 82 53.22 -5.71 5.29
C SER G 82 51.76 -6.12 5.42
N GLU G 83 50.99 -5.33 6.17
CA GLU G 83 49.59 -5.67 6.44
C GLU G 83 48.72 -5.64 5.19
N ASP G 84 49.17 -5.01 4.11
CA ASP G 84 48.35 -4.85 2.92
C ASP G 84 48.21 -6.13 2.12
N GLU G 85 49.07 -7.13 2.37
CA GLU G 85 48.99 -8.39 1.64
C GLU G 85 47.69 -9.11 2.00
N ALA G 86 46.77 -9.20 1.05
CA ALA G 86 45.42 -9.68 1.36
C ALA G 86 44.62 -9.74 0.07
N ASP G 87 43.41 -10.29 0.16
CA ASP G 87 42.48 -10.25 -0.97
C ASP G 87 41.69 -8.96 -0.91
N TYR G 88 41.37 -8.42 -2.09
CA TYR G 88 40.63 -7.18 -2.21
C TYR G 88 39.49 -7.39 -3.19
N TYR G 89 38.29 -6.95 -2.81
CA TYR G 89 37.09 -7.15 -3.59
C TYR G 89 36.39 -5.82 -3.83
N CYS G 90 35.99 -5.58 -5.07
CA CYS G 90 35.08 -4.50 -5.39
C CYS G 90 33.65 -5.01 -5.36
N CYS G 91 32.76 -4.17 -4.83
CA CYS G 91 31.34 -4.49 -4.76
C CYS G 91 30.53 -3.25 -5.12
N SER G 92 29.58 -3.41 -6.03
CA SER G 92 28.80 -2.29 -6.53
C SER G 92 27.32 -2.66 -6.61
N TYR G 93 26.48 -1.64 -6.49
CA TYR G 93 25.06 -1.82 -6.74
C TYR G 93 24.82 -2.00 -8.23
N ALA G 94 24.01 -2.99 -8.59
CA ALA G 94 23.76 -3.35 -9.98
C ALA G 94 22.28 -3.17 -10.36
N GLY G 95 21.62 -2.18 -9.78
CA GLY G 95 20.24 -1.92 -10.13
C GLY G 95 19.28 -2.99 -9.67
N SER G 96 17.99 -2.65 -9.65
CA SER G 96 16.93 -3.61 -9.31
C SER G 96 17.18 -4.25 -7.95
N SER G 97 17.67 -3.45 -7.01
CA SER G 97 17.92 -3.87 -5.64
C SER G 97 18.95 -5.00 -5.55
N ASN G 98 19.94 -5.02 -6.46
CA ASN G 98 20.93 -6.08 -6.53
C ASN G 98 22.34 -5.53 -6.38
N TRP G 99 23.18 -6.29 -5.67
CA TRP G 99 24.57 -5.94 -5.41
C TRP G 99 25.46 -7.07 -5.91
N VAL G 100 26.56 -6.69 -6.58
CA VAL G 100 27.45 -7.63 -7.25
C VAL G 100 28.87 -7.37 -6.79
N PHE G 101 29.58 -8.45 -6.46
CA PHE G 101 30.99 -8.41 -6.09
C PHE G 101 31.86 -8.62 -7.30
N GLY G 102 33.13 -8.21 -7.19
CA GLY G 102 34.10 -8.51 -8.21
C GLY G 102 34.69 -9.89 -8.04
N GLY G 103 35.51 -10.27 -9.03
CA GLY G 103 36.21 -11.54 -8.96
C GLY G 103 37.27 -11.60 -7.88
N GLY G 104 37.74 -10.45 -7.40
CA GLY G 104 38.77 -10.40 -6.37
C GLY G 104 40.16 -10.26 -6.94
N THR G 105 41.06 -9.71 -6.13
CA THR G 105 42.46 -9.56 -6.49
C THR G 105 43.30 -9.89 -5.27
N LYS G 106 44.25 -10.82 -5.44
CA LYS G 106 45.15 -11.19 -4.37
C LYS G 106 46.39 -10.33 -4.43
N LEU G 107 46.56 -9.44 -3.44
CA LEU G 107 47.72 -8.58 -3.35
C LEU G 107 48.77 -9.28 -2.50
N THR G 108 49.93 -9.55 -3.10
CA THR G 108 51.06 -10.21 -2.47
C THR G 108 52.31 -9.37 -2.64
N LEU G 109 53.24 -9.47 -1.69
CA LEU G 109 54.39 -8.58 -1.63
C LEU G 109 55.60 -9.21 -2.31
N LEU G 110 56.61 -8.36 -2.55
CA LEU G 110 57.87 -8.80 -3.14
C LEU G 110 59.05 -8.17 -2.39
N ALA G 115 62.45 -17.30 3.49
CA ALA G 115 62.33 -17.53 4.91
C ALA G 115 62.40 -19.00 5.27
N ALA G 116 63.34 -19.35 6.15
CA ALA G 116 63.51 -20.74 6.54
C ALA G 116 62.43 -21.15 7.55
N PRO G 117 62.14 -22.44 7.67
CA PRO G 117 61.01 -22.86 8.49
C PRO G 117 61.37 -23.01 9.97
N SER G 118 60.35 -23.36 10.75
CA SER G 118 60.47 -23.63 12.17
C SER G 118 59.84 -25.00 12.43
N VAL G 119 60.68 -26.03 12.50
CA VAL G 119 60.19 -27.40 12.66
C VAL G 119 59.97 -27.70 14.12
N THR G 120 58.95 -28.50 14.40
CA THR G 120 58.69 -29.01 15.74
C THR G 120 58.10 -30.39 15.61
N LEU G 121 58.82 -31.39 16.11
CA LEU G 121 58.40 -32.78 16.06
C LEU G 121 57.95 -33.21 17.45
N PHE G 122 56.69 -33.65 17.56
CA PHE G 122 56.12 -34.19 18.78
C PHE G 122 55.83 -35.67 18.61
N PRO G 123 56.23 -36.53 19.55
CA PRO G 123 55.98 -37.96 19.39
C PRO G 123 54.56 -38.30 19.80
N PRO G 124 54.16 -39.56 19.68
CA PRO G 124 52.85 -39.96 20.19
C PRO G 124 52.75 -39.74 21.69
N SER G 125 51.58 -39.28 22.14
CA SER G 125 51.34 -39.06 23.55
C SER G 125 51.14 -40.40 24.26
N SER G 126 51.35 -40.37 25.58
CA SER G 126 51.18 -41.58 26.37
C SER G 126 49.74 -42.09 26.32
N GLU G 127 48.76 -41.19 26.37
CA GLU G 127 47.37 -41.61 26.35
C GLU G 127 47.00 -42.23 25.01
N GLU G 128 47.51 -41.66 23.92
CA GLU G 128 47.20 -42.18 22.60
C GLU G 128 47.78 -43.58 22.42
N LEU G 129 48.99 -43.82 22.94
CA LEU G 129 49.53 -45.17 22.93
C LEU G 129 48.65 -46.14 23.70
N GLN G 130 48.18 -45.72 24.87
CA GLN G 130 47.19 -46.50 25.59
C GLN G 130 45.87 -46.61 24.81
N ALA G 131 45.60 -45.67 23.91
CA ALA G 131 44.47 -45.76 23.00
C ALA G 131 44.78 -46.60 21.77
N ASN G 132 45.86 -47.37 21.79
CA ASN G 132 46.19 -48.31 20.71
C ASN G 132 46.42 -47.57 19.39
N LYS G 133 46.92 -46.34 19.47
CA LYS G 133 47.20 -45.54 18.29
C LYS G 133 48.44 -44.72 18.56
N ALA G 134 49.09 -44.28 17.49
CA ALA G 134 50.26 -43.41 17.61
C ALA G 134 50.29 -42.44 16.43
N THR G 135 50.70 -41.21 16.72
CA THR G 135 50.80 -40.17 15.70
C THR G 135 52.02 -39.31 16.00
N LEU G 136 52.79 -39.03 14.96
CA LEU G 136 53.95 -38.14 15.03
C LEU G 136 53.58 -36.83 14.34
N VAL G 137 53.76 -35.72 15.04
CA VAL G 137 53.24 -34.42 14.62
C VAL G 137 54.43 -33.55 14.25
N CYS G 138 54.52 -33.17 12.96
CA CYS G 138 55.57 -32.29 12.46
C CYS G 138 54.92 -30.96 12.12
N LEU G 139 55.30 -29.91 12.84
CA LEU G 139 54.68 -28.59 12.73
C LEU G 139 55.70 -27.61 12.18
N ILE G 140 55.34 -26.92 11.10
CA ILE G 140 56.22 -26.00 10.38
C ILE G 140 55.57 -24.63 10.37
N SER G 141 56.38 -23.59 10.56
CA SER G 141 55.85 -22.24 10.61
C SER G 141 56.93 -21.26 10.19
N ASP G 142 56.47 -20.08 9.76
CA ASP G 142 57.33 -18.93 9.48
C ASP G 142 58.37 -19.27 8.40
N PHE G 143 57.89 -19.77 7.27
CA PHE G 143 58.71 -19.98 6.09
C PHE G 143 58.14 -19.22 4.91
N TYR G 144 59.04 -18.53 4.18
CA TYR G 144 58.70 -17.75 3.01
C TYR G 144 59.69 -18.13 1.90
N PRO G 145 59.23 -18.31 0.65
CA PRO G 145 57.85 -18.31 0.14
C PRO G 145 57.06 -19.51 0.64
N GLY G 146 55.79 -19.61 0.28
CA GLY G 146 54.96 -20.71 0.72
C GLY G 146 55.13 -21.96 -0.11
N ALA G 147 56.38 -22.41 -0.27
CA ALA G 147 56.70 -23.63 -1.00
C ALA G 147 57.56 -24.49 -0.10
N VAL G 148 57.14 -25.73 0.13
CA VAL G 148 57.80 -26.61 1.08
C VAL G 148 57.53 -28.05 0.73
N THR G 149 58.50 -28.91 1.03
CA THR G 149 58.37 -30.35 0.91
C THR G 149 58.67 -30.96 2.27
N VAL G 150 58.04 -32.09 2.57
CA VAL G 150 58.21 -32.77 3.84
C VAL G 150 58.37 -34.26 3.58
N ALA G 151 59.24 -34.90 4.35
CA ALA G 151 59.50 -36.32 4.27
C ALA G 151 59.55 -36.87 5.69
N TRP G 152 59.18 -38.13 5.83
CA TRP G 152 59.25 -38.86 7.09
C TRP G 152 60.27 -39.99 6.95
N LYS G 153 60.87 -40.37 8.07
CA LYS G 153 61.93 -41.38 8.09
C LYS G 153 61.79 -42.23 9.34
N ALA G 154 61.43 -43.49 9.16
CA ALA G 154 61.43 -44.48 10.24
C ALA G 154 62.88 -44.92 10.42
N ASP G 155 63.47 -44.56 11.54
CA ASP G 155 64.91 -44.70 11.77
C ASP G 155 65.64 -43.93 10.67
N SER G 156 65.84 -44.56 9.50
CA SER G 156 66.40 -43.86 8.35
C SER G 156 65.79 -44.31 7.03
N SER G 157 64.52 -44.72 7.03
CA SER G 157 63.84 -45.26 5.85
C SER G 157 62.55 -44.49 5.57
N PRO G 158 62.24 -44.17 4.30
CA PRO G 158 61.07 -43.32 4.04
C PRO G 158 59.76 -44.06 4.29
N VAL G 159 58.93 -43.51 5.18
CA VAL G 159 57.73 -44.22 5.62
C VAL G 159 56.63 -44.07 4.59
N LYS G 160 56.15 -42.84 4.39
CA LYS G 160 55.12 -42.47 3.41
C LYS G 160 53.73 -43.02 3.74
N ALA G 161 53.57 -43.73 4.85
CA ALA G 161 52.28 -44.35 5.21
C ALA G 161 51.48 -43.40 6.09
N GLY G 162 50.45 -42.79 5.51
CA GLY G 162 49.57 -41.91 6.24
C GLY G 162 50.28 -40.70 6.81
N VAL G 163 50.88 -39.89 5.94
CA VAL G 163 51.61 -38.71 6.36
C VAL G 163 50.69 -37.52 6.64
N GLU G 164 49.65 -37.32 5.82
CA GLU G 164 48.63 -36.30 6.05
C GLU G 164 49.25 -34.91 6.20
N THR G 165 49.89 -34.42 5.15
CA THR G 165 50.53 -33.12 5.14
C THR G 165 49.58 -32.09 4.53
N THR G 166 49.40 -30.98 5.21
CA THR G 166 48.54 -29.91 4.74
C THR G 166 49.26 -29.07 3.69
N THR G 167 48.47 -28.30 2.95
CA THR G 167 49.03 -27.30 2.07
C THR G 167 49.62 -26.17 2.92
N PRO G 168 50.58 -25.39 2.39
CA PRO G 168 50.99 -24.19 3.12
C PRO G 168 49.82 -23.23 3.29
N SER G 169 49.76 -22.62 4.47
CA SER G 169 48.67 -21.71 4.82
C SER G 169 49.26 -20.40 5.30
N LYS G 170 48.74 -19.30 4.73
CA LYS G 170 49.25 -17.97 5.04
C LYS G 170 49.10 -17.66 6.52
N GLN G 171 50.06 -16.94 7.07
CA GLN G 171 50.08 -16.53 8.46
C GLN G 171 49.70 -15.05 8.57
N SER G 172 49.51 -14.60 9.80
CA SER G 172 49.26 -13.19 10.05
C SER G 172 50.47 -12.31 9.81
N ASN G 173 51.67 -12.90 9.73
CA ASN G 173 52.91 -12.15 9.52
C ASN G 173 53.43 -12.32 8.10
N ASN G 174 52.54 -12.52 7.14
CA ASN G 174 52.89 -12.70 5.73
C ASN G 174 53.82 -13.88 5.51
N LYS G 175 53.78 -14.88 6.37
CA LYS G 175 54.53 -16.12 6.23
C LYS G 175 53.56 -17.29 6.17
N TYR G 176 54.10 -18.49 6.16
CA TYR G 176 53.33 -19.70 5.89
C TYR G 176 53.56 -20.74 6.99
N ALA G 177 52.56 -21.60 7.15
CA ALA G 177 52.62 -22.69 8.12
C ALA G 177 52.07 -23.96 7.49
N ALA G 178 52.45 -25.10 8.07
CA ALA G 178 52.03 -26.40 7.59
C ALA G 178 52.16 -27.42 8.71
N SER G 179 51.53 -28.58 8.51
CA SER G 179 51.56 -29.64 9.50
C SER G 179 51.45 -30.99 8.81
N SER G 180 52.19 -31.97 9.34
CA SER G 180 52.14 -33.36 8.87
C SER G 180 51.87 -34.26 10.06
N TYR G 181 51.05 -35.29 9.84
CA TYR G 181 50.60 -36.18 10.89
C TYR G 181 50.86 -37.61 10.43
N LEU G 182 52.00 -38.16 10.84
CA LEU G 182 52.34 -39.54 10.49
C LEU G 182 51.65 -40.47 11.48
N SER G 183 50.60 -41.15 11.03
CA SER G 183 49.83 -42.05 11.85
C SER G 183 50.37 -43.47 11.71
N LEU G 184 50.43 -44.19 12.82
CA LEU G 184 50.94 -45.56 12.81
C LEU G 184 50.54 -46.25 14.10
N THR G 185 50.64 -47.57 14.07
CA THR G 185 50.31 -48.39 15.22
C THR G 185 51.38 -48.21 16.30
N PRO G 186 51.00 -48.29 17.59
CA PRO G 186 52.05 -48.24 18.63
C PRO G 186 53.05 -49.38 18.51
N GLU G 187 52.64 -50.52 17.96
CA GLU G 187 53.55 -51.64 17.78
C GLU G 187 54.74 -51.24 16.91
N GLN G 188 54.49 -50.49 15.84
CA GLN G 188 55.55 -49.97 14.99
C GLN G 188 55.98 -48.56 15.41
N TRP G 189 55.84 -48.22 16.69
CA TRP G 189 56.47 -47.05 17.28
C TRP G 189 57.63 -47.42 18.19
N LYS G 190 57.41 -48.38 19.10
CA LYS G 190 58.48 -48.82 19.99
C LYS G 190 59.57 -49.59 19.26
N SER G 191 59.19 -50.43 18.30
CA SER G 191 60.16 -51.31 17.65
C SER G 191 61.21 -50.53 16.87
N HIS G 192 60.76 -49.60 16.04
CA HIS G 192 61.69 -48.69 15.38
C HIS G 192 62.43 -47.85 16.40
N ARG G 193 63.75 -47.76 16.22
CA ARG G 193 64.60 -47.04 17.17
C ARG G 193 64.28 -45.55 17.20
N SER G 194 63.99 -44.97 16.04
CA SER G 194 63.88 -43.52 15.92
C SER G 194 62.92 -43.17 14.79
N TYR G 195 62.48 -41.91 14.80
CA TYR G 195 61.58 -41.38 13.80
C TYR G 195 61.93 -39.92 13.56
N SER G 196 62.14 -39.56 12.29
CA SER G 196 62.61 -38.23 11.92
C SER G 196 61.68 -37.61 10.89
N CYS G 197 61.55 -36.29 10.96
CA CYS G 197 60.79 -35.50 10.00
C CYS G 197 61.74 -34.49 9.36
N GLN G 198 61.86 -34.55 8.03
CA GLN G 198 62.73 -33.68 7.26
C GLN G 198 61.84 -32.73 6.48
N VAL G 199 62.23 -31.45 6.43
CA VAL G 199 61.47 -30.42 5.74
C VAL G 199 62.45 -29.65 4.86
N THR G 200 62.17 -29.62 3.55
CA THR G 200 63.00 -28.93 2.58
C THR G 200 62.28 -27.67 2.10
N HIS G 201 62.98 -26.54 2.14
CA HIS G 201 62.50 -25.26 1.66
C HIS G 201 63.66 -24.51 1.03
N GLU G 202 63.53 -24.19 -0.26
CA GLU G 202 64.58 -23.47 -1.02
C GLU G 202 65.91 -24.21 -0.92
N GLY G 203 65.84 -25.54 -1.02
CA GLY G 203 67.03 -26.37 -0.92
C GLY G 203 67.41 -26.71 0.50
N SER G 204 67.38 -25.73 1.40
CA SER G 204 67.74 -25.96 2.78
C SER G 204 66.82 -27.01 3.41
N THR G 205 67.41 -28.02 4.02
CA THR G 205 66.69 -29.12 4.65
C THR G 205 66.95 -29.09 6.15
N VAL G 206 65.88 -29.14 6.93
CA VAL G 206 65.93 -29.14 8.38
C VAL G 206 65.21 -30.37 8.89
N GLU G 207 65.86 -31.12 9.79
CA GLU G 207 65.34 -32.39 10.28
C GLU G 207 65.18 -32.33 11.78
N LYS G 208 64.04 -32.79 12.27
CA LYS G 208 63.81 -33.08 13.68
C LYS G 208 63.70 -34.58 13.85
N THR G 209 63.88 -35.05 15.08
CA THR G 209 63.89 -36.48 15.34
C THR G 209 63.51 -36.75 16.79
N VAL G 210 62.75 -37.83 16.98
CA VAL G 210 62.33 -38.32 18.30
C VAL G 210 62.47 -39.83 18.32
N ALA G 211 62.42 -40.40 19.52
CA ALA G 211 62.51 -41.83 19.72
C ALA G 211 61.59 -42.21 20.86
N PRO G 212 61.24 -43.50 21.00
CA PRO G 212 60.44 -43.92 22.16
C PRO G 212 61.12 -43.64 23.49
N THR G 213 62.45 -43.73 23.55
CA THR G 213 63.21 -43.55 24.78
C THR G 213 62.75 -44.53 25.85
#